data_9C6Y
#
_entry.id   9C6Y
#
_cell.length_a   66.971
_cell.length_b   170.851
_cell.length_c   231.543
_cell.angle_alpha   90.000
_cell.angle_beta   90.000
_cell.angle_gamma   90.000
#
_symmetry.space_group_name_H-M   'P 21 21 21'
#
loop_
_entity.id
_entity.type
_entity.pdbx_description
1 polymer 'Heavy chain of COV2-3906 Fab'
2 polymer 'Light chain of COV2-3906 Fab'
3 polymer "Spike protein S2'"
4 branched beta-D-mannopyranose-(1-4)-2-acetamido-2-deoxy-beta-D-glucopyranose-(1-4)-[alpha-L-fucopyranose-(1-6)]2-acetamido-2-deoxy-beta-D-glucopyranose
5 branched alpha-D-mannopyranose-(1-6)-beta-D-mannopyranose-(1-4)-2-acetamido-2-deoxy-beta-D-glucopyranose-(1-4)-[alpha-L-fucopyranose-(1-6)]2-acetamido-2-deoxy-beta-D-glucopyranose
6 non-polymer 'SULFATE ION'
7 non-polymer 'CHLORIDE ION'
8 non-polymer 2-acetamido-2-deoxy-beta-D-glucopyranose
9 non-polymer 2-acetamido-2-deoxy-alpha-D-galactopyranose
10 water water
#
loop_
_entity_poly.entity_id
_entity_poly.type
_entity_poly.pdbx_seq_one_letter_code
_entity_poly.pdbx_strand_id
1 'polypeptide(L)'
;QVQLQESGPGLVKPSQTLSLTCTVSGDSISSDGYYWSWLRQRPGKGLEWIGYIYNSGSTHYNPSLNSRVSISIDTSKTQF
SLKLSSVTAADTAVYYCARALVLITYVWFDPWGQGTLVTVSSASTKGPSVFPLAPSSKSTSGGTAALGCLVKDYFPEPVT
VSWNSGALTSGVHTFPAVLQSSGLYSLSSVVTVPSSSLGTQTYICNVNHKPSNTKVDKKVEPKSC
;
A,C
2 'polypeptide(L)'
;NFMLTQPHSVSESPGKTVTISCTGSSGSVASNYVQWYQHRPGSAPTTVIYEDNQRPSGVPDRFSGSIDSSSNSASLTISE
LKPEDEADYYCQSYGDRNVVFGGGTKLTVLGQPKAAPSVTLFPPSSEELQANKATLVCLISDFYPGAVTVAWKADSSPVK
AGVETTTPSKQSNNKYAASSYLSLTPEQWKSHRSYSCQVTHEGSTVEKTVAPTECS
;
B,D
3 'polypeptide(L)'
;RVQPTESIVRFPNITNLCPFHEVFNATTFASVYAWNRKRISNCVADFSVIYNFAPFFAFKCYGVSPTKLNDLCWTNIYAD
SFVIRGNEVSQIAPGQTGNIADYNYKLPDDFTGCVIAWNSNKLDSKPSGNYNYLYRLFRKSKLKPFERDISTEIYQAGNK
PCNGVAGPNCYSPLQSYGFRPTYGVGHQPYRVVVLSFELLHAPATVCGPKLEVLFQ
;
E,F
#
# COMPACT_ATOMS: atom_id res chain seq x y z
N GLN A 1 -30.70 12.41 19.93
CA GLN A 1 -29.32 12.08 19.53
C GLN A 1 -29.22 11.64 18.06
N VAL A 2 -28.06 11.91 17.46
CA VAL A 2 -27.81 11.41 16.11
C VAL A 2 -27.75 9.88 16.14
N GLN A 3 -28.29 9.26 15.09
CA GLN A 3 -28.35 7.82 14.96
C GLN A 3 -27.94 7.45 13.55
N LEU A 4 -27.13 6.40 13.42
CA LEU A 4 -26.55 6.00 12.16
C LEU A 4 -27.07 4.63 11.77
N GLN A 5 -27.36 4.45 10.49
CA GLN A 5 -27.89 3.16 10.02
C GLN A 5 -27.30 2.82 8.66
N GLU A 6 -26.48 1.77 8.63
CA GLU A 6 -25.99 1.25 7.36
C GLU A 6 -27.11 0.57 6.58
N SER A 7 -26.86 0.38 5.30
CA SER A 7 -27.67 -0.54 4.52
C SER A 7 -27.00 -0.73 3.18
N GLY A 8 -27.07 -1.95 2.67
CA GLY A 8 -26.50 -2.27 1.40
C GLY A 8 -26.53 -3.76 1.18
N PRO A 9 -26.03 -4.19 0.02
CA PRO A 9 -26.24 -5.56 -0.42
C PRO A 9 -25.44 -6.52 0.43
N GLY A 10 -26.08 -7.63 0.84
CA GLY A 10 -25.35 -8.67 1.53
C GLY A 10 -24.18 -9.21 0.72
N LEU A 11 -24.35 -9.37 -0.61
CA LEU A 11 -23.47 -10.16 -1.48
C LEU A 11 -22.94 -9.35 -2.65
N VAL A 12 -21.63 -9.46 -2.92
CA VAL A 12 -20.98 -8.72 -4.01
C VAL A 12 -20.05 -9.63 -4.78
N LYS A 13 -20.17 -9.66 -6.10
CA LYS A 13 -19.36 -10.59 -6.88
C LYS A 13 -17.91 -10.11 -6.91
N PRO A 14 -16.94 -11.03 -6.90
CA PRO A 14 -15.54 -10.59 -6.81
C PRO A 14 -15.16 -9.74 -7.99
N SER A 15 -14.46 -8.63 -7.71
CA SER A 15 -13.98 -7.60 -8.63
C SER A 15 -15.03 -6.54 -9.04
N GLN A 16 -16.26 -6.62 -8.55
CA GLN A 16 -17.23 -5.55 -8.79
C GLN A 16 -17.08 -4.51 -7.69
N THR A 17 -18.03 -3.58 -7.57
CA THR A 17 -17.92 -2.46 -6.62
C THR A 17 -18.93 -2.60 -5.48
N LEU A 18 -18.41 -2.60 -4.26
CA LEU A 18 -19.25 -2.52 -3.07
C LEU A 18 -19.83 -1.12 -2.92
N SER A 19 -21.15 -1.01 -2.76
CA SER A 19 -21.77 0.26 -2.44
C SER A 19 -22.61 0.11 -1.20
N LEU A 20 -22.31 0.93 -0.18
CA LEU A 20 -23.10 1.04 1.03
C LEU A 20 -23.57 2.48 1.18
N THR A 21 -24.51 2.68 2.11
CA THR A 21 -25.06 3.99 2.43
C THR A 21 -25.31 4.07 3.91
N CYS A 22 -25.01 5.23 4.50
CA CYS A 22 -25.37 5.51 5.88
C CYS A 22 -26.50 6.54 5.88
N THR A 23 -27.57 6.25 6.58
CA THR A 23 -28.66 7.20 6.79
C THR A 23 -28.54 7.84 8.17
N VAL A 24 -28.48 9.16 8.20
CA VAL A 24 -28.27 9.89 9.46
C VAL A 24 -29.60 10.47 9.93
N SER A 25 -30.01 10.15 11.16
CA SER A 25 -31.24 10.77 11.66
C SER A 25 -31.02 11.50 12.98
N GLY A 26 -31.94 12.40 13.28
CA GLY A 26 -31.78 13.25 14.42
C GLY A 26 -30.78 14.36 14.22
N ASP A 27 -30.27 14.55 13.01
CA ASP A 27 -29.20 15.49 12.75
C ASP A 27 -28.94 15.51 11.26
N SER A 28 -28.11 16.46 10.82
CA SER A 28 -27.77 16.48 9.41
C SER A 28 -26.31 16.83 9.24
N ILE A 29 -25.80 16.57 8.06
CA ILE A 29 -24.39 16.80 7.77
C ILE A 29 -24.19 18.25 7.36
N SER A 30 -23.15 18.87 7.90
CA SER A 30 -22.92 20.30 7.71
C SER A 30 -21.49 20.58 8.11
N SER A 31 -21.05 21.82 7.90
CA SER A 31 -19.67 22.16 8.22
C SER A 31 -19.56 22.62 9.67
N ASP A 32 -19.77 21.67 10.58
CA ASP A 32 -19.87 21.96 12.00
C ASP A 32 -18.81 21.24 12.82
N GLY A 33 -17.71 20.80 12.21
CA GLY A 33 -16.65 20.15 12.91
C GLY A 33 -16.65 18.64 12.79
N TYR A 34 -17.79 18.02 12.49
CA TYR A 34 -17.86 16.55 12.43
C TYR A 34 -17.56 16.06 11.02
N TYR A 35 -16.84 14.94 10.94
CA TYR A 35 -16.60 14.15 9.74
C TYR A 35 -17.51 12.92 9.71
N TRP A 36 -17.60 12.28 8.54
CA TRP A 36 -18.47 11.13 8.36
C TRP A 36 -17.70 9.98 7.75
N SER A 37 -17.70 8.85 8.45
CA SER A 37 -16.65 7.85 8.33
C SER A 37 -17.22 6.47 8.05
N TRP A 38 -16.45 5.67 7.31
CA TRP A 38 -16.67 4.24 7.17
C TRP A 38 -15.51 3.48 7.80
N LEU A 39 -15.83 2.41 8.51
CA LEU A 39 -14.82 1.47 8.99
C LEU A 39 -15.33 0.05 8.73
N ARG A 40 -14.54 -0.94 9.12
CA ARG A 40 -14.96 -2.30 8.84
C ARG A 40 -14.22 -3.24 9.76
N GLN A 41 -14.76 -4.44 9.92
CA GLN A 41 -14.12 -5.51 10.69
C GLN A 41 -14.19 -6.80 9.88
N ARG A 42 -13.04 -7.26 9.41
CA ARG A 42 -12.99 -8.51 8.68
C ARG A 42 -13.04 -9.68 9.63
N PRO A 43 -13.46 -10.85 9.17
CA PRO A 43 -13.67 -11.96 10.10
C PRO A 43 -12.38 -12.38 10.76
N GLY A 44 -12.47 -12.57 12.07
CA GLY A 44 -11.30 -12.86 12.88
C GLY A 44 -10.33 -11.72 13.05
N LYS A 45 -10.59 -10.56 12.47
CA LYS A 45 -9.68 -9.43 12.54
C LYS A 45 -10.27 -8.38 13.48
N GLY A 46 -9.62 -7.22 13.56
CA GLY A 46 -10.08 -6.13 14.39
C GLY A 46 -10.60 -4.94 13.60
N LEU A 47 -10.92 -3.87 14.32
CA LEU A 47 -11.48 -2.69 13.69
C LEU A 47 -10.45 -2.01 12.81
N GLU A 48 -10.92 -1.51 11.67
CA GLU A 48 -10.06 -1.02 10.60
C GLU A 48 -10.75 0.20 10.01
N TRP A 49 -10.07 1.35 10.03
CA TRP A 49 -10.59 2.57 9.42
C TRP A 49 -10.51 2.51 7.90
N ILE A 50 -11.52 3.07 7.22
CA ILE A 50 -11.55 3.12 5.76
C ILE A 50 -11.33 4.55 5.25
N GLY A 51 -12.14 5.49 5.70
CA GLY A 51 -12.04 6.86 5.22
C GLY A 51 -13.16 7.68 5.83
N TYR A 52 -13.02 9.01 5.70
CA TYR A 52 -14.12 9.87 6.09
C TYR A 52 -14.10 11.15 5.28
N ILE A 53 -15.19 11.89 5.37
CA ILE A 53 -15.45 13.05 4.52
C ILE A 53 -15.98 14.18 5.37
N TYR A 54 -15.57 15.40 5.05
CA TYR A 54 -16.09 16.57 5.73
C TYR A 54 -17.01 17.31 4.77
N ASN A 55 -17.94 18.07 5.32
CA ASN A 55 -18.95 18.67 4.46
C ASN A 55 -18.36 19.65 3.45
N SER A 56 -17.17 20.18 3.71
CA SER A 56 -16.44 20.89 2.65
C SER A 56 -16.20 20.02 1.43
N GLY A 57 -16.32 18.70 1.55
CA GLY A 57 -16.03 17.81 0.45
C GLY A 57 -14.64 17.21 0.46
N SER A 58 -13.77 17.69 1.36
CA SER A 58 -12.48 17.04 1.54
C SER A 58 -12.64 15.60 2.01
N THR A 59 -11.88 14.68 1.42
CA THR A 59 -11.87 13.29 1.84
C THR A 59 -10.47 12.92 2.30
N HIS A 60 -10.40 11.90 3.16
CA HIS A 60 -9.15 11.26 3.55
C HIS A 60 -9.44 9.77 3.71
N TYR A 61 -8.65 8.91 3.09
CA TYR A 61 -8.92 7.48 3.13
C TYR A 61 -7.69 6.73 3.60
N ASN A 62 -7.91 5.51 4.04
CA ASN A 62 -6.81 4.66 4.48
C ASN A 62 -5.84 4.44 3.33
N PRO A 63 -4.55 4.68 3.54
CA PRO A 63 -3.58 4.46 2.45
C PRO A 63 -3.65 3.07 1.83
N SER A 64 -3.76 2.03 2.64
CA SER A 64 -3.80 0.70 2.04
C SER A 64 -5.05 0.46 1.19
N LEU A 65 -6.08 1.30 1.29
CA LEU A 65 -7.22 1.15 0.40
C LEU A 65 -7.44 2.33 -0.54
N ASN A 66 -6.63 3.39 -0.43
CA ASN A 66 -7.00 4.71 -0.96
C ASN A 66 -7.38 4.66 -2.44
N SER A 67 -6.66 3.86 -3.24
CA SER A 67 -6.98 3.78 -4.67
C SER A 67 -8.43 3.38 -4.89
N ARG A 68 -8.95 2.43 -4.11
CA ARG A 68 -10.26 1.86 -4.40
C ARG A 68 -11.41 2.51 -3.66
N VAL A 69 -11.16 3.44 -2.75
CA VAL A 69 -12.19 3.98 -1.88
C VAL A 69 -12.69 5.31 -2.43
N SER A 70 -13.98 5.55 -2.30
CA SER A 70 -14.51 6.86 -2.62
C SER A 70 -15.75 7.07 -1.77
N ILE A 71 -15.76 8.14 -0.97
CA ILE A 71 -16.85 8.45 -0.05
C ILE A 71 -17.49 9.74 -0.52
N SER A 72 -18.80 9.88 -0.31
CA SER A 72 -19.49 11.07 -0.77
C SER A 72 -20.73 11.34 0.06
N ILE A 73 -21.19 12.60 0.02
CA ILE A 73 -22.35 13.07 0.78
C ILE A 73 -23.50 13.38 -0.17
N ASP A 74 -24.68 12.87 0.15
CA ASP A 74 -25.90 13.12 -0.62
C ASP A 74 -26.38 14.55 -0.40
N THR A 75 -26.91 15.19 -1.46
CA THR A 75 -27.28 16.60 -1.34
C THR A 75 -28.39 16.84 -0.32
N SER A 76 -29.15 15.81 0.06
CA SER A 76 -30.10 15.95 1.16
C SER A 76 -29.40 16.16 2.51
N LYS A 77 -28.11 15.88 2.60
CA LYS A 77 -27.36 16.01 3.84
C LYS A 77 -27.90 15.10 4.94
N THR A 78 -28.63 14.05 4.57
CA THR A 78 -28.98 13.03 5.53
C THR A 78 -28.41 11.67 5.17
N GLN A 79 -27.50 11.59 4.21
CA GLN A 79 -26.87 10.33 3.87
C GLN A 79 -25.45 10.58 3.40
N PHE A 80 -24.57 9.62 3.65
CA PHE A 80 -23.33 9.52 2.90
C PHE A 80 -23.11 8.07 2.49
N SER A 81 -22.23 7.86 1.53
CA SER A 81 -22.13 6.54 0.93
C SER A 81 -20.68 6.15 0.75
N LEU A 82 -20.46 4.84 0.64
CA LEU A 82 -19.14 4.27 0.42
C LEU A 82 -19.15 3.46 -0.86
N LYS A 83 -18.12 3.66 -1.67
CA LYS A 83 -17.88 2.83 -2.84
C LYS A 83 -16.48 2.26 -2.72
N LEU A 84 -16.36 0.95 -2.91
CA LEU A 84 -15.08 0.24 -2.80
C LEU A 84 -15.00 -0.65 -4.03
N SER A 85 -14.03 -0.40 -4.91
CA SER A 85 -14.04 -1.09 -6.19
C SER A 85 -13.11 -2.31 -6.17
N SER A 86 -13.28 -3.17 -7.18
CA SER A 86 -12.44 -4.36 -7.38
C SER A 86 -12.30 -5.18 -6.11
N VAL A 87 -13.38 -5.54 -5.52
CA VAL A 87 -13.30 -6.25 -4.24
C VAL A 87 -12.88 -7.68 -4.51
N THR A 88 -12.22 -8.27 -3.52
CA THR A 88 -11.90 -9.69 -3.54
C THR A 88 -12.45 -10.28 -2.26
N ALA A 89 -12.14 -11.56 -2.02
CA ALA A 89 -12.62 -12.19 -0.81
C ALA A 89 -12.06 -11.47 0.40
N ALA A 90 -10.87 -10.88 0.26
CA ALA A 90 -10.31 -10.22 1.42
C ALA A 90 -11.08 -8.99 1.83
N ASP A 91 -12.11 -8.58 1.10
CA ASP A 91 -12.93 -7.44 1.53
C ASP A 91 -14.21 -7.88 2.21
N THR A 92 -14.42 -9.18 2.38
CA THR A 92 -15.55 -9.65 3.16
C THR A 92 -15.43 -9.15 4.59
N ALA A 93 -16.49 -8.52 5.10
CA ALA A 93 -16.36 -7.86 6.40
C ALA A 93 -17.71 -7.35 6.87
N VAL A 94 -17.77 -6.97 8.13
CA VAL A 94 -18.86 -6.14 8.62
C VAL A 94 -18.42 -4.69 8.45
N TYR A 95 -19.16 -3.92 7.66
CA TYR A 95 -18.86 -2.51 7.42
C TYR A 95 -19.70 -1.63 8.36
N TYR A 96 -19.03 -0.70 9.06
CA TYR A 96 -19.66 0.21 10.02
C TYR A 96 -19.60 1.65 9.51
N CYS A 97 -20.66 2.43 9.74
CA CYS A 97 -20.47 3.87 9.59
C CYS A 97 -20.37 4.49 10.98
N ALA A 98 -19.72 5.65 11.05
CA ALA A 98 -19.60 6.37 12.31
C ALA A 98 -19.48 7.86 12.07
N ARG A 99 -19.84 8.62 13.11
CA ARG A 99 -19.49 10.03 13.16
C ARG A 99 -18.09 10.20 13.74
N ALA A 100 -17.29 11.07 13.14
CA ALA A 100 -15.93 11.28 13.63
C ALA A 100 -15.74 12.74 14.05
N LEU A 101 -15.24 12.95 15.26
CA LEU A 101 -14.78 14.26 15.69
C LEU A 101 -13.30 14.36 15.35
N VAL A 102 -12.93 15.34 14.50
CA VAL A 102 -11.57 15.37 13.97
C VAL A 102 -10.94 16.75 14.18
N LEU A 103 -9.83 16.79 14.92
CA LEU A 103 -9.04 18.00 15.11
C LEU A 103 -7.57 17.61 15.05
N ILE A 104 -6.84 18.10 14.03
CA ILE A 104 -5.45 17.76 13.78
C ILE A 104 -5.26 16.24 13.80
N THR A 105 -4.70 15.66 14.88
CA THR A 105 -4.53 14.21 15.00
C THR A 105 -5.52 13.56 15.93
N TYR A 106 -6.46 14.31 16.49
CA TYR A 106 -7.43 13.76 17.40
C TYR A 106 -8.63 13.32 16.58
N VAL A 107 -8.85 12.01 16.47
CA VAL A 107 -10.09 11.53 15.86
C VAL A 107 -10.79 10.59 16.83
N TRP A 108 -12.05 10.89 17.09
CA TRP A 108 -12.87 10.12 18.01
C TRP A 108 -14.15 9.72 17.30
N PHE A 109 -14.37 8.42 17.18
CA PHE A 109 -15.51 7.86 16.47
C PHE A 109 -16.67 7.69 17.43
N ASP A 110 -17.78 8.35 17.15
CA ASP A 110 -18.93 8.26 18.07
C ASP A 110 -20.12 9.07 17.61
N PRO A 111 -21.30 8.45 17.50
CA PRO A 111 -21.59 7.03 17.69
C PRO A 111 -21.30 6.17 16.45
N TRP A 112 -21.47 4.85 16.52
CA TRP A 112 -21.29 3.95 15.40
C TRP A 112 -22.62 3.37 14.94
N GLY A 113 -22.71 3.01 13.68
CA GLY A 113 -23.80 2.18 13.21
C GLY A 113 -23.69 0.80 13.82
N GLN A 114 -24.68 -0.07 13.52
CA GLN A 114 -24.60 -1.44 14.00
C GLN A 114 -23.80 -2.33 13.06
N GLY A 115 -23.45 -1.83 11.89
CA GLY A 115 -22.71 -2.62 10.92
C GLY A 115 -23.63 -3.42 10.01
N THR A 116 -23.16 -3.67 8.80
CA THR A 116 -23.87 -4.50 7.83
C THR A 116 -22.85 -5.47 7.23
N LEU A 117 -23.18 -6.74 7.21
CA LEU A 117 -22.22 -7.73 6.74
C LEU A 117 -22.24 -7.80 5.21
N VAL A 118 -21.06 -7.73 4.60
CA VAL A 118 -20.92 -7.80 3.15
C VAL A 118 -20.05 -9.01 2.80
N THR A 119 -20.58 -9.90 1.97
CA THR A 119 -19.85 -11.11 1.60
C THR A 119 -19.45 -11.02 0.13
N VAL A 120 -18.17 -11.23 -0.14
CA VAL A 120 -17.64 -11.28 -1.50
C VAL A 120 -17.57 -12.74 -1.89
N SER A 121 -18.34 -13.14 -2.91
CA SER A 121 -18.42 -14.55 -3.25
C SER A 121 -18.89 -14.69 -4.69
N SER A 122 -18.44 -15.78 -5.33
CA SER A 122 -18.93 -16.06 -6.66
C SER A 122 -20.29 -16.76 -6.63
N ALA A 123 -20.67 -17.36 -5.51
CA ALA A 123 -21.96 -18.03 -5.41
C ALA A 123 -23.13 -17.02 -5.47
N SER A 124 -24.33 -17.55 -5.63
CA SER A 124 -25.51 -16.71 -5.70
C SER A 124 -26.28 -16.81 -4.39
N THR A 125 -27.19 -15.86 -4.17
CA THR A 125 -28.03 -15.90 -2.98
C THR A 125 -29.07 -17.00 -3.10
N LYS A 126 -29.37 -17.63 -1.97
CA LYS A 126 -30.48 -18.55 -1.83
C LYS A 126 -31.31 -18.11 -0.65
N GLY A 127 -32.62 -18.01 -0.83
CA GLY A 127 -33.50 -17.70 0.27
C GLY A 127 -33.66 -18.89 1.21
N PRO A 128 -34.18 -18.67 2.40
CA PRO A 128 -34.42 -19.79 3.30
C PRO A 128 -35.76 -20.47 3.03
N SER A 129 -35.85 -21.73 3.45
CA SER A 129 -37.11 -22.39 3.67
C SER A 129 -37.37 -22.44 5.16
N VAL A 130 -38.59 -22.10 5.56
CA VAL A 130 -38.93 -21.94 6.96
C VAL A 130 -39.94 -23.01 7.34
N PHE A 131 -39.72 -23.65 8.48
CA PHE A 131 -40.62 -24.70 8.92
C PHE A 131 -40.98 -24.50 10.39
N PRO A 132 -42.22 -24.77 10.75
CA PRO A 132 -42.64 -24.57 12.14
C PRO A 132 -42.03 -25.62 13.05
N LEU A 133 -41.79 -25.22 14.28
CA LEU A 133 -41.28 -26.09 15.34
C LEU A 133 -42.35 -26.01 16.39
N ALA A 134 -43.18 -27.02 16.44
CA ALA A 134 -44.48 -26.88 17.07
C ALA A 134 -44.39 -27.24 18.54
N PRO A 135 -45.18 -26.41 19.32
CA PRO A 135 -45.22 -26.47 20.79
C PRO A 135 -44.88 -27.80 21.44
N SER A 136 -44.00 -27.70 22.43
CA SER A 136 -43.71 -28.78 23.37
C SER A 136 -43.67 -28.16 24.76
N SER A 137 -44.60 -28.56 25.61
CA SER A 137 -44.59 -28.20 27.02
C SER A 137 -43.83 -29.23 27.86
N LYS A 138 -42.87 -29.96 27.26
CA LYS A 138 -42.17 -31.07 27.90
C LYS A 138 -40.87 -30.68 28.54
N SER A 139 -40.52 -29.39 28.54
CA SER A 139 -39.16 -28.96 28.82
C SER A 139 -39.04 -27.65 29.58
N THR A 140 -40.14 -26.95 29.89
CA THR A 140 -40.07 -25.54 30.28
C THR A 140 -40.88 -25.27 31.55
N SER A 141 -40.37 -24.34 32.37
CA SER A 141 -40.68 -24.09 33.78
C SER A 141 -42.07 -24.47 34.30
N GLY A 142 -43.12 -24.36 33.48
CA GLY A 142 -44.40 -24.78 34.00
C GLY A 142 -45.59 -24.36 33.17
N GLY A 143 -46.25 -23.29 33.57
CA GLY A 143 -47.32 -22.74 32.77
C GLY A 143 -46.80 -22.14 31.48
N THR A 144 -45.69 -22.68 30.98
CA THR A 144 -44.93 -22.13 29.87
C THR A 144 -44.62 -23.22 28.83
N ALA A 145 -44.40 -22.80 27.59
CA ALA A 145 -44.17 -23.75 26.48
C ALA A 145 -43.28 -23.12 25.42
N ALA A 146 -42.50 -23.94 24.73
CA ALA A 146 -41.54 -23.47 23.73
C ALA A 146 -42.03 -23.81 22.33
N LEU A 147 -41.95 -22.85 21.42
CA LEU A 147 -42.22 -23.11 20.01
C LEU A 147 -41.25 -22.27 19.19
N GLY A 148 -41.13 -22.58 17.89
CA GLY A 148 -39.95 -22.09 17.18
C GLY A 148 -40.05 -22.17 15.67
N CYS A 149 -38.95 -21.77 15.01
CA CYS A 149 -38.85 -21.74 13.55
C CYS A 149 -37.53 -22.35 13.13
N LEU A 150 -37.57 -23.17 12.09
CA LEU A 150 -36.37 -23.76 11.48
C LEU A 150 -36.09 -23.02 10.19
N VAL A 151 -34.98 -22.28 10.14
CA VAL A 151 -34.61 -21.47 8.99
C VAL A 151 -33.48 -22.19 8.26
N LYS A 152 -33.78 -22.71 7.07
CA LYS A 152 -33.03 -23.80 6.44
C LYS A 152 -32.51 -23.38 5.08
N ASP A 153 -31.22 -23.62 4.83
CA ASP A 153 -30.65 -23.72 3.48
C ASP A 153 -30.54 -22.37 2.78
N TYR A 154 -29.99 -21.37 3.47
CA TYR A 154 -29.88 -20.04 2.91
C TYR A 154 -28.42 -19.63 2.78
N PHE A 155 -28.16 -18.63 1.93
CA PHE A 155 -26.83 -18.08 1.76
C PHE A 155 -26.95 -16.70 1.14
N PRO A 156 -26.15 -15.72 1.56
CA PRO A 156 -25.14 -15.75 2.62
C PRO A 156 -25.77 -15.35 3.95
N GLU A 157 -25.02 -15.39 5.05
CA GLU A 157 -25.47 -14.74 6.26
C GLU A 157 -25.74 -13.26 5.97
N PRO A 158 -26.60 -12.60 6.76
CA PRO A 158 -27.40 -13.10 7.89
C PRO A 158 -28.88 -13.30 7.58
N VAL A 159 -29.61 -13.97 8.46
CA VAL A 159 -31.06 -13.91 8.45
C VAL A 159 -31.47 -13.20 9.71
N THR A 160 -32.61 -12.54 9.64
CA THR A 160 -33.19 -11.86 10.79
C THR A 160 -34.46 -12.60 11.17
N VAL A 161 -34.66 -12.80 12.47
CA VAL A 161 -35.88 -13.43 12.92
C VAL A 161 -36.46 -12.63 14.06
N SER A 162 -37.64 -12.06 13.86
CA SER A 162 -38.43 -11.55 14.96
C SER A 162 -39.67 -12.41 15.13
N TRP A 163 -40.41 -12.20 16.21
CA TRP A 163 -41.64 -12.91 16.48
C TRP A 163 -42.76 -11.90 16.61
N ASN A 164 -43.92 -12.20 16.03
CA ASN A 164 -45.09 -11.32 16.06
C ASN A 164 -44.70 -9.88 15.74
N SER A 165 -43.97 -9.74 14.64
CA SER A 165 -43.59 -8.43 14.12
C SER A 165 -42.84 -7.58 15.14
N GLY A 166 -42.08 -8.21 16.03
CA GLY A 166 -41.37 -7.48 17.06
C GLY A 166 -42.12 -7.26 18.34
N ALA A 167 -43.43 -7.56 18.39
CA ALA A 167 -44.16 -7.35 19.62
C ALA A 167 -43.75 -8.34 20.69
N LEU A 168 -43.19 -9.47 20.26
CA LEU A 168 -42.82 -10.57 21.14
C LEU A 168 -41.30 -10.59 21.24
N THR A 169 -40.79 -10.37 22.43
CA THR A 169 -39.34 -10.29 22.62
C THR A 169 -38.85 -11.06 23.84
N SER A 170 -39.58 -11.00 24.94
CA SER A 170 -39.29 -11.86 26.06
C SER A 170 -39.35 -13.32 25.63
N GLY A 171 -38.24 -14.04 25.84
CA GLY A 171 -38.19 -15.45 25.55
C GLY A 171 -37.60 -15.80 24.21
N VAL A 172 -37.34 -14.83 23.36
CA VAL A 172 -36.80 -15.13 22.05
C VAL A 172 -35.33 -15.51 22.15
N HIS A 173 -34.92 -16.54 21.41
CA HIS A 173 -33.54 -17.01 21.38
C HIS A 173 -33.30 -17.53 19.97
N THR A 174 -32.40 -16.88 19.26
CA THR A 174 -32.04 -17.26 17.91
C THR A 174 -30.65 -17.87 17.94
N PHE A 175 -30.52 -19.10 17.48
CA PHE A 175 -29.27 -19.79 17.70
C PHE A 175 -28.30 -19.49 16.57
N PRO A 176 -27.00 -19.48 16.83
CA PRO A 176 -26.01 -19.39 15.76
C PRO A 176 -26.24 -20.44 14.68
N ALA A 177 -26.09 -20.02 13.43
CA ALA A 177 -26.32 -20.90 12.31
C ALA A 177 -25.27 -22.00 12.22
N VAL A 178 -25.65 -23.04 11.53
CA VAL A 178 -24.77 -24.11 11.17
C VAL A 178 -24.37 -23.85 9.74
N LEU A 179 -23.11 -24.14 9.38
CA LEU A 179 -22.64 -24.01 7.99
C LEU A 179 -22.49 -25.40 7.39
N GLN A 180 -23.39 -25.74 6.48
CA GLN A 180 -23.42 -27.08 5.98
C GLN A 180 -22.25 -27.36 5.05
N SER A 181 -21.95 -28.64 4.88
CA SER A 181 -20.95 -29.01 3.88
C SER A 181 -21.34 -28.51 2.51
N SER A 182 -22.63 -28.43 2.22
CA SER A 182 -23.08 -27.85 0.97
C SER A 182 -22.56 -26.41 0.77
N GLY A 183 -22.27 -25.70 1.85
CA GLY A 183 -21.99 -24.29 1.73
C GLY A 183 -23.15 -23.40 2.07
N LEU A 184 -24.32 -23.96 2.38
CA LEU A 184 -25.45 -23.17 2.86
C LEU A 184 -25.50 -23.17 4.38
N TYR A 185 -26.25 -22.21 4.93
CA TYR A 185 -26.47 -22.09 6.36
C TYR A 185 -27.86 -22.57 6.74
N SER A 186 -28.02 -22.87 8.04
CA SER A 186 -29.30 -23.12 8.68
C SER A 186 -29.22 -22.69 10.14
N LEU A 187 -30.34 -22.19 10.67
CA LEU A 187 -30.43 -21.87 12.08
C LEU A 187 -31.85 -22.07 12.57
N SER A 188 -32.02 -21.93 13.88
CA SER A 188 -33.32 -22.03 14.51
C SER A 188 -33.53 -20.86 15.46
N SER A 189 -34.79 -20.47 15.59
CA SER A 189 -35.20 -19.46 16.55
C SER A 189 -36.33 -20.02 17.40
N VAL A 190 -36.28 -19.79 18.70
CA VAL A 190 -37.29 -20.36 19.57
C VAL A 190 -37.77 -19.29 20.55
N VAL A 191 -39.05 -19.35 20.91
CA VAL A 191 -39.65 -18.41 21.84
C VAL A 191 -40.38 -19.21 22.89
N THR A 192 -40.37 -18.73 24.13
CA THR A 192 -41.10 -19.35 25.23
C THR A 192 -42.32 -18.52 25.54
N VAL A 193 -43.47 -19.17 25.67
CA VAL A 193 -44.75 -18.47 25.76
C VAL A 193 -45.59 -19.16 26.82
N PRO A 194 -46.61 -18.46 27.35
CA PRO A 194 -47.50 -19.08 28.35
C PRO A 194 -48.43 -20.08 27.69
N SER A 195 -48.53 -21.29 28.29
CA SER A 195 -49.29 -22.35 27.65
C SER A 195 -50.80 -22.08 27.64
N SER A 196 -51.31 -21.29 28.60
CA SER A 196 -52.74 -20.89 28.55
C SER A 196 -53.06 -20.10 27.28
N SER A 197 -52.09 -19.40 26.72
CA SER A 197 -52.33 -18.62 25.51
C SER A 197 -52.26 -19.45 24.24
N LEU A 198 -51.82 -20.72 24.31
CA LEU A 198 -51.56 -21.45 23.07
C LEU A 198 -52.79 -21.64 22.22
N GLY A 199 -53.98 -21.53 22.79
CA GLY A 199 -55.17 -21.70 22.01
C GLY A 199 -55.71 -20.41 21.44
N THR A 200 -55.47 -19.30 22.14
CA THR A 200 -56.12 -18.04 21.85
C THR A 200 -55.17 -16.97 21.30
N GLN A 201 -53.90 -17.29 21.07
CA GLN A 201 -52.92 -16.31 20.65
C GLN A 201 -52.12 -16.89 19.50
N THR A 202 -51.97 -16.11 18.45
CA THR A 202 -51.25 -16.56 17.26
C THR A 202 -49.78 -16.19 17.38
N TYR A 203 -48.91 -17.15 17.06
CA TYR A 203 -47.47 -16.95 17.09
C TYR A 203 -46.91 -17.09 15.68
N ILE A 204 -46.30 -16.01 15.19
CA ILE A 204 -45.75 -15.95 13.85
C ILE A 204 -44.29 -15.57 13.96
N CYS A 205 -43.42 -16.26 13.24
CA CYS A 205 -42.06 -15.81 13.18
C CYS A 205 -41.81 -15.12 11.86
N ASN A 206 -41.09 -14.03 11.89
CA ASN A 206 -40.87 -13.21 10.71
C ASN A 206 -39.42 -13.36 10.34
N VAL A 207 -39.16 -14.07 9.26
CA VAL A 207 -37.82 -14.33 8.77
C VAL A 207 -37.56 -13.34 7.65
N ASN A 208 -36.46 -12.61 7.75
CA ASN A 208 -36.07 -11.70 6.68
C ASN A 208 -34.66 -12.09 6.23
N HIS A 209 -34.53 -12.45 4.96
CA HIS A 209 -33.23 -12.65 4.32
C HIS A 209 -33.00 -11.50 3.36
N LYS A 210 -32.39 -10.42 3.86
CA LYS A 210 -32.19 -9.26 3.02
C LYS A 210 -31.36 -9.57 1.78
N PRO A 211 -30.33 -10.41 1.83
CA PRO A 211 -29.54 -10.67 0.62
C PRO A 211 -30.34 -11.19 -0.56
N SER A 212 -31.37 -12.02 -0.33
CA SER A 212 -32.19 -12.52 -1.42
C SER A 212 -33.52 -11.81 -1.57
N ASN A 213 -33.76 -10.74 -0.80
CA ASN A 213 -35.07 -10.07 -0.76
C ASN A 213 -36.17 -11.10 -0.64
N THR A 214 -36.10 -11.83 0.45
CA THR A 214 -37.03 -12.88 0.78
C THR A 214 -37.52 -12.64 2.20
N LYS A 215 -38.84 -12.64 2.37
CA LYS A 215 -39.43 -12.57 3.69
C LYS A 215 -40.40 -13.74 3.84
N VAL A 216 -40.37 -14.40 4.97
CA VAL A 216 -41.30 -15.48 5.26
C VAL A 216 -41.92 -15.20 6.61
N ASP A 217 -43.22 -15.32 6.71
CA ASP A 217 -43.93 -15.10 7.96
C ASP A 217 -44.67 -16.38 8.24
N LYS A 218 -44.09 -17.21 9.10
CA LYS A 218 -44.57 -18.56 9.29
C LYS A 218 -45.37 -18.61 10.57
N LYS A 219 -46.58 -19.13 10.48
CA LYS A 219 -47.42 -19.32 11.65
C LYS A 219 -47.07 -20.64 12.29
N VAL A 220 -46.76 -20.62 13.57
CA VAL A 220 -46.39 -21.83 14.28
C VAL A 220 -47.62 -22.27 15.07
N GLU A 221 -48.30 -23.26 14.56
CA GLU A 221 -49.53 -23.86 15.04
C GLU A 221 -49.20 -24.92 16.08
N PRO A 222 -49.94 -24.99 17.18
CA PRO A 222 -49.80 -26.13 18.10
C PRO A 222 -50.19 -27.43 17.43
N LYS A 223 -49.26 -28.40 17.41
CA LYS A 223 -49.49 -29.69 16.75
C LYS A 223 -50.43 -30.61 17.57
N ASN B 1 4.57 1.67 10.07
CA ASN B 1 4.51 3.03 10.59
C ASN B 1 4.06 3.00 12.04
N PHE B 2 3.44 4.07 12.52
CA PHE B 2 2.89 4.04 13.86
C PHE B 2 1.88 2.90 14.01
N MET B 3 2.17 2.00 14.95
CA MET B 3 1.33 0.86 15.24
C MET B 3 1.05 0.86 16.73
N LEU B 4 -0.10 0.30 17.10
CA LEU B 4 -0.44 0.09 18.50
C LEU B 4 -0.63 -1.39 18.68
N THR B 5 -0.07 -1.93 19.75
CA THR B 5 -0.07 -3.36 19.98
C THR B 5 -0.72 -3.68 21.32
N GLN B 6 -1.72 -4.56 21.30
CA GLN B 6 -2.38 -4.99 22.51
C GLN B 6 -2.19 -6.49 22.65
N PRO B 7 -2.21 -7.03 23.86
CA PRO B 7 -2.24 -8.48 23.99
C PRO B 7 -3.55 -9.02 23.46
N HIS B 8 -3.53 -10.27 22.99
CA HIS B 8 -4.71 -10.83 22.35
C HIS B 8 -5.84 -11.04 23.35
N SER B 9 -5.53 -11.50 24.55
CA SER B 9 -6.57 -11.77 25.53
C SER B 9 -6.08 -11.41 26.94
N VAL B 10 -7.03 -11.06 27.79
CA VAL B 10 -6.77 -10.88 29.22
C VAL B 10 -7.98 -11.42 29.98
N SER B 11 -7.74 -11.90 31.20
CA SER B 11 -8.83 -12.40 32.00
C SER B 11 -8.60 -12.08 33.47
N GLU B 12 -9.68 -12.10 34.22
CA GLU B 12 -9.59 -11.83 35.66
C GLU B 12 -10.91 -12.25 36.29
N SER B 13 -10.91 -12.32 37.59
CA SER B 13 -12.07 -12.77 38.32
C SER B 13 -12.98 -11.61 38.69
N PRO B 14 -14.29 -11.84 38.85
CA PRO B 14 -15.19 -10.72 39.11
C PRO B 14 -14.83 -10.00 40.40
N GLY B 15 -14.89 -8.68 40.36
CA GLY B 15 -14.55 -7.87 41.51
C GLY B 15 -13.09 -7.45 41.56
N LYS B 16 -12.20 -8.16 40.88
CA LYS B 16 -10.79 -7.78 40.84
C LYS B 16 -10.62 -6.65 39.83
N THR B 17 -9.37 -6.28 39.54
CA THR B 17 -9.07 -5.23 38.57
C THR B 17 -8.13 -5.79 37.51
N VAL B 18 -8.38 -5.42 36.26
CA VAL B 18 -7.65 -5.91 35.10
C VAL B 18 -7.20 -4.70 34.30
N THR B 19 -6.02 -4.80 33.69
CA THR B 19 -5.48 -3.70 32.90
C THR B 19 -5.16 -4.18 31.49
N ILE B 20 -5.50 -3.36 30.50
CA ILE B 20 -5.22 -3.64 29.10
C ILE B 20 -4.33 -2.52 28.59
N SER B 21 -3.13 -2.87 28.18
CA SER B 21 -2.15 -1.91 27.68
C SER B 21 -2.14 -1.87 26.15
N CYS B 22 -1.56 -0.81 25.64
CA CYS B 22 -1.60 -0.52 24.23
C CYS B 22 -0.28 0.18 23.95
N THR B 23 0.63 -0.50 23.28
CA THR B 23 2.03 -0.10 23.24
C THR B 23 2.41 0.34 21.84
N GLY B 24 3.05 1.51 21.75
CA GLY B 24 3.37 2.07 20.46
C GLY B 24 4.71 1.61 19.95
N SER B 25 4.86 1.67 18.63
CA SER B 25 6.14 1.55 17.98
C SER B 25 6.15 2.55 16.85
N SER B 26 7.35 2.88 16.34
CA SER B 26 7.50 3.90 15.31
C SER B 26 6.70 5.15 15.64
N GLY B 27 6.65 5.52 16.93
CA GLY B 27 5.87 6.66 17.37
C GLY B 27 5.67 6.74 18.87
N SER B 28 5.30 7.92 19.40
CA SER B 28 5.14 8.15 20.84
C SER B 28 3.65 8.26 21.17
N VAL B 29 3.11 7.28 21.88
CA VAL B 29 1.65 7.28 22.03
C VAL B 29 1.20 8.44 22.90
N ALA B 30 2.09 8.97 23.74
CA ALA B 30 1.74 10.14 24.52
C ALA B 30 1.65 11.42 23.69
N SER B 31 1.94 11.37 22.39
CA SER B 31 1.94 12.58 21.58
C SER B 31 0.57 12.92 21.00
N ASN B 32 -0.37 11.97 21.01
CA ASN B 32 -1.65 12.14 20.35
C ASN B 32 -2.71 11.38 21.13
N TYR B 33 -3.92 11.92 21.16
CA TYR B 33 -4.93 11.41 22.06
C TYR B 33 -5.27 9.96 21.72
N VAL B 34 -5.55 9.17 22.75
CA VAL B 34 -5.92 7.77 22.59
C VAL B 34 -7.36 7.55 23.03
N GLN B 35 -8.10 6.78 22.24
CA GLN B 35 -9.45 6.39 22.62
C GLN B 35 -9.53 4.89 22.88
N TRP B 36 -10.54 4.50 23.65
CA TRP B 36 -10.82 3.09 23.89
C TRP B 36 -12.26 2.76 23.53
N TYR B 37 -12.45 1.71 22.73
CA TYR B 37 -13.78 1.28 22.32
C TYR B 37 -14.08 -0.10 22.88
N GLN B 38 -15.31 -0.27 23.35
CA GLN B 38 -15.80 -1.56 23.78
C GLN B 38 -16.67 -2.12 22.68
N HIS B 39 -16.51 -3.41 22.39
CA HIS B 39 -17.25 -4.03 21.29
C HIS B 39 -17.78 -5.38 21.72
N ARG B 40 -19.08 -5.45 21.96
CA ARG B 40 -19.72 -6.73 22.27
C ARG B 40 -20.21 -7.37 20.99
N PRO B 41 -19.85 -8.59 20.73
CA PRO B 41 -20.37 -9.30 19.55
C PRO B 41 -21.83 -9.03 19.24
N GLY B 42 -22.08 -8.62 17.99
CA GLY B 42 -23.41 -8.31 17.53
C GLY B 42 -23.91 -6.91 17.79
N SER B 43 -23.05 -5.99 18.24
CA SER B 43 -23.53 -4.69 18.71
C SER B 43 -22.69 -3.58 18.11
N ALA B 44 -23.26 -2.39 18.07
CA ALA B 44 -22.41 -1.25 17.76
C ALA B 44 -21.26 -1.20 18.75
N PRO B 45 -20.04 -0.97 18.29
CA PRO B 45 -18.97 -0.59 19.23
C PRO B 45 -19.33 0.73 19.89
N THR B 46 -18.88 0.92 21.14
CA THR B 46 -19.13 2.15 21.88
C THR B 46 -17.85 2.64 22.52
N THR B 47 -17.90 3.81 23.15
CA THR B 47 -16.71 4.44 23.69
C THR B 47 -16.71 4.27 25.20
N VAL B 48 -15.58 3.84 25.76
CA VAL B 48 -15.43 3.85 27.21
C VAL B 48 -14.50 4.96 27.66
N ILE B 49 -13.54 5.37 26.82
CA ILE B 49 -12.56 6.42 27.14
C ILE B 49 -12.23 7.16 25.86
N TYR B 50 -12.22 8.50 25.94
CA TYR B 50 -11.69 9.34 24.90
C TYR B 50 -10.71 10.33 25.51
N GLU B 51 -9.86 10.91 24.67
CA GLU B 51 -8.91 11.93 25.09
C GLU B 51 -8.01 11.42 26.21
N ASP B 52 -7.47 10.23 25.99
CA ASP B 52 -6.60 9.58 26.94
C ASP B 52 -7.36 9.07 28.15
N ASN B 53 -8.20 9.92 28.80
CA ASN B 53 -8.70 9.53 30.11
C ASN B 53 -10.09 10.06 30.43
N GLN B 54 -10.84 10.55 29.45
CA GLN B 54 -12.17 11.03 29.71
C GLN B 54 -13.23 9.96 29.46
N ARG B 55 -14.28 10.03 30.27
CA ARG B 55 -15.30 9.02 30.34
C ARG B 55 -16.59 9.62 29.79
N PRO B 56 -17.19 9.09 28.74
CA PRO B 56 -18.50 9.61 28.32
C PRO B 56 -19.54 9.40 29.42
N SER B 57 -20.58 10.24 29.41
CA SER B 57 -21.63 10.06 30.41
C SER B 57 -22.27 8.70 30.20
N GLY B 58 -22.50 8.00 31.31
CA GLY B 58 -22.98 6.65 31.26
C GLY B 58 -21.93 5.59 31.46
N VAL B 59 -20.67 5.87 31.14
CA VAL B 59 -19.61 4.90 31.42
C VAL B 59 -19.19 4.99 32.88
N PRO B 60 -19.31 3.92 33.66
CA PRO B 60 -18.98 3.99 35.11
C PRO B 60 -17.51 4.32 35.37
N ASP B 61 -17.28 4.92 36.54
CA ASP B 61 -15.92 5.30 36.96
C ASP B 61 -15.02 4.10 37.20
N ARG B 62 -15.55 2.87 37.09
CA ARG B 62 -14.69 1.69 37.15
C ARG B 62 -13.77 1.61 35.95
N PHE B 63 -14.06 2.34 34.88
CA PHE B 63 -13.22 2.42 33.70
C PHE B 63 -12.34 3.66 33.82
N SER B 64 -11.08 3.52 33.46
CA SER B 64 -10.18 4.66 33.52
C SER B 64 -9.04 4.41 32.56
N GLY B 65 -8.66 5.45 31.82
CA GLY B 65 -7.58 5.36 30.86
C GLY B 65 -6.39 6.13 31.41
N SER B 66 -5.20 5.64 31.14
CA SER B 66 -4.01 6.36 31.54
C SER B 66 -2.99 6.26 30.42
N ILE B 67 -1.98 7.11 30.50
CA ILE B 67 -0.91 7.17 29.53
C ILE B 67 0.41 7.09 30.27
N ASP B 68 1.38 6.38 29.72
CA ASP B 68 2.68 6.21 30.37
C ASP B 68 3.74 6.37 29.29
N SER B 69 4.34 7.56 29.21
CA SER B 69 5.31 7.81 28.15
C SER B 69 6.60 7.07 28.39
N SER B 70 6.92 6.73 29.65
CA SER B 70 8.20 6.05 29.93
C SER B 70 8.24 4.68 29.29
N SER B 71 7.09 3.98 29.25
CA SER B 71 7.01 2.70 28.57
C SER B 71 6.24 2.80 27.27
N ASN B 72 5.98 4.02 26.79
CA ASN B 72 5.30 4.26 25.52
C ASN B 72 4.02 3.43 25.38
N SER B 73 3.20 3.45 26.42
CA SER B 73 1.99 2.67 26.44
C SER B 73 0.79 3.55 26.81
N ALA B 74 -0.39 3.03 26.53
CA ALA B 74 -1.64 3.54 27.06
C ALA B 74 -2.36 2.41 27.75
N SER B 75 -3.11 2.71 28.79
CA SER B 75 -3.73 1.64 29.56
C SER B 75 -5.18 1.96 29.82
N LEU B 76 -6.03 0.98 29.57
CA LEU B 76 -7.38 1.00 30.07
C LEU B 76 -7.39 0.11 31.31
N THR B 77 -8.04 0.57 32.37
CA THR B 77 -8.11 -0.18 33.62
C THR B 77 -9.55 -0.30 34.06
N ILE B 78 -9.99 -1.52 34.38
CA ILE B 78 -11.37 -1.85 34.75
C ILE B 78 -11.34 -2.45 36.16
N SER B 79 -11.98 -1.77 37.10
CA SER B 79 -12.05 -2.23 38.48
C SER B 79 -13.47 -2.75 38.79
N GLU B 80 -13.59 -3.43 39.93
CA GLU B 80 -14.86 -4.00 40.35
C GLU B 80 -15.49 -4.75 39.18
N LEU B 81 -14.72 -5.70 38.65
CA LEU B 81 -15.01 -6.33 37.37
C LEU B 81 -16.30 -7.14 37.43
N LYS B 82 -17.11 -7.03 36.36
CA LYS B 82 -18.40 -7.68 36.22
C LYS B 82 -18.42 -8.60 35.00
N PRO B 83 -19.24 -9.66 35.01
CA PRO B 83 -19.33 -10.52 33.82
C PRO B 83 -19.79 -9.80 32.56
N GLU B 84 -20.62 -8.75 32.68
CA GLU B 84 -21.00 -7.96 31.50
C GLU B 84 -19.83 -7.18 30.91
N ASP B 85 -18.69 -7.15 31.59
CA ASP B 85 -17.53 -6.45 31.05
C ASP B 85 -16.84 -7.24 29.98
N GLU B 86 -17.27 -8.48 29.72
CA GLU B 86 -16.66 -9.29 28.68
C GLU B 86 -16.97 -8.69 27.33
N ALA B 87 -15.93 -8.42 26.56
CA ALA B 87 -16.02 -7.76 25.28
C ALA B 87 -14.62 -7.75 24.69
N ASP B 88 -14.51 -7.34 23.43
CA ASP B 88 -13.22 -6.90 22.90
C ASP B 88 -13.07 -5.42 23.18
N TYR B 89 -11.85 -4.99 23.53
CA TYR B 89 -11.53 -3.60 23.77
C TYR B 89 -10.42 -3.17 22.80
N TYR B 90 -10.61 -2.03 22.14
CA TYR B 90 -9.65 -1.53 21.16
C TYR B 90 -9.18 -0.15 21.56
N CYS B 91 -7.89 0.10 21.41
CA CYS B 91 -7.35 1.44 21.52
C CYS B 91 -7.16 1.98 20.13
N GLN B 92 -7.26 3.29 20.01
CA GLN B 92 -7.18 3.90 18.72
C GLN B 92 -6.62 5.29 18.88
N SER B 93 -5.87 5.71 17.87
CA SER B 93 -5.22 7.01 17.88
C SER B 93 -4.87 7.34 16.43
N TYR B 94 -3.80 8.09 16.24
CA TYR B 94 -3.50 8.60 14.91
C TYR B 94 -2.01 8.79 14.80
N GLY B 95 -1.50 8.67 13.59
CA GLY B 95 -0.08 8.79 13.41
C GLY B 95 0.32 8.49 11.99
N ASP B 96 1.21 9.30 11.44
CA ASP B 96 1.67 9.10 10.06
C ASP B 96 0.49 9.21 9.10
N ARG B 97 -0.32 10.27 9.28
CA ARG B 97 -1.43 10.57 8.37
C ARG B 97 -2.44 9.42 8.25
N ASN B 98 -2.67 8.66 9.33
CA ASN B 98 -3.52 7.48 9.29
C ASN B 98 -4.15 7.28 10.66
N VAL B 99 -5.44 6.90 10.67
CA VAL B 99 -6.06 6.39 11.88
C VAL B 99 -5.46 5.04 12.24
N VAL B 100 -5.16 4.84 13.52
CA VAL B 100 -4.45 3.64 13.96
C VAL B 100 -5.24 2.97 15.06
N PHE B 101 -5.59 1.70 14.86
CA PHE B 101 -6.24 0.87 15.85
C PHE B 101 -5.27 -0.21 16.36
N GLY B 102 -5.27 -0.42 17.65
CA GLY B 102 -4.73 -1.66 18.16
C GLY B 102 -5.54 -2.86 17.68
N GLY B 103 -4.88 -4.02 17.73
CA GLY B 103 -5.51 -5.24 17.27
C GLY B 103 -6.66 -5.74 18.13
N GLY B 104 -6.85 -5.16 19.32
CA GLY B 104 -7.97 -5.60 20.14
C GLY B 104 -7.55 -6.64 21.16
N THR B 105 -8.26 -6.64 22.29
CA THR B 105 -8.07 -7.62 23.36
C THR B 105 -9.43 -8.17 23.79
N LYS B 106 -9.55 -9.50 23.83
CA LYS B 106 -10.76 -10.13 24.35
C LYS B 106 -10.61 -10.24 25.85
N LEU B 107 -11.60 -9.75 26.59
CA LEU B 107 -11.63 -9.85 28.05
C LEU B 107 -12.56 -10.97 28.45
N THR B 108 -12.09 -11.82 29.35
CA THR B 108 -12.84 -12.97 29.83
C THR B 108 -12.94 -12.88 31.34
N VAL B 109 -14.18 -12.90 31.86
CA VAL B 109 -14.39 -12.83 33.30
C VAL B 109 -14.59 -14.25 33.82
N LEU B 110 -13.64 -14.70 34.63
CA LEU B 110 -13.56 -16.07 35.09
C LEU B 110 -14.34 -16.26 36.39
N GLY B 111 -14.28 -17.47 36.95
CA GLY B 111 -14.98 -17.76 38.18
C GLY B 111 -16.48 -17.74 38.03
N GLN B 112 -16.94 -18.04 36.85
CA GLN B 112 -18.38 -18.03 36.75
C GLN B 112 -18.94 -19.37 37.20
N PRO B 113 -20.09 -19.39 37.86
CA PRO B 113 -20.62 -20.65 38.38
C PRO B 113 -21.07 -21.57 37.27
N LYS B 114 -20.89 -22.88 37.51
CA LYS B 114 -21.31 -23.89 36.55
C LYS B 114 -22.82 -23.92 36.44
N ALA B 115 -23.33 -24.00 35.21
CA ALA B 115 -24.76 -24.00 34.95
C ALA B 115 -25.11 -25.15 34.02
N ALA B 116 -26.15 -25.92 34.37
CA ALA B 116 -26.52 -27.11 33.62
C ALA B 116 -27.36 -26.73 32.39
N PRO B 117 -27.32 -27.54 31.33
CA PRO B 117 -27.98 -27.13 30.10
C PRO B 117 -29.47 -27.45 30.10
N SER B 118 -30.21 -26.64 29.31
CA SER B 118 -31.60 -26.89 28.95
C SER B 118 -31.65 -27.48 27.56
N VAL B 119 -32.34 -28.60 27.42
CA VAL B 119 -32.42 -29.27 26.14
C VAL B 119 -33.87 -29.29 25.68
N THR B 120 -34.12 -28.77 24.48
CA THR B 120 -35.41 -28.89 23.82
C THR B 120 -35.24 -29.64 22.51
N LEU B 121 -36.06 -30.66 22.27
CA LEU B 121 -35.91 -31.48 21.08
C LEU B 121 -37.17 -31.39 20.23
N PHE B 122 -37.03 -30.97 18.95
CA PHE B 122 -38.24 -30.88 18.13
C PHE B 122 -38.23 -31.93 17.02
N PRO B 123 -39.38 -32.52 16.72
CA PRO B 123 -39.49 -33.51 15.63
C PRO B 123 -39.71 -32.83 14.29
N PRO B 124 -39.62 -33.56 13.18
CA PRO B 124 -39.88 -32.95 11.88
C PRO B 124 -41.29 -32.41 11.83
N SER B 125 -41.44 -31.23 11.27
CA SER B 125 -42.79 -30.74 11.08
C SER B 125 -43.44 -31.51 9.94
N SER B 126 -44.77 -31.55 9.98
CA SER B 126 -45.50 -32.21 8.89
C SER B 126 -45.20 -31.55 7.55
N GLU B 127 -45.02 -30.22 7.53
CA GLU B 127 -44.73 -29.59 6.25
C GLU B 127 -43.36 -30.00 5.73
N GLU B 128 -42.36 -30.11 6.61
CA GLU B 128 -41.07 -30.55 6.08
C GLU B 128 -41.15 -31.99 5.57
N LEU B 129 -41.94 -32.85 6.22
CA LEU B 129 -42.14 -34.18 5.68
C LEU B 129 -42.78 -34.13 4.30
N GLN B 130 -43.77 -33.24 4.09
CA GLN B 130 -44.39 -33.12 2.77
C GLN B 130 -43.41 -32.65 1.69
N ALA B 131 -42.30 -32.02 2.08
CA ALA B 131 -41.27 -31.60 1.13
C ALA B 131 -40.13 -32.60 1.04
N ASN B 132 -40.36 -33.82 1.51
CA ASN B 132 -39.43 -34.94 1.39
C ASN B 132 -38.10 -34.72 2.12
N LYS B 133 -38.14 -33.99 3.23
CA LYS B 133 -37.01 -33.85 4.13
C LYS B 133 -37.48 -34.09 5.55
N ALA B 134 -36.54 -34.38 6.44
CA ALA B 134 -36.88 -34.61 7.85
C ALA B 134 -35.72 -34.16 8.72
N THR B 135 -35.92 -33.11 9.51
CA THR B 135 -34.85 -32.61 10.37
C THR B 135 -35.29 -32.66 11.83
N LEU B 136 -34.46 -33.26 12.69
CA LEU B 136 -34.70 -33.22 14.12
C LEU B 136 -33.81 -32.13 14.69
N VAL B 137 -34.37 -31.30 15.56
CA VAL B 137 -33.70 -30.10 16.03
C VAL B 137 -33.49 -30.23 17.53
N CYS B 138 -32.24 -30.16 17.97
CA CYS B 138 -31.93 -30.24 19.39
C CYS B 138 -31.30 -28.92 19.83
N LEU B 139 -32.01 -28.15 20.64
CA LEU B 139 -31.53 -26.85 21.10
C LEU B 139 -31.08 -26.94 22.56
N ILE B 140 -29.81 -26.56 22.78
CA ILE B 140 -29.16 -26.63 24.08
C ILE B 140 -28.79 -25.23 24.52
N SER B 141 -29.22 -24.83 25.72
CA SER B 141 -28.87 -23.47 26.14
C SER B 141 -28.64 -23.39 27.64
N ASP B 142 -28.10 -22.23 28.03
CA ASP B 142 -27.84 -21.80 29.42
C ASP B 142 -26.83 -22.64 30.15
N PHE B 143 -25.88 -23.26 29.47
CA PHE B 143 -24.88 -24.01 30.20
C PHE B 143 -23.59 -23.21 30.32
N TYR B 144 -22.82 -23.56 31.34
CA TYR B 144 -21.52 -22.99 31.57
C TYR B 144 -20.74 -24.03 32.36
N PRO B 145 -19.48 -24.28 32.02
CA PRO B 145 -18.67 -23.74 30.92
C PRO B 145 -19.08 -24.20 29.52
N GLY B 146 -18.49 -23.60 28.48
CA GLY B 146 -18.97 -23.80 27.14
C GLY B 146 -18.47 -25.05 26.47
N ALA B 147 -18.78 -26.21 27.04
CA ALA B 147 -18.34 -27.48 26.46
C ALA B 147 -19.49 -28.45 26.59
N VAL B 148 -20.01 -28.93 25.45
CA VAL B 148 -21.01 -30.00 25.43
C VAL B 148 -20.58 -31.08 24.45
N THR B 149 -21.17 -32.25 24.64
CA THR B 149 -21.07 -33.36 23.71
C THR B 149 -22.48 -33.73 23.34
N VAL B 150 -22.76 -33.92 22.06
CA VAL B 150 -24.10 -34.30 21.63
C VAL B 150 -23.99 -35.58 20.83
N ALA B 151 -24.89 -36.50 21.12
CA ALA B 151 -24.92 -37.81 20.50
C ALA B 151 -26.38 -38.17 20.25
N TRP B 152 -26.65 -38.84 19.13
CA TRP B 152 -28.00 -39.12 18.69
C TRP B 152 -28.25 -40.62 18.70
N LYS B 153 -29.50 -41.02 18.86
CA LYS B 153 -29.86 -42.43 18.80
C LYS B 153 -31.11 -42.61 17.95
N ALA B 154 -31.08 -43.64 17.10
CA ALA B 154 -32.27 -44.18 16.47
C ALA B 154 -32.67 -45.42 17.25
N ASP B 155 -33.90 -45.43 17.76
CA ASP B 155 -34.31 -46.44 18.73
C ASP B 155 -33.30 -46.46 19.86
N SER B 156 -32.49 -47.51 19.96
CA SER B 156 -31.44 -47.53 20.96
C SER B 156 -30.02 -47.43 20.40
N SER B 157 -29.85 -47.44 19.06
CA SER B 157 -28.54 -47.48 18.38
C SER B 157 -28.04 -46.08 18.08
N PRO B 158 -26.73 -45.88 18.28
CA PRO B 158 -26.10 -44.61 17.91
C PRO B 158 -26.25 -44.31 16.44
N VAL B 159 -26.55 -43.05 16.13
CA VAL B 159 -26.60 -42.52 14.77
C VAL B 159 -25.50 -41.48 14.63
N LYS B 160 -24.55 -41.73 13.74
CA LYS B 160 -23.51 -40.74 13.50
C LYS B 160 -23.67 -40.02 12.16
N ALA B 161 -24.40 -40.61 11.21
CA ALA B 161 -24.60 -39.97 9.92
C ALA B 161 -25.69 -38.90 9.96
N GLY B 162 -25.44 -37.79 9.27
CA GLY B 162 -26.44 -36.75 9.11
C GLY B 162 -26.56 -35.81 10.28
N VAL B 163 -25.49 -35.66 11.06
CA VAL B 163 -25.49 -34.84 12.24
C VAL B 163 -24.67 -33.59 11.95
N GLU B 164 -25.24 -32.42 12.21
CA GLU B 164 -24.53 -31.17 12.17
C GLU B 164 -24.69 -30.55 13.55
N THR B 165 -23.57 -30.26 14.21
CA THR B 165 -23.59 -29.75 15.58
C THR B 165 -22.75 -28.49 15.67
N THR B 166 -23.26 -27.49 16.37
CA THR B 166 -22.50 -26.25 16.48
C THR B 166 -21.54 -26.32 17.68
N THR B 167 -20.47 -25.54 17.61
CA THR B 167 -19.69 -25.42 18.81
C THR B 167 -20.33 -24.37 19.70
N PRO B 168 -20.22 -24.51 21.03
CA PRO B 168 -20.91 -23.58 21.94
C PRO B 168 -20.48 -22.13 21.75
N SER B 169 -21.42 -21.22 21.97
CA SER B 169 -21.15 -19.79 21.88
C SER B 169 -22.00 -19.04 22.89
N LYS B 170 -21.43 -17.97 23.46
CA LYS B 170 -22.06 -17.27 24.57
C LYS B 170 -23.34 -16.56 24.13
N GLN B 171 -24.38 -16.66 24.96
CA GLN B 171 -25.59 -15.86 24.79
C GLN B 171 -25.43 -14.50 25.48
N SER B 172 -26.46 -13.65 25.33
CA SER B 172 -26.44 -12.34 25.95
C SER B 172 -26.27 -12.43 27.47
N ASN B 173 -26.77 -13.51 28.09
CA ASN B 173 -26.73 -13.66 29.54
C ASN B 173 -25.41 -14.26 30.05
N ASN B 174 -24.39 -14.41 29.21
CA ASN B 174 -23.10 -14.99 29.57
C ASN B 174 -23.16 -16.48 29.90
N LYS B 175 -24.18 -17.20 29.44
CA LYS B 175 -24.10 -18.64 29.40
C LYS B 175 -23.95 -19.09 27.93
N TYR B 176 -23.74 -20.38 27.72
CA TYR B 176 -23.46 -20.85 26.37
C TYR B 176 -24.67 -21.53 25.76
N ALA B 177 -24.73 -21.51 24.42
CA ALA B 177 -25.77 -22.22 23.69
C ALA B 177 -25.14 -23.02 22.55
N ALA B 178 -25.89 -24.03 22.09
CA ALA B 178 -25.50 -24.85 20.96
C ALA B 178 -26.75 -25.49 20.41
N SER B 179 -26.66 -25.95 19.17
CA SER B 179 -27.79 -26.62 18.55
C SER B 179 -27.28 -27.83 17.78
N SER B 180 -28.13 -28.84 17.63
CA SER B 180 -27.72 -30.00 16.84
C SER B 180 -28.84 -30.47 15.92
N TYR B 181 -28.51 -30.70 14.66
CA TYR B 181 -29.49 -31.11 13.66
C TYR B 181 -29.20 -32.53 13.18
N LEU B 182 -30.22 -33.36 13.16
CA LEU B 182 -30.12 -34.69 12.60
C LEU B 182 -30.99 -34.74 11.35
N SER B 183 -30.42 -35.14 10.23
CA SER B 183 -31.17 -35.23 8.97
C SER B 183 -31.54 -36.67 8.69
N LEU B 184 -32.84 -36.92 8.55
CA LEU B 184 -33.36 -38.21 8.08
C LEU B 184 -34.10 -38.01 6.77
N THR B 185 -34.43 -39.14 6.13
CA THR B 185 -35.50 -39.19 5.14
C THR B 185 -36.81 -39.38 5.86
N PRO B 186 -37.93 -38.97 5.26
CA PRO B 186 -39.21 -39.21 5.92
C PRO B 186 -39.46 -40.68 6.19
N GLU B 187 -38.92 -41.57 5.35
CA GLU B 187 -39.13 -43.00 5.57
C GLU B 187 -38.40 -43.48 6.82
N GLN B 188 -37.16 -43.02 7.04
CA GLN B 188 -36.48 -43.38 8.28
C GLN B 188 -37.25 -42.86 9.49
N TRP B 189 -37.57 -41.57 9.50
CA TRP B 189 -38.33 -41.00 10.60
C TRP B 189 -39.57 -41.84 10.90
N LYS B 190 -40.30 -42.23 9.85
CA LYS B 190 -41.56 -42.93 10.08
C LYS B 190 -41.35 -44.36 10.51
N SER B 191 -40.17 -44.95 10.26
CA SER B 191 -39.95 -46.38 10.43
C SER B 191 -39.30 -46.77 11.77
N HIS B 192 -38.87 -45.82 12.59
CA HIS B 192 -38.32 -46.18 13.89
C HIS B 192 -39.34 -45.90 14.98
N ARG B 193 -39.14 -46.53 16.14
CA ARG B 193 -40.00 -46.22 17.27
C ARG B 193 -39.72 -44.81 17.79
N SER B 194 -38.46 -44.39 17.81
CA SER B 194 -38.16 -43.06 18.32
C SER B 194 -36.72 -42.68 17.94
N TYR B 195 -36.42 -41.40 18.11
CA TYR B 195 -35.07 -40.89 18.03
C TYR B 195 -34.76 -40.11 19.28
N SER B 196 -33.48 -39.98 19.61
CA SER B 196 -33.10 -39.41 20.90
C SER B 196 -31.90 -38.49 20.76
N CYS B 197 -31.97 -37.35 21.46
CA CYS B 197 -30.87 -36.39 21.52
C CYS B 197 -30.32 -36.45 22.93
N GLN B 198 -29.02 -36.69 23.04
CA GLN B 198 -28.37 -36.94 24.33
C GLN B 198 -27.22 -35.96 24.48
N VAL B 199 -27.31 -35.08 25.47
CA VAL B 199 -26.41 -33.95 25.64
C VAL B 199 -25.61 -34.18 26.91
N THR B 200 -24.30 -34.03 26.83
CA THR B 200 -23.46 -34.26 27.99
C THR B 200 -22.70 -33.01 28.34
N HIS B 201 -22.63 -32.71 29.63
CA HIS B 201 -22.00 -31.49 30.09
C HIS B 201 -21.50 -31.77 31.50
N GLU B 202 -20.22 -31.52 31.75
CA GLU B 202 -19.58 -31.69 33.06
C GLU B 202 -19.92 -33.06 33.66
N GLY B 203 -19.95 -34.09 32.84
CA GLY B 203 -20.17 -35.41 33.39
C GLY B 203 -21.62 -35.81 33.59
N SER B 204 -22.57 -34.93 33.31
CA SER B 204 -23.97 -35.25 33.43
C SER B 204 -24.59 -35.34 32.05
N THR B 205 -25.69 -36.06 31.98
CA THR B 205 -26.34 -36.33 30.70
C THR B 205 -27.82 -36.01 30.75
N VAL B 206 -28.32 -35.34 29.72
CA VAL B 206 -29.75 -35.17 29.49
C VAL B 206 -30.13 -35.83 28.17
N GLU B 207 -31.21 -36.60 28.19
CA GLU B 207 -31.65 -37.26 26.98
C GLU B 207 -33.14 -37.00 26.77
N LYS B 208 -33.48 -36.43 25.62
CA LYS B 208 -34.85 -36.22 25.21
C LYS B 208 -35.17 -37.09 24.02
N THR B 209 -36.43 -37.55 23.95
CA THR B 209 -36.85 -38.45 22.89
C THR B 209 -38.10 -37.92 22.18
N VAL B 210 -38.19 -38.19 20.89
CA VAL B 210 -39.37 -37.88 20.08
C VAL B 210 -39.71 -39.07 19.21
N ALA B 211 -40.99 -39.15 18.79
CA ALA B 211 -41.46 -40.29 18.03
C ALA B 211 -42.50 -39.83 17.01
N PRO B 212 -42.66 -40.55 15.91
CA PRO B 212 -43.63 -40.12 14.89
C PRO B 212 -45.05 -40.07 15.44
N THR B 213 -45.75 -38.99 15.09
CA THR B 213 -47.13 -38.67 15.53
C THR B 213 -47.33 -38.76 17.05
N GLN C 1 28.70 -15.94 -22.71
CA GLN C 1 27.45 -15.18 -22.53
C GLN C 1 27.43 -14.45 -21.17
N VAL C 2 26.99 -13.20 -21.18
CA VAL C 2 27.07 -12.32 -20.01
C VAL C 2 25.95 -12.61 -19.04
N GLN C 3 26.27 -12.70 -17.76
CA GLN C 3 25.33 -13.16 -16.74
C GLN C 3 25.50 -12.34 -15.47
N LEU C 4 24.44 -11.65 -15.07
CA LEU C 4 24.47 -10.81 -13.89
C LEU C 4 23.82 -11.55 -12.74
N GLN C 5 24.20 -11.19 -11.51
CA GLN C 5 23.67 -11.87 -10.32
C GLN C 5 23.84 -10.96 -9.11
N GLU C 6 22.72 -10.44 -8.60
CA GLU C 6 22.71 -9.59 -7.41
C GLU C 6 22.88 -10.45 -6.16
N SER C 7 23.36 -9.83 -5.10
CA SER C 7 23.47 -10.56 -3.85
C SER C 7 23.66 -9.58 -2.70
N GLY C 8 23.20 -9.97 -1.53
CA GLY C 8 23.46 -9.19 -0.35
C GLY C 8 22.43 -9.38 0.74
N PRO C 9 22.48 -8.52 1.75
CA PRO C 9 21.57 -8.65 2.88
C PRO C 9 20.13 -8.47 2.42
N GLY C 10 19.26 -9.38 2.86
CA GLY C 10 17.85 -9.23 2.59
C GLY C 10 17.13 -8.26 3.49
N LEU C 11 17.79 -7.83 4.57
CA LEU C 11 17.18 -6.99 5.59
C LEU C 11 18.17 -5.92 6.02
N VAL C 12 17.77 -4.65 5.92
CA VAL C 12 18.55 -3.55 6.47
C VAL C 12 17.60 -2.69 7.30
N LYS C 13 18.14 -2.11 8.38
CA LYS C 13 17.44 -1.31 9.38
C LYS C 13 17.30 0.15 8.91
N PRO C 14 16.21 0.83 9.25
CA PRO C 14 16.03 2.20 8.78
C PRO C 14 17.15 3.11 9.25
N SER C 15 17.44 4.13 8.45
CA SER C 15 18.47 5.17 8.62
C SER C 15 19.87 4.67 8.31
N GLN C 16 20.02 3.47 7.77
CA GLN C 16 21.32 2.87 7.55
C GLN C 16 21.67 2.91 6.07
N THR C 17 22.82 2.34 5.75
CA THR C 17 23.25 2.14 4.37
C THR C 17 22.90 0.72 3.92
N LEU C 18 22.36 0.62 2.70
CA LEU C 18 22.01 -0.64 2.06
C LEU C 18 23.08 -0.96 1.03
N SER C 19 23.65 -2.15 1.10
CA SER C 19 24.75 -2.51 0.21
C SER C 19 24.43 -3.79 -0.56
N LEU C 20 24.39 -3.67 -1.88
CA LEU C 20 24.25 -4.81 -2.77
C LEU C 20 25.45 -4.90 -3.68
N THR C 21 25.63 -6.06 -4.30
CA THR C 21 26.77 -6.28 -5.18
C THR C 21 26.37 -7.21 -6.32
N CYS C 22 26.71 -6.84 -7.55
CA CYS C 22 26.42 -7.63 -8.74
C CYS C 22 27.65 -8.42 -9.12
N THR C 23 27.49 -9.73 -9.30
CA THR C 23 28.58 -10.56 -9.81
C THR C 23 28.38 -10.76 -11.29
N VAL C 24 29.35 -10.31 -12.08
CA VAL C 24 29.31 -10.46 -13.53
C VAL C 24 30.11 -11.70 -13.91
N SER C 25 29.48 -12.60 -14.66
CA SER C 25 30.11 -13.83 -15.12
C SER C 25 30.10 -13.86 -16.63
N GLY C 26 31.05 -14.60 -17.21
CA GLY C 26 31.17 -14.68 -18.65
C GLY C 26 31.59 -13.39 -19.33
N ASP C 27 32.17 -12.44 -18.59
CA ASP C 27 32.64 -11.16 -19.13
C ASP C 27 33.28 -10.32 -18.03
N SER C 28 33.84 -9.16 -18.38
CA SER C 28 34.37 -8.28 -17.35
C SER C 28 34.04 -6.84 -17.68
N ILE C 29 34.18 -6.00 -16.68
CA ILE C 29 33.89 -4.58 -16.82
C ILE C 29 35.13 -3.91 -17.40
N SER C 30 34.93 -3.13 -18.45
CA SER C 30 36.02 -2.37 -19.03
C SER C 30 35.42 -1.22 -19.83
N SER C 31 36.29 -0.43 -20.45
CA SER C 31 35.84 0.68 -21.26
C SER C 31 35.43 0.21 -22.65
N ASP C 32 34.50 -0.74 -22.67
CA ASP C 32 33.95 -1.31 -23.90
C ASP C 32 32.69 -0.59 -24.35
N GLY C 33 32.41 0.60 -23.82
CA GLY C 33 31.21 1.32 -24.16
C GLY C 33 29.98 0.97 -23.36
N TYR C 34 30.09 0.02 -22.42
CA TYR C 34 28.99 -0.49 -21.62
C TYR C 34 29.02 0.11 -20.24
N TYR C 35 27.84 0.46 -19.72
CA TYR C 35 27.70 0.93 -18.36
C TYR C 35 27.12 -0.17 -17.52
N TRP C 36 27.31 -0.05 -16.20
CA TRP C 36 26.83 -1.05 -15.26
C TRP C 36 25.91 -0.37 -14.26
N SER C 37 24.69 -0.87 -14.14
CA SER C 37 23.57 -0.11 -13.63
C SER C 37 22.80 -0.90 -12.58
N TRP C 38 22.19 -0.15 -11.66
CA TRP C 38 21.23 -0.68 -10.70
C TRP C 38 19.84 -0.10 -10.95
N LEU C 39 18.82 -0.94 -10.86
CA LEU C 39 17.42 -0.52 -10.92
C LEU C 39 16.66 -1.25 -9.82
N ARG C 40 15.42 -0.84 -9.56
CA ARG C 40 14.62 -1.49 -8.52
C ARG C 40 13.15 -1.40 -8.87
N GLN C 41 12.35 -2.18 -8.14
CA GLN C 41 10.90 -2.16 -8.27
C GLN C 41 10.30 -2.13 -6.87
N ARG C 42 9.67 -1.00 -6.51
CA ARG C 42 9.00 -0.92 -5.22
C ARG C 42 7.69 -1.71 -5.26
N PRO C 43 7.34 -2.43 -4.17
CA PRO C 43 6.09 -3.20 -4.14
C PRO C 43 4.90 -2.40 -4.63
N GLY C 44 4.23 -2.89 -5.67
CA GLY C 44 3.10 -2.17 -6.22
C GLY C 44 3.46 -1.01 -7.11
N LYS C 45 4.64 -1.02 -7.74
CA LYS C 45 5.06 0.12 -8.54
C LYS C 45 5.90 -0.40 -9.72
N GLY C 46 6.20 0.50 -10.65
CA GLY C 46 6.94 0.13 -11.85
C GLY C 46 8.43 -0.02 -11.59
N LEU C 47 9.18 -0.06 -12.69
CA LEU C 47 10.62 -0.15 -12.63
C LEU C 47 11.20 1.26 -12.60
N GLU C 48 12.19 1.48 -11.73
CA GLU C 48 12.91 2.76 -11.73
C GLU C 48 14.40 2.54 -11.77
N TRP C 49 15.07 3.39 -12.55
CA TRP C 49 16.52 3.43 -12.62
C TRP C 49 17.09 4.06 -11.35
N ILE C 50 18.16 3.47 -10.82
CA ILE C 50 18.89 4.06 -9.71
C ILE C 50 20.13 4.80 -10.18
N GLY C 51 20.90 4.19 -11.07
CA GLY C 51 22.10 4.85 -11.57
C GLY C 51 23.01 3.87 -12.25
N TYR C 52 24.02 4.41 -12.92
CA TYR C 52 24.99 3.52 -13.51
C TYR C 52 26.37 4.15 -13.51
N ILE C 53 27.37 3.32 -13.81
CA ILE C 53 28.77 3.68 -13.77
C ILE C 53 29.47 3.17 -15.03
N TYR C 54 30.43 3.95 -15.51
CA TYR C 54 31.29 3.53 -16.60
C TYR C 54 32.67 3.22 -16.07
N ASN C 55 33.37 2.30 -16.74
CA ASN C 55 34.65 1.85 -16.24
C ASN C 55 35.64 2.99 -16.08
N SER C 56 35.43 4.10 -16.79
CA SER C 56 36.24 5.30 -16.55
C SER C 56 36.15 5.77 -15.11
N GLY C 57 35.02 5.56 -14.46
CA GLY C 57 34.79 6.06 -13.12
C GLY C 57 33.66 7.06 -13.03
N SER C 58 33.24 7.62 -14.17
CA SER C 58 32.07 8.50 -14.20
C SER C 58 30.82 7.74 -13.76
N THR C 59 30.07 8.33 -12.82
CA THR C 59 28.79 7.79 -12.38
C THR C 59 27.66 8.74 -12.73
N HIS C 60 26.46 8.19 -12.92
CA HIS C 60 25.27 9.03 -13.05
C HIS C 60 24.09 8.40 -12.30
N TYR C 61 23.46 9.19 -11.42
CA TYR C 61 22.43 8.68 -10.52
C TYR C 61 21.08 9.32 -10.81
N ASN C 62 20.01 8.58 -10.50
CA ASN C 62 18.67 9.13 -10.60
C ASN C 62 18.59 10.41 -9.78
N PRO C 63 18.23 11.54 -10.38
CA PRO C 63 18.16 12.80 -9.63
C PRO C 63 17.33 12.73 -8.34
N SER C 64 16.26 11.93 -8.32
CA SER C 64 15.36 11.84 -7.17
C SER C 64 15.94 10.97 -6.08
N LEU C 65 17.25 10.79 -6.10
CA LEU C 65 17.92 9.88 -5.19
C LEU C 65 19.36 10.35 -4.97
N ASN C 66 19.98 10.87 -6.03
CA ASN C 66 21.41 11.18 -6.16
C ASN C 66 22.08 11.37 -4.79
N SER C 67 21.52 12.29 -3.99
CA SER C 67 21.90 12.51 -2.60
C SER C 67 22.50 11.28 -1.90
N ARG C 68 21.85 10.11 -2.01
CA ARG C 68 22.16 8.95 -1.17
C ARG C 68 22.71 7.76 -1.95
N VAL C 69 23.03 7.92 -3.22
CA VAL C 69 23.41 6.80 -4.07
C VAL C 69 24.90 6.82 -4.29
N SER C 70 25.49 5.63 -4.36
CA SER C 70 26.92 5.50 -4.62
C SER C 70 27.16 4.16 -5.29
N ILE C 71 27.74 4.17 -6.50
CA ILE C 71 28.04 2.95 -7.23
C ILE C 71 29.54 2.89 -7.50
N SER C 72 30.10 1.69 -7.46
CA SER C 72 31.54 1.52 -7.63
C SER C 72 31.84 0.18 -8.25
N ILE C 73 32.97 0.12 -8.96
CA ILE C 73 33.45 -1.10 -9.63
C ILE C 73 34.56 -1.69 -8.81
N ASP C 74 34.54 -3.01 -8.64
CA ASP C 74 35.56 -3.65 -7.84
C ASP C 74 36.82 -3.90 -8.68
N THR C 75 37.96 -3.95 -8.00
CA THR C 75 39.24 -4.13 -8.68
C THR C 75 39.25 -5.31 -9.63
N SER C 76 38.66 -6.44 -9.23
CA SER C 76 38.68 -7.64 -10.06
C SER C 76 37.99 -7.45 -11.41
N LYS C 77 37.32 -6.33 -11.65
CA LYS C 77 36.66 -6.03 -12.91
C LYS C 77 35.48 -6.96 -13.19
N THR C 78 35.09 -7.79 -12.21
CA THR C 78 33.99 -8.73 -12.35
C THR C 78 32.85 -8.48 -11.35
N GLN C 79 32.87 -7.34 -10.66
CA GLN C 79 31.84 -7.02 -9.68
C GLN C 79 31.68 -5.51 -9.61
N PHE C 80 30.44 -5.07 -9.38
CA PHE C 80 30.17 -3.69 -9.03
C PHE C 80 29.07 -3.65 -7.99
N SER C 81 29.06 -2.57 -7.21
CA SER C 81 28.31 -2.54 -5.97
C SER C 81 27.45 -1.28 -5.87
N LEU C 82 26.31 -1.44 -5.21
CA LEU C 82 25.42 -0.34 -4.88
C LEU C 82 25.49 -0.08 -3.39
N LYS C 83 25.56 1.19 -3.02
CA LYS C 83 25.35 1.61 -1.64
C LYS C 83 24.29 2.69 -1.64
N LEU C 84 23.26 2.51 -0.83
CA LEU C 84 22.15 3.45 -0.74
C LEU C 84 21.96 3.78 0.73
N SER C 85 22.13 5.05 1.08
CA SER C 85 22.19 5.45 2.49
C SER C 85 20.86 6.04 2.97
N SER C 86 20.78 6.24 4.30
CA SER C 86 19.62 6.81 4.98
C SER C 86 18.32 6.17 4.51
N VAL C 87 18.29 4.83 4.54
CA VAL C 87 17.19 4.11 3.92
C VAL C 87 15.96 4.20 4.81
N THR C 88 14.81 4.34 4.18
CA THR C 88 13.52 4.42 4.85
C THR C 88 12.69 3.22 4.39
N ALA C 89 11.42 3.16 4.80
CA ALA C 89 10.59 2.05 4.37
C ALA C 89 10.35 2.08 2.87
N ALA C 90 10.26 3.27 2.28
CA ALA C 90 10.00 3.36 0.85
C ALA C 90 11.18 2.88 0.01
N ASP C 91 12.25 2.43 0.64
CA ASP C 91 13.37 1.85 -0.09
C ASP C 91 13.27 0.34 -0.19
N THR C 92 12.29 -0.25 0.50
CA THR C 92 11.94 -1.66 0.31
C THR C 92 11.51 -1.89 -1.12
N ALA C 93 12.16 -2.83 -1.78
CA ALA C 93 12.03 -3.00 -3.22
C ALA C 93 12.78 -4.25 -3.63
N VAL C 94 12.49 -4.72 -4.83
CA VAL C 94 13.33 -5.73 -5.47
C VAL C 94 14.37 -4.98 -6.30
N TYR C 95 15.65 -5.26 -6.04
CA TYR C 95 16.75 -4.55 -6.70
C TYR C 95 17.34 -5.41 -7.81
N TYR C 96 17.49 -4.82 -8.99
CA TYR C 96 18.11 -5.49 -10.12
C TYR C 96 19.40 -4.78 -10.50
N CYS C 97 20.36 -5.56 -10.99
CA CYS C 97 21.50 -4.98 -11.69
C CYS C 97 21.33 -5.25 -13.17
N ALA C 98 21.92 -4.38 -13.99
CA ALA C 98 21.76 -4.57 -15.42
C ALA C 98 22.96 -3.99 -16.14
N ARG C 99 23.22 -4.51 -17.32
CA ARG C 99 24.18 -3.93 -18.22
C ARG C 99 23.48 -2.90 -19.10
N ALA C 100 24.07 -1.72 -19.23
CA ALA C 100 23.44 -0.63 -19.98
C ALA C 100 24.34 -0.20 -21.13
N LEU C 101 23.75 -0.15 -22.32
CA LEU C 101 24.39 0.43 -23.50
C LEU C 101 23.99 1.91 -23.56
N VAL C 102 24.94 2.81 -23.34
CA VAL C 102 24.62 4.22 -23.12
C VAL C 102 25.33 5.05 -24.16
N LEU C 103 24.57 5.58 -25.13
CA LEU C 103 25.07 6.51 -26.14
C LEU C 103 24.15 7.73 -26.17
N ILE C 104 24.68 8.88 -25.75
CA ILE C 104 23.96 10.16 -25.69
C ILE C 104 22.66 10.03 -24.89
N THR C 105 21.51 9.97 -25.55
CA THR C 105 20.25 9.73 -24.85
C THR C 105 19.70 8.34 -25.12
N TYR C 106 20.46 7.48 -25.79
CA TYR C 106 20.09 6.09 -25.97
C TYR C 106 20.60 5.29 -24.77
N VAL C 107 19.68 4.63 -24.07
CA VAL C 107 19.99 3.82 -22.90
C VAL C 107 19.21 2.52 -23.00
N TRP C 108 19.92 1.42 -23.19
CA TRP C 108 19.30 0.11 -23.34
C TRP C 108 19.85 -0.83 -22.26
N PHE C 109 18.95 -1.43 -21.49
CA PHE C 109 19.30 -2.36 -20.42
C PHE C 109 19.20 -3.79 -20.96
N ASP C 110 20.33 -4.49 -20.98
CA ASP C 110 20.38 -5.87 -21.44
C ASP C 110 21.76 -6.46 -21.16
N PRO C 111 21.84 -7.59 -20.47
CA PRO C 111 20.74 -8.28 -19.77
C PRO C 111 20.47 -7.69 -18.38
N TRP C 112 19.45 -8.20 -17.69
CA TRP C 112 19.17 -7.88 -16.31
C TRP C 112 19.44 -9.10 -15.43
N GLY C 113 19.78 -8.84 -14.17
CA GLY C 113 19.79 -9.89 -13.19
C GLY C 113 18.38 -10.31 -12.79
N GLN C 114 18.31 -11.36 -11.97
CA GLN C 114 17.03 -11.86 -11.52
C GLN C 114 16.42 -10.98 -10.44
N GLY C 115 17.25 -10.23 -9.71
CA GLY C 115 16.80 -9.38 -8.62
C GLY C 115 16.77 -10.04 -7.26
N THR C 116 17.21 -9.33 -6.22
CA THR C 116 17.01 -9.71 -4.82
C THR C 116 16.16 -8.66 -4.13
N LEU C 117 15.40 -9.11 -3.15
CA LEU C 117 14.52 -8.25 -2.39
C LEU C 117 15.23 -7.76 -1.14
N VAL C 118 15.21 -6.45 -0.93
CA VAL C 118 15.65 -5.86 0.32
C VAL C 118 14.42 -5.25 0.99
N THR C 119 14.21 -5.62 2.25
CA THR C 119 13.13 -5.09 3.04
C THR C 119 13.74 -4.23 4.14
N VAL C 120 13.34 -2.97 4.22
CA VAL C 120 13.84 -2.05 5.23
C VAL C 120 12.91 -2.11 6.43
N SER C 121 13.44 -2.51 7.59
CA SER C 121 12.60 -2.84 8.72
C SER C 121 13.40 -2.74 10.00
N SER C 122 12.77 -2.22 11.06
CA SER C 122 13.35 -2.23 12.39
C SER C 122 13.16 -3.57 13.10
N ALA C 123 12.44 -4.50 12.49
CA ALA C 123 12.24 -5.82 13.08
C ALA C 123 13.50 -6.66 12.92
N SER C 124 13.70 -7.58 13.86
CA SER C 124 14.86 -8.44 13.83
C SER C 124 14.50 -9.77 13.19
N THR C 125 15.50 -10.40 12.55
CA THR C 125 15.24 -11.65 11.83
C THR C 125 14.94 -12.78 12.80
N LYS C 126 14.15 -13.74 12.32
CA LYS C 126 13.88 -14.98 13.04
C LYS C 126 13.90 -16.12 12.04
N GLY C 127 14.57 -17.20 12.43
CA GLY C 127 14.51 -18.43 11.68
C GLY C 127 13.17 -19.11 11.81
N PRO C 128 12.89 -20.04 10.92
CA PRO C 128 11.58 -20.69 10.92
C PRO C 128 11.56 -22.02 11.64
N SER C 129 10.45 -22.32 12.30
CA SER C 129 10.17 -23.67 12.76
C SER C 129 9.66 -24.50 11.58
N VAL C 130 10.16 -25.72 11.45
CA VAL C 130 9.83 -26.57 10.32
C VAL C 130 9.16 -27.83 10.83
N PHE C 131 7.99 -28.12 10.30
CA PHE C 131 7.27 -29.31 10.77
C PHE C 131 6.84 -30.21 9.62
N PRO C 132 6.80 -31.52 9.88
CA PRO C 132 6.42 -32.47 8.83
C PRO C 132 4.92 -32.54 8.61
N LEU C 133 4.53 -32.54 7.35
CA LEU C 133 3.15 -32.81 6.98
C LEU C 133 3.13 -34.22 6.40
N ALA C 134 2.67 -35.17 7.22
CA ALA C 134 2.66 -36.58 6.88
C ALA C 134 1.53 -36.91 5.90
N PRO C 135 1.58 -38.09 5.27
CA PRO C 135 0.52 -38.49 4.33
C PRO C 135 -0.58 -39.30 5.00
N SER C 136 -1.81 -39.09 4.54
CA SER C 136 -2.98 -39.75 5.12
C SER C 136 -3.41 -40.99 4.31
N GLY C 142 -5.70 -41.97 -5.51
CA GLY C 142 -5.65 -42.90 -6.62
C GLY C 142 -4.22 -43.28 -6.98
N GLY C 143 -3.58 -44.10 -6.14
CA GLY C 143 -2.18 -44.39 -6.34
C GLY C 143 -1.30 -43.26 -5.85
N THR C 144 -1.83 -42.04 -5.86
CA THR C 144 -1.08 -40.85 -5.46
C THR C 144 -1.35 -40.50 -4.01
N ALA C 145 -0.39 -39.82 -3.39
CA ALA C 145 -0.53 -39.33 -2.02
C ALA C 145 0.36 -38.11 -1.83
N ALA C 146 -0.07 -37.21 -0.94
CA ALA C 146 0.62 -35.95 -0.72
C ALA C 146 1.29 -35.89 0.66
N LEU C 147 2.37 -35.11 0.73
CA LEU C 147 3.13 -34.90 1.95
C LEU C 147 3.95 -33.62 1.78
N GLY C 148 4.41 -33.05 2.89
CA GLY C 148 5.18 -31.84 2.75
C GLY C 148 5.74 -31.33 4.05
N CYS C 149 6.31 -30.13 3.97
CA CYS C 149 6.90 -29.44 5.11
C CYS C 149 6.18 -28.12 5.36
N LEU C 150 5.99 -27.79 6.63
CA LEU C 150 5.46 -26.50 7.02
C LEU C 150 6.60 -25.65 7.57
N VAL C 151 6.82 -24.50 6.97
CA VAL C 151 7.90 -23.60 7.38
C VAL C 151 7.22 -22.44 8.10
N LYS C 152 7.22 -22.52 9.43
CA LYS C 152 6.39 -21.65 10.25
C LYS C 152 7.20 -20.53 10.90
N ASP C 153 6.71 -19.30 10.78
CA ASP C 153 7.09 -18.18 11.64
C ASP C 153 8.56 -17.78 11.42
N TYR C 154 8.81 -17.20 10.27
CA TYR C 154 10.13 -16.69 9.98
C TYR C 154 10.02 -15.28 9.42
N PHE C 155 11.12 -14.55 9.52
CA PHE C 155 11.16 -13.22 8.95
C PHE C 155 12.60 -12.89 8.63
N PRO C 156 12.87 -12.24 7.50
CA PRO C 156 11.93 -11.86 6.44
C PRO C 156 11.98 -12.83 5.28
N GLU C 157 11.16 -12.57 4.25
CA GLU C 157 11.21 -13.37 3.05
C GLU C 157 12.59 -13.22 2.41
N PRO C 158 13.09 -14.28 1.74
CA PRO C 158 12.45 -15.57 1.46
C PRO C 158 13.08 -16.78 2.15
N VAL C 159 12.46 -17.96 1.98
CA VAL C 159 13.07 -19.23 2.32
C VAL C 159 13.01 -20.11 1.09
N THR C 160 13.91 -21.09 1.06
CA THR C 160 14.03 -22.04 -0.04
C THR C 160 13.76 -23.43 0.50
N VAL C 161 13.07 -24.25 -0.28
CA VAL C 161 12.77 -25.60 0.16
C VAL C 161 13.01 -26.53 -1.02
N SER C 162 14.05 -27.34 -0.93
CA SER C 162 14.23 -28.44 -1.86
C SER C 162 13.75 -29.73 -1.21
N TRP C 163 13.75 -30.81 -2.00
CA TRP C 163 13.26 -32.10 -1.56
C TRP C 163 14.24 -33.17 -1.98
N ASN C 164 14.81 -33.87 -0.98
CA ASN C 164 15.87 -34.84 -1.17
C ASN C 164 17.11 -34.20 -1.82
N SER C 165 17.44 -32.98 -1.37
CA SER C 165 18.62 -32.24 -1.81
C SER C 165 18.67 -32.10 -3.33
N GLY C 166 17.51 -31.97 -3.96
CA GLY C 166 17.42 -31.82 -5.39
C GLY C 166 17.15 -33.10 -6.17
N ALA C 167 17.03 -34.25 -5.49
CA ALA C 167 16.76 -35.50 -6.19
C ALA C 167 15.27 -35.69 -6.46
N LEU C 168 14.40 -35.09 -5.66
CA LEU C 168 12.97 -35.07 -5.91
C LEU C 168 12.60 -33.73 -6.53
N THR C 169 11.98 -33.77 -7.71
CA THR C 169 11.69 -32.55 -8.46
C THR C 169 10.28 -32.57 -9.04
N SER C 170 9.86 -33.72 -9.56
CA SER C 170 8.53 -33.82 -10.14
C SER C 170 7.48 -33.82 -9.03
N GLY C 171 6.51 -32.92 -9.13
CA GLY C 171 5.42 -32.88 -8.18
C GLY C 171 5.67 -32.12 -6.92
N VAL C 172 6.71 -31.28 -6.87
CA VAL C 172 6.92 -30.39 -5.73
C VAL C 172 6.30 -29.04 -6.06
N HIS C 173 5.44 -28.57 -5.17
CA HIS C 173 4.87 -27.23 -5.27
C HIS C 173 5.12 -26.54 -3.95
N THR C 174 5.89 -25.46 -4.01
CA THR C 174 6.24 -24.66 -2.85
C THR C 174 5.34 -23.44 -2.88
N PHE C 175 4.47 -23.33 -1.88
CA PHE C 175 3.41 -22.34 -1.99
C PHE C 175 3.91 -20.96 -1.60
N PRO C 176 3.37 -19.92 -2.23
CA PRO C 176 3.57 -18.56 -1.72
C PRO C 176 3.24 -18.48 -0.24
N ALA C 177 4.10 -17.79 0.50
CA ALA C 177 3.97 -17.71 1.94
C ALA C 177 2.85 -16.77 2.34
N VAL C 178 2.30 -17.03 3.51
CA VAL C 178 1.31 -16.16 4.10
C VAL C 178 2.01 -15.22 5.04
N LEU C 179 1.51 -14.00 5.12
CA LEU C 179 1.99 -13.01 6.08
C LEU C 179 1.02 -13.01 7.27
N GLN C 180 1.39 -13.72 8.34
CA GLN C 180 0.57 -13.68 9.54
C GLN C 180 0.46 -12.24 10.04
N SER C 181 -0.58 -11.98 10.84
CA SER C 181 -0.72 -10.67 11.44
C SER C 181 0.44 -10.35 12.38
N SER C 182 1.17 -11.36 12.87
CA SER C 182 2.30 -11.09 13.74
C SER C 182 3.47 -10.42 13.03
N GLY C 183 3.39 -10.25 11.73
CA GLY C 183 4.54 -9.81 10.98
C GLY C 183 5.42 -10.94 10.48
N LEU C 184 5.26 -12.15 11.00
CA LEU C 184 6.05 -13.29 10.59
C LEU C 184 5.41 -14.01 9.40
N TYR C 185 6.24 -14.77 8.68
CA TYR C 185 5.81 -15.49 7.49
C TYR C 185 5.65 -16.97 7.76
N SER C 186 4.90 -17.63 6.88
CA SER C 186 4.77 -19.08 6.89
C SER C 186 4.49 -19.55 5.48
N LEU C 187 5.04 -20.71 5.12
CA LEU C 187 4.67 -21.34 3.87
C LEU C 187 4.61 -22.85 4.02
N SER C 188 4.17 -23.51 2.97
CA SER C 188 4.20 -24.96 2.86
C SER C 188 4.77 -25.37 1.51
N SER C 189 5.35 -26.56 1.48
CA SER C 189 5.83 -27.18 0.25
C SER C 189 5.32 -28.61 0.23
N VAL C 190 4.69 -29.01 -0.86
CA VAL C 190 4.00 -30.29 -0.95
C VAL C 190 4.56 -31.09 -2.11
N VAL C 191 4.84 -32.37 -1.87
CA VAL C 191 5.18 -33.32 -2.93
C VAL C 191 4.13 -34.40 -2.96
N THR C 192 3.75 -34.79 -4.17
CA THR C 192 2.94 -35.96 -4.42
C THR C 192 3.85 -37.05 -4.94
N VAL C 193 3.68 -38.26 -4.40
CA VAL C 193 4.61 -39.40 -4.60
C VAL C 193 3.75 -40.66 -4.72
N PRO C 194 4.30 -41.85 -5.07
CA PRO C 194 3.46 -43.02 -5.10
C PRO C 194 3.15 -43.57 -3.71
N SER C 195 1.90 -43.98 -3.53
CA SER C 195 1.53 -44.60 -2.25
C SER C 195 2.46 -45.76 -1.92
N SER C 196 2.91 -46.50 -2.95
CA SER C 196 3.81 -47.62 -2.73
C SER C 196 5.15 -47.17 -2.14
N SER C 197 5.85 -46.26 -2.83
CA SER C 197 7.18 -45.87 -2.39
C SER C 197 7.19 -45.10 -1.07
N LEU C 198 6.03 -44.73 -0.53
CA LEU C 198 6.01 -44.13 0.81
C LEU C 198 6.68 -45.05 1.82
N GLY C 199 6.37 -46.35 1.77
CA GLY C 199 7.12 -47.30 2.57
C GLY C 199 8.51 -47.56 2.06
N THR C 200 8.81 -47.17 0.81
CA THR C 200 10.11 -47.46 0.19
C THR C 200 11.10 -46.30 0.31
N GLN C 201 11.00 -45.27 -0.54
CA GLN C 201 12.00 -44.20 -0.55
C GLN C 201 11.83 -43.28 0.66
N THR C 202 12.96 -42.73 1.10
CA THR C 202 12.96 -41.76 2.20
C THR C 202 12.75 -40.35 1.64
N TYR C 203 11.95 -39.56 2.36
CA TYR C 203 11.56 -38.23 1.92
C TYR C 203 12.00 -37.20 2.95
N ILE C 204 12.99 -36.39 2.60
CA ILE C 204 13.49 -35.32 3.44
C ILE C 204 13.37 -34.02 2.65
N CYS C 205 12.90 -32.96 3.31
CA CYS C 205 12.91 -31.63 2.74
C CYS C 205 14.03 -30.79 3.37
N ASN C 206 14.49 -29.81 2.62
CA ASN C 206 15.66 -29.03 3.02
C ASN C 206 15.29 -27.56 3.00
N VAL C 207 15.15 -26.96 4.16
CA VAL C 207 14.74 -25.58 4.25
C VAL C 207 15.97 -24.73 4.47
N ASN C 208 15.94 -23.52 3.94
CA ASN C 208 17.10 -22.65 3.94
C ASN C 208 16.59 -21.22 4.04
N HIS C 209 16.74 -20.60 5.21
CA HIS C 209 16.35 -19.20 5.40
C HIS C 209 17.65 -18.42 5.55
N LYS C 210 17.93 -17.54 4.59
CA LYS C 210 19.26 -16.94 4.52
C LYS C 210 19.52 -15.95 5.65
N PRO C 211 18.74 -14.84 5.81
CA PRO C 211 19.22 -13.76 6.69
C PRO C 211 19.16 -14.11 8.17
N SER C 212 18.95 -15.40 8.46
CA SER C 212 19.06 -15.94 9.80
C SER C 212 20.04 -17.09 9.87
N ASN C 213 20.63 -17.50 8.74
CA ASN C 213 21.61 -18.58 8.66
C ASN C 213 21.04 -19.88 9.26
N THR C 214 19.90 -20.29 8.70
CA THR C 214 19.19 -21.50 9.11
C THR C 214 19.08 -22.45 7.93
N LYS C 215 19.63 -23.65 8.08
CA LYS C 215 19.49 -24.74 7.12
C LYS C 215 18.95 -25.95 7.88
N VAL C 216 17.72 -26.35 7.61
CA VAL C 216 17.05 -27.40 8.37
C VAL C 216 16.67 -28.56 7.45
N ASP C 217 16.92 -29.77 7.94
CA ASP C 217 16.45 -31.00 7.32
C ASP C 217 15.32 -31.60 8.14
N LYS C 218 14.34 -32.17 7.45
CA LYS C 218 13.20 -32.77 8.11
C LYS C 218 12.77 -33.98 7.30
N LYS C 219 12.69 -35.13 7.95
CA LYS C 219 12.15 -36.32 7.33
C LYS C 219 10.65 -36.42 7.61
N VAL C 220 9.87 -36.70 6.57
CA VAL C 220 8.42 -36.84 6.70
C VAL C 220 8.10 -38.31 6.45
N GLU C 221 7.61 -39.00 7.47
CA GLU C 221 7.29 -40.42 7.41
C GLU C 221 5.88 -40.63 7.95
N PRO C 222 5.16 -41.64 7.45
CA PRO C 222 3.73 -41.77 7.80
C PRO C 222 3.51 -42.17 9.24
N LYS C 223 2.37 -41.72 9.80
CA LYS C 223 2.09 -41.88 11.22
C LYS C 223 1.76 -43.33 11.57
N SER C 224 1.83 -43.64 12.87
CA SER C 224 1.55 -44.98 13.37
C SER C 224 0.11 -45.08 13.88
N ASN D 1 8.99 16.62 -15.14
CA ASN D 1 9.85 16.54 -16.32
C ASN D 1 9.28 15.60 -17.37
N PHE D 2 10.11 15.13 -18.28
CA PHE D 2 9.64 14.18 -19.27
C PHE D 2 9.11 12.92 -18.60
N MET D 3 7.87 12.55 -18.94
CA MET D 3 7.20 11.37 -18.40
C MET D 3 6.66 10.51 -19.53
N LEU D 4 6.51 9.22 -19.26
CA LEU D 4 5.79 8.31 -20.14
C LEU D 4 4.70 7.61 -19.36
N THR D 5 3.47 7.63 -19.86
CA THR D 5 2.36 6.98 -19.19
C THR D 5 1.76 5.90 -20.07
N GLN D 6 1.46 4.77 -19.48
CA GLN D 6 0.81 3.69 -20.21
C GLN D 6 -0.34 3.15 -19.39
N PRO D 7 -1.33 2.54 -20.03
CA PRO D 7 -2.49 2.01 -19.29
C PRO D 7 -2.04 1.00 -18.25
N HIS D 8 -2.72 1.01 -17.11
CA HIS D 8 -2.39 0.07 -16.04
C HIS D 8 -2.47 -1.37 -16.53
N SER D 9 -3.47 -1.69 -17.33
CA SER D 9 -3.63 -3.05 -17.81
C SER D 9 -4.42 -3.07 -19.11
N VAL D 10 -4.25 -4.16 -19.85
CA VAL D 10 -4.98 -4.42 -21.07
C VAL D 10 -5.17 -5.94 -21.15
N SER D 11 -6.03 -6.39 -22.05
CA SER D 11 -6.36 -7.80 -22.07
C SER D 11 -6.99 -8.15 -23.41
N GLU D 12 -6.83 -9.39 -23.80
CA GLU D 12 -7.28 -9.83 -25.12
C GLU D 12 -7.29 -11.36 -25.15
N SER D 13 -7.91 -11.91 -26.20
CA SER D 13 -8.02 -13.36 -26.31
C SER D 13 -6.94 -13.92 -27.23
N PRO D 14 -6.56 -15.19 -27.01
CA PRO D 14 -5.47 -15.77 -27.81
C PRO D 14 -5.77 -15.75 -29.29
N GLY D 15 -4.73 -15.49 -30.08
CA GLY D 15 -4.81 -15.41 -31.51
C GLY D 15 -5.11 -14.03 -32.06
N LYS D 16 -5.69 -13.15 -31.26
CA LYS D 16 -6.00 -11.80 -31.71
C LYS D 16 -4.79 -10.90 -31.44
N THR D 17 -4.94 -9.61 -31.65
CA THR D 17 -3.84 -8.66 -31.53
C THR D 17 -4.16 -7.60 -30.49
N VAL D 18 -3.15 -7.17 -29.74
CA VAL D 18 -3.34 -6.13 -28.74
C VAL D 18 -2.24 -5.10 -28.92
N THR D 19 -2.58 -3.85 -28.62
CA THR D 19 -1.64 -2.75 -28.72
C THR D 19 -1.50 -2.13 -27.34
N ILE D 20 -0.27 -1.95 -26.91
CA ILE D 20 0.06 -1.17 -25.73
C ILE D 20 0.69 0.11 -26.22
N SER D 21 0.20 1.24 -25.74
CA SER D 21 0.73 2.52 -26.17
C SER D 21 1.21 3.30 -24.96
N CYS D 22 2.17 4.18 -25.20
CA CYS D 22 2.89 4.83 -24.10
C CYS D 22 3.12 6.28 -24.52
N THR D 23 2.31 7.18 -23.96
CA THR D 23 2.28 8.58 -24.38
C THR D 23 3.22 9.41 -23.53
N GLY D 24 3.95 10.31 -24.20
CA GLY D 24 4.88 11.19 -23.51
C GLY D 24 4.21 12.46 -23.03
N SER D 25 4.64 12.92 -21.87
CA SER D 25 4.24 14.23 -21.36
C SER D 25 5.44 15.15 -21.37
N SER D 26 5.29 16.32 -21.99
CA SER D 26 6.28 17.40 -21.98
C SER D 26 7.64 16.89 -22.47
N GLY D 27 7.75 16.76 -23.79
CA GLY D 27 8.84 16.11 -24.46
C GLY D 27 8.30 15.33 -25.63
N SER D 28 8.99 15.32 -26.77
CA SER D 28 8.55 14.55 -27.92
C SER D 28 9.19 13.17 -27.85
N VAL D 29 8.36 12.14 -27.64
CA VAL D 29 8.89 10.78 -27.48
C VAL D 29 9.67 10.36 -28.72
N ALA D 30 9.33 10.92 -29.88
CA ALA D 30 10.05 10.63 -31.11
C ALA D 30 11.47 11.19 -31.12
N SER D 31 11.84 12.00 -30.15
CA SER D 31 13.16 12.60 -30.22
C SER D 31 14.26 11.68 -29.72
N ASN D 32 13.90 10.55 -29.10
CA ASN D 32 14.85 9.68 -28.43
C ASN D 32 14.36 8.25 -28.47
N TYR D 33 15.31 7.33 -28.68
CA TYR D 33 14.96 5.92 -28.84
C TYR D 33 14.20 5.43 -27.62
N VAL D 34 13.16 4.66 -27.85
CA VAL D 34 12.41 4.04 -26.76
C VAL D 34 12.57 2.53 -26.83
N GLN D 35 12.67 1.90 -25.67
CA GLN D 35 12.79 0.45 -25.58
C GLN D 35 11.51 -0.13 -25.01
N TRP D 36 11.35 -1.45 -25.14
CA TRP D 36 10.19 -2.16 -24.58
C TRP D 36 10.66 -3.41 -23.86
N TYR D 37 10.40 -3.48 -22.55
CA TYR D 37 10.83 -4.61 -21.73
C TYR D 37 9.63 -5.47 -21.36
N GLN D 38 9.86 -6.78 -21.34
CA GLN D 38 8.87 -7.73 -20.89
C GLN D 38 9.35 -8.30 -19.57
N HIS D 39 8.46 -8.37 -18.59
CA HIS D 39 8.85 -8.76 -17.23
C HIS D 39 7.77 -9.71 -16.72
N ARG D 40 8.07 -10.97 -16.70
CA ARG D 40 7.20 -11.85 -15.95
C ARG D 40 7.58 -11.80 -14.48
N PRO D 41 6.61 -11.93 -13.58
CA PRO D 41 6.94 -11.88 -12.14
C PRO D 41 7.81 -13.08 -11.76
N GLY D 42 8.91 -12.79 -11.05
CA GLY D 42 9.87 -13.80 -10.64
C GLY D 42 11.00 -14.03 -11.62
N SER D 43 10.88 -13.56 -12.85
CA SER D 43 11.89 -13.71 -13.89
C SER D 43 12.71 -12.43 -13.99
N ALA D 44 13.85 -12.54 -14.63
CA ALA D 44 14.52 -11.29 -14.93
C ALA D 44 13.83 -10.60 -16.11
N PRO D 45 13.69 -9.28 -16.08
CA PRO D 45 13.20 -8.58 -17.26
C PRO D 45 14.03 -8.93 -18.49
N THR D 46 13.37 -8.94 -19.65
CA THR D 46 14.05 -9.11 -20.93
C THR D 46 13.54 -8.04 -21.89
N THR D 47 14.09 -8.04 -23.09
CA THR D 47 13.77 -7.02 -24.08
C THR D 47 12.93 -7.64 -25.20
N VAL D 48 11.90 -6.91 -25.62
CA VAL D 48 11.19 -7.27 -26.83
C VAL D 48 11.48 -6.29 -27.97
N ILE D 49 11.74 -5.01 -27.66
CA ILE D 49 12.01 -4.01 -28.69
C ILE D 49 13.07 -3.07 -28.16
N TYR D 50 14.01 -2.69 -29.03
CA TYR D 50 14.95 -1.62 -28.73
C TYR D 50 15.03 -0.72 -29.94
N GLU D 51 15.45 0.52 -29.71
CA GLU D 51 15.66 1.51 -30.78
C GLU D 51 14.35 1.72 -31.53
N ASP D 52 13.29 2.00 -30.75
CA ASP D 52 11.96 2.22 -31.31
C ASP D 52 11.35 0.95 -31.92
N ASN D 53 12.04 0.25 -32.81
CA ASN D 53 11.34 -0.79 -33.57
C ASN D 53 12.21 -2.01 -33.89
N GLN D 54 13.34 -2.18 -33.23
CA GLN D 54 14.24 -3.28 -33.50
C GLN D 54 13.98 -4.40 -32.50
N ARG D 55 13.87 -5.63 -33.00
CA ARG D 55 13.68 -6.65 -31.98
C ARG D 55 14.93 -7.51 -31.88
N PRO D 56 15.33 -7.88 -30.67
CA PRO D 56 16.54 -8.70 -30.53
C PRO D 56 16.31 -10.07 -31.14
N SER D 57 17.40 -10.81 -31.29
CA SER D 57 17.27 -12.14 -31.86
C SER D 57 16.57 -13.05 -30.87
N GLY D 58 15.76 -13.97 -31.41
CA GLY D 58 14.97 -14.81 -30.55
C GLY D 58 13.68 -14.18 -30.05
N VAL D 59 13.39 -12.94 -30.44
CA VAL D 59 12.07 -12.36 -30.25
C VAL D 59 11.33 -12.49 -31.57
N PRO D 60 10.19 -13.20 -31.61
CA PRO D 60 9.50 -13.43 -32.87
C PRO D 60 8.81 -12.16 -33.35
N ASP D 61 8.58 -12.11 -34.66
CA ASP D 61 7.99 -10.87 -35.20
C ASP D 61 6.50 -10.69 -34.83
N ARG D 62 5.90 -11.50 -33.94
CA ARG D 62 4.62 -11.13 -33.37
C ARG D 62 4.72 -9.78 -32.66
N PHE D 63 5.89 -9.49 -32.10
CA PHE D 63 6.14 -8.25 -31.37
C PHE D 63 6.64 -7.19 -32.34
N SER D 64 6.10 -5.99 -32.25
CA SER D 64 6.58 -4.92 -33.11
C SER D 64 6.31 -3.58 -32.46
N GLY D 65 7.28 -2.68 -32.55
CA GLY D 65 7.20 -1.38 -31.90
C GLY D 65 7.04 -0.27 -32.91
N SER D 66 6.55 0.88 -32.49
CA SER D 66 6.35 1.97 -33.43
C SER D 66 6.26 3.29 -32.69
N ILE D 67 6.26 4.37 -33.47
CA ILE D 67 6.19 5.73 -32.95
C ILE D 67 5.16 6.48 -33.77
N ASP D 68 4.32 7.26 -33.10
CA ASP D 68 3.36 8.13 -33.78
C ASP D 68 3.55 9.52 -33.22
N SER D 69 4.22 10.39 -33.98
CA SER D 69 4.58 11.70 -33.44
C SER D 69 3.33 12.56 -33.22
N SER D 70 2.38 12.53 -34.15
CA SER D 70 1.22 13.41 -34.04
C SER D 70 0.58 13.31 -32.65
N SER D 71 0.33 12.09 -32.19
CA SER D 71 -0.21 11.87 -30.85
C SER D 71 0.88 11.72 -29.80
N ASN D 72 2.14 11.92 -30.17
CA ASN D 72 3.28 11.89 -29.26
C ASN D 72 3.28 10.61 -28.42
N SER D 73 3.53 9.48 -29.08
CA SER D 73 3.56 8.23 -28.34
C SER D 73 4.36 7.17 -29.09
N ALA D 74 4.75 6.15 -28.34
CA ALA D 74 5.26 4.88 -28.86
C ALA D 74 4.22 3.79 -28.60
N SER D 75 4.37 2.67 -29.31
CA SER D 75 3.36 1.62 -29.25
C SER D 75 3.95 0.24 -29.54
N LEU D 76 3.85 -0.66 -28.56
CA LEU D 76 4.14 -2.08 -28.75
C LEU D 76 2.90 -2.79 -29.24
N THR D 77 3.05 -3.64 -30.25
CA THR D 77 1.91 -4.42 -30.75
C THR D 77 2.27 -5.89 -30.79
N ILE D 78 1.44 -6.70 -30.15
CA ILE D 78 1.63 -8.14 -30.07
C ILE D 78 0.53 -8.78 -30.89
N SER D 79 0.91 -9.35 -32.03
CA SER D 79 -0.01 -10.11 -32.86
C SER D 79 0.00 -11.57 -32.43
N GLU D 80 -1.10 -12.26 -32.74
CA GLU D 80 -1.22 -13.70 -32.52
C GLU D 80 -0.92 -14.07 -31.07
N LEU D 81 -1.78 -13.60 -30.18
CA LEU D 81 -1.47 -13.66 -28.75
C LEU D 81 -1.36 -15.09 -28.25
N LYS D 82 -0.30 -15.35 -27.48
CA LYS D 82 -0.13 -16.63 -26.80
C LYS D 82 -0.33 -16.46 -25.29
N PRO D 83 -0.80 -17.50 -24.60
CA PRO D 83 -0.90 -17.39 -23.13
C PRO D 83 0.44 -17.12 -22.47
N GLU D 84 1.54 -17.54 -23.11
CA GLU D 84 2.88 -17.29 -22.61
C GLU D 84 3.20 -15.78 -22.56
N ASP D 85 2.27 -14.94 -23.00
CA ASP D 85 2.55 -13.51 -23.14
C ASP D 85 2.01 -12.66 -22.00
N GLU D 86 1.28 -13.23 -21.03
CA GLU D 86 0.99 -12.45 -19.82
C GLU D 86 2.29 -11.98 -19.17
N ALA D 87 2.38 -10.68 -18.92
CA ALA D 87 3.57 -10.08 -18.35
C ALA D 87 3.26 -8.60 -18.18
N ASP D 88 4.13 -7.90 -17.45
CA ASP D 88 4.14 -6.44 -17.49
C ASP D 88 5.04 -6.01 -18.63
N TYR D 89 4.58 -5.05 -19.42
CA TYR D 89 5.37 -4.48 -20.50
C TYR D 89 5.67 -3.02 -20.15
N TYR D 90 6.96 -2.67 -20.16
CA TYR D 90 7.39 -1.32 -19.84
C TYR D 90 8.03 -0.69 -21.07
N CYS D 91 7.69 0.57 -21.32
CA CYS D 91 8.41 1.37 -22.28
C CYS D 91 9.44 2.21 -21.52
N GLN D 92 10.52 2.57 -22.20
CA GLN D 92 11.61 3.26 -21.53
C GLN D 92 12.31 4.16 -22.52
N SER D 93 12.74 5.32 -22.06
CA SER D 93 13.52 6.21 -22.90
C SER D 93 14.42 7.09 -22.04
N TYR D 94 14.65 8.32 -22.48
CA TYR D 94 15.55 9.22 -21.79
C TYR D 94 15.05 10.65 -22.04
N GLY D 95 15.30 11.53 -21.09
CA GLY D 95 14.94 12.92 -21.27
C GLY D 95 15.24 13.70 -20.02
N ASP D 96 15.61 14.96 -20.14
CA ASP D 96 15.92 15.80 -18.98
C ASP D 96 17.00 15.18 -18.08
N ARG D 97 18.05 14.64 -18.72
CA ARG D 97 19.18 14.02 -18.03
C ARG D 97 18.75 12.89 -17.10
N ASN D 98 17.83 12.03 -17.55
CA ASN D 98 17.30 11.02 -16.65
C ASN D 98 16.71 9.87 -17.46
N VAL D 99 16.84 8.67 -16.91
CA VAL D 99 16.21 7.48 -17.48
C VAL D 99 14.74 7.51 -17.10
N VAL D 100 13.86 7.23 -18.06
CA VAL D 100 12.43 7.40 -17.86
C VAL D 100 11.71 6.11 -18.23
N PHE D 101 10.85 5.64 -17.33
CA PHE D 101 10.10 4.41 -17.53
C PHE D 101 8.60 4.69 -17.58
N GLY D 102 7.91 4.05 -18.50
CA GLY D 102 6.49 3.99 -18.38
C GLY D 102 6.18 3.28 -17.08
N GLY D 103 4.96 3.44 -16.58
CA GLY D 103 4.58 2.73 -15.36
C GLY D 103 4.34 1.25 -15.55
N GLY D 104 4.36 0.76 -16.78
CA GLY D 104 4.09 -0.64 -17.00
C GLY D 104 2.63 -0.98 -17.20
N THR D 105 2.36 -1.75 -18.24
CA THR D 105 1.04 -2.29 -18.50
C THR D 105 1.05 -3.79 -18.25
N LYS D 106 0.10 -4.28 -17.46
CA LYS D 106 -0.01 -5.71 -17.23
C LYS D 106 -0.98 -6.28 -18.26
N LEU D 107 -0.50 -7.18 -19.11
CA LEU D 107 -1.33 -7.81 -20.13
C LEU D 107 -1.83 -9.16 -19.63
N THR D 108 -3.15 -9.33 -19.67
CA THR D 108 -3.80 -10.57 -19.26
C THR D 108 -4.47 -11.17 -20.48
N VAL D 109 -4.06 -12.37 -20.90
CA VAL D 109 -4.67 -13.01 -22.06
C VAL D 109 -5.81 -13.90 -21.58
N LEU D 110 -7.00 -13.66 -22.14
CA LEU D 110 -8.26 -14.19 -21.66
C LEU D 110 -8.56 -15.52 -22.35
N GLY D 111 -9.79 -16.01 -22.17
CA GLY D 111 -10.18 -17.26 -22.79
C GLY D 111 -9.48 -18.46 -22.22
N GLN D 112 -9.03 -18.37 -21.02
CA GLN D 112 -8.35 -19.52 -20.45
C GLN D 112 -9.39 -20.51 -19.92
N PRO D 113 -9.16 -21.81 -20.06
CA PRO D 113 -10.18 -22.80 -19.66
C PRO D 113 -10.40 -22.80 -18.16
N LYS D 114 -11.67 -22.79 -17.74
CA LYS D 114 -11.99 -22.83 -16.32
C LYS D 114 -11.57 -24.16 -15.72
N ALA D 115 -11.28 -24.17 -14.43
CA ALA D 115 -10.70 -25.34 -13.80
C ALA D 115 -10.99 -25.28 -12.32
N ALA D 116 -11.35 -26.44 -11.76
CA ALA D 116 -11.80 -26.57 -10.38
C ALA D 116 -10.61 -26.75 -9.44
N PRO D 117 -10.72 -26.26 -8.22
CA PRO D 117 -9.59 -26.36 -7.29
C PRO D 117 -9.33 -27.80 -6.86
N SER D 118 -8.07 -28.05 -6.49
CA SER D 118 -7.67 -29.27 -5.81
C SER D 118 -7.29 -28.87 -4.39
N VAL D 119 -7.91 -29.51 -3.41
CA VAL D 119 -7.78 -29.13 -2.00
C VAL D 119 -7.20 -30.28 -1.20
N THR D 120 -6.14 -29.99 -0.47
CA THR D 120 -5.52 -30.92 0.46
C THR D 120 -5.51 -30.27 1.83
N LEU D 121 -5.85 -31.04 2.86
CA LEU D 121 -5.92 -30.51 4.22
C LEU D 121 -5.09 -31.39 5.15
N PHE D 122 -4.00 -30.80 5.78
CA PHE D 122 -3.25 -31.57 6.75
C PHE D 122 -3.60 -31.14 8.17
N PRO D 123 -3.54 -32.07 9.12
CA PRO D 123 -3.83 -31.71 10.52
C PRO D 123 -2.57 -31.24 11.24
N PRO D 124 -2.66 -30.85 12.51
CA PRO D 124 -1.45 -30.46 13.23
C PRO D 124 -0.47 -31.61 13.25
N SER D 125 0.79 -31.32 12.91
CA SER D 125 1.81 -32.33 12.99
C SER D 125 1.93 -32.78 14.44
N SER D 126 2.15 -34.07 14.63
CA SER D 126 2.32 -34.57 15.99
C SER D 126 3.51 -33.92 16.69
N GLU D 127 4.41 -33.30 15.92
CA GLU D 127 5.58 -32.65 16.54
C GLU D 127 5.24 -31.23 16.98
N GLU D 128 4.46 -30.52 16.17
CA GLU D 128 3.98 -29.20 16.58
C GLU D 128 3.13 -29.29 17.83
N LEU D 129 2.40 -30.40 18.01
CA LEU D 129 1.63 -30.57 19.23
C LEU D 129 2.55 -30.72 20.44
N GLN D 130 3.62 -31.51 20.30
CA GLN D 130 4.59 -31.63 21.39
C GLN D 130 5.22 -30.29 21.71
N ALA D 131 5.15 -29.33 20.78
CA ALA D 131 5.68 -27.98 20.96
C ALA D 131 4.61 -26.97 21.36
N ASN D 132 3.42 -27.43 21.79
CA ASN D 132 2.32 -26.63 22.33
C ASN D 132 1.64 -25.73 21.31
N LYS D 133 1.83 -25.96 20.01
CA LYS D 133 1.15 -25.22 18.97
C LYS D 133 0.32 -26.19 18.15
N ALA D 134 -0.65 -25.64 17.41
CA ALA D 134 -1.44 -26.46 16.48
C ALA D 134 -1.77 -25.63 15.25
N THR D 135 -1.42 -26.16 14.08
CA THR D 135 -1.74 -25.48 12.82
C THR D 135 -2.36 -26.48 11.85
N LEU D 136 -3.46 -26.09 11.23
CA LEU D 136 -4.05 -26.84 10.12
C LEU D 136 -3.68 -26.12 8.83
N VAL D 137 -3.28 -26.88 7.81
CA VAL D 137 -2.78 -26.29 6.57
C VAL D 137 -3.69 -26.70 5.44
N CYS D 138 -4.38 -25.72 4.84
CA CYS D 138 -5.29 -25.96 3.72
C CYS D 138 -4.68 -25.44 2.43
N LEU D 139 -4.45 -26.34 1.47
CA LEU D 139 -3.77 -26.02 0.22
C LEU D 139 -4.70 -26.24 -0.95
N ILE D 140 -4.81 -25.24 -1.80
CA ILE D 140 -5.77 -25.18 -2.90
C ILE D 140 -4.99 -24.91 -4.18
N SER D 141 -5.13 -25.79 -5.17
CA SER D 141 -4.24 -25.75 -6.32
C SER D 141 -5.00 -25.99 -7.61
N ASP D 142 -4.39 -25.57 -8.72
CA ASP D 142 -4.84 -25.89 -10.08
C ASP D 142 -6.25 -25.37 -10.36
N PHE D 143 -6.57 -24.16 -9.88
CA PHE D 143 -7.85 -23.59 -10.26
C PHE D 143 -7.66 -22.39 -11.17
N TYR D 144 -8.75 -22.04 -11.88
CA TYR D 144 -8.85 -20.83 -12.66
C TYR D 144 -10.33 -20.56 -12.87
N PRO D 145 -10.78 -19.32 -12.73
CA PRO D 145 -10.00 -18.09 -12.46
C PRO D 145 -9.54 -17.95 -11.01
N GLY D 146 -8.91 -16.82 -10.67
CA GLY D 146 -8.24 -16.66 -9.39
C GLY D 146 -9.14 -16.59 -8.17
N ALA D 147 -10.41 -16.25 -8.33
CA ALA D 147 -11.25 -15.95 -7.17
C ALA D 147 -11.63 -17.23 -6.42
N VAL D 148 -11.17 -17.35 -5.17
CA VAL D 148 -11.72 -18.34 -4.26
C VAL D 148 -12.12 -17.68 -2.97
N THR D 149 -12.98 -18.39 -2.28
CA THR D 149 -13.45 -18.10 -0.95
C THR D 149 -13.11 -19.30 -0.09
N VAL D 150 -12.60 -19.07 1.11
CA VAL D 150 -12.17 -20.17 1.96
C VAL D 150 -12.78 -19.96 3.35
N ALA D 151 -13.50 -20.98 3.83
CA ALA D 151 -14.10 -20.96 5.15
C ALA D 151 -13.66 -22.17 5.94
N TRP D 152 -13.36 -21.94 7.21
CA TRP D 152 -13.02 -23.00 8.16
C TRP D 152 -14.20 -23.30 9.07
N LYS D 153 -14.39 -24.59 9.35
CA LYS D 153 -15.42 -25.04 10.28
C LYS D 153 -14.79 -25.81 11.42
N ALA D 154 -15.31 -25.60 12.62
CA ALA D 154 -15.10 -26.49 13.75
C ALA D 154 -16.42 -27.19 14.02
N ASP D 155 -16.42 -28.53 14.02
CA ASP D 155 -17.66 -29.28 13.92
C ASP D 155 -18.42 -28.71 12.74
N SER D 156 -19.64 -28.23 12.94
CA SER D 156 -20.39 -27.60 11.87
C SER D 156 -20.55 -26.10 12.08
N SER D 157 -19.60 -25.47 12.75
CA SER D 157 -19.69 -24.03 12.98
C SER D 157 -18.60 -23.31 12.20
N PRO D 158 -18.85 -22.12 11.67
CA PRO D 158 -17.73 -21.33 11.15
C PRO D 158 -16.71 -21.04 12.25
N VAL D 159 -15.44 -21.02 11.88
CA VAL D 159 -14.35 -20.53 12.74
C VAL D 159 -13.72 -19.37 12.01
N LYS D 160 -13.57 -18.26 12.69
CA LYS D 160 -12.99 -17.12 12.02
C LYS D 160 -11.69 -16.67 12.63
N ALA D 161 -11.56 -16.85 13.95
CA ALA D 161 -10.33 -16.52 14.65
C ALA D 161 -9.19 -17.45 14.28
N GLY D 162 -8.02 -16.87 14.08
CA GLY D 162 -6.82 -17.62 13.83
C GLY D 162 -6.64 -18.09 12.42
N VAL D 163 -7.36 -17.58 11.44
CA VAL D 163 -7.14 -18.00 10.05
C VAL D 163 -6.45 -16.87 9.29
N GLU D 164 -5.45 -17.25 8.49
CA GLU D 164 -4.71 -16.37 7.60
C GLU D 164 -4.64 -17.04 6.23
N THR D 165 -5.07 -16.33 5.19
CA THR D 165 -5.20 -16.89 3.85
C THR D 165 -4.45 -16.04 2.83
N THR D 166 -3.78 -16.68 1.88
CA THR D 166 -3.00 -15.98 0.88
C THR D 166 -3.90 -15.38 -0.19
N THR D 167 -3.41 -14.34 -0.86
CA THR D 167 -4.08 -14.02 -2.10
C THR D 167 -3.64 -15.01 -3.17
N PRO D 168 -4.56 -15.48 -4.01
CA PRO D 168 -4.19 -16.51 -4.98
C PRO D 168 -3.24 -15.97 -6.04
N SER D 169 -2.36 -16.85 -6.52
CA SER D 169 -1.40 -16.41 -7.51
C SER D 169 -1.11 -17.54 -8.50
N LYS D 170 -0.76 -17.15 -9.73
CA LYS D 170 -0.57 -18.11 -10.81
C LYS D 170 0.64 -18.98 -10.50
N GLN D 171 0.44 -20.29 -10.51
CA GLN D 171 1.49 -21.20 -10.10
C GLN D 171 2.26 -21.69 -11.32
N SER D 172 3.10 -22.71 -11.09
CA SER D 172 4.11 -23.14 -12.04
C SER D 172 3.52 -23.48 -13.42
N ASN D 173 2.18 -23.67 -13.52
CA ASN D 173 1.52 -24.18 -14.71
C ASN D 173 0.38 -23.31 -15.24
N ASN D 174 0.38 -22.01 -14.93
CA ASN D 174 -0.59 -21.03 -15.44
C ASN D 174 -1.98 -21.21 -14.83
N LYS D 175 -2.09 -21.91 -13.70
CA LYS D 175 -3.30 -21.94 -12.91
C LYS D 175 -3.00 -21.34 -11.53
N TYR D 176 -4.05 -20.95 -10.82
CA TYR D 176 -3.89 -20.29 -9.54
C TYR D 176 -3.81 -21.31 -8.40
N ALA D 177 -3.09 -20.93 -7.34
CA ALA D 177 -3.00 -21.69 -6.10
C ALA D 177 -3.16 -20.75 -4.93
N ALA D 178 -3.56 -21.30 -3.78
CA ALA D 178 -3.65 -20.52 -2.55
C ALA D 178 -3.51 -21.44 -1.36
N SER D 179 -3.17 -20.86 -0.21
CA SER D 179 -3.09 -21.60 1.04
C SER D 179 -3.87 -20.86 2.12
N SER D 180 -4.31 -21.62 3.11
CA SER D 180 -4.95 -21.05 4.28
C SER D 180 -4.55 -21.86 5.50
N TYR D 181 -4.31 -21.18 6.60
CA TYR D 181 -3.83 -21.81 7.80
C TYR D 181 -4.70 -21.40 8.98
N LEU D 182 -5.05 -22.38 9.81
CA LEU D 182 -5.85 -22.17 11.01
C LEU D 182 -5.00 -22.47 12.24
N SER D 183 -4.88 -21.49 13.14
CA SER D 183 -4.10 -21.66 14.35
C SER D 183 -5.04 -22.00 15.50
N LEU D 184 -4.81 -23.15 16.13
CA LEU D 184 -5.54 -23.56 17.30
C LEU D 184 -4.55 -23.81 18.41
N THR D 185 -5.06 -23.91 19.64
CA THR D 185 -4.30 -24.56 20.69
C THR D 185 -4.52 -26.07 20.62
N PRO D 186 -3.53 -26.84 21.07
CA PRO D 186 -3.74 -28.30 21.21
C PRO D 186 -5.05 -28.66 21.89
N GLU D 187 -5.47 -27.87 22.87
CA GLU D 187 -6.72 -28.14 23.58
C GLU D 187 -7.90 -28.14 22.61
N GLN D 188 -8.07 -27.04 21.86
CA GLN D 188 -9.20 -26.96 20.95
C GLN D 188 -9.16 -28.06 19.90
N TRP D 189 -7.96 -28.43 19.46
CA TRP D 189 -7.85 -29.43 18.39
C TRP D 189 -8.33 -30.79 18.88
N LYS D 190 -7.97 -31.19 20.10
CA LYS D 190 -8.51 -32.41 20.68
C LYS D 190 -9.94 -32.24 21.15
N SER D 191 -10.37 -31.00 21.40
CA SER D 191 -11.66 -30.75 22.04
C SER D 191 -12.83 -31.04 21.11
N HIS D 192 -12.77 -30.55 19.88
CA HIS D 192 -13.88 -30.70 18.96
C HIS D 192 -13.76 -32.01 18.18
N ARG D 193 -14.84 -32.36 17.49
CA ARG D 193 -14.92 -33.66 16.84
C ARG D 193 -14.27 -33.63 15.46
N SER D 194 -14.18 -32.47 14.82
CA SER D 194 -13.50 -32.36 13.53
C SER D 194 -13.40 -30.90 13.14
N TYR D 195 -12.43 -30.61 12.28
CA TYR D 195 -12.32 -29.31 11.63
C TYR D 195 -12.38 -29.53 10.13
N SER D 196 -12.87 -28.50 9.43
CA SER D 196 -13.09 -28.58 8.00
C SER D 196 -12.59 -27.33 7.30
N CYS D 197 -12.05 -27.53 6.12
CA CYS D 197 -11.67 -26.46 5.21
C CYS D 197 -12.66 -26.50 4.06
N GLN D 198 -13.39 -25.42 3.85
CA GLN D 198 -14.44 -25.38 2.85
C GLN D 198 -14.08 -24.33 1.82
N VAL D 199 -13.98 -24.73 0.56
CA VAL D 199 -13.47 -23.90 -0.50
C VAL D 199 -14.56 -23.74 -1.55
N THR D 200 -14.77 -22.52 -2.02
CA THR D 200 -15.78 -22.26 -3.03
C THR D 200 -15.13 -21.57 -4.21
N HIS D 201 -15.41 -22.09 -5.42
CA HIS D 201 -14.81 -21.54 -6.62
C HIS D 201 -15.87 -21.54 -7.70
N GLU D 202 -16.17 -20.36 -8.22
CA GLU D 202 -17.13 -20.23 -9.31
C GLU D 202 -18.48 -20.82 -8.93
N GLY D 203 -18.91 -20.58 -7.71
CA GLY D 203 -20.19 -21.08 -7.28
C GLY D 203 -20.24 -22.53 -6.86
N SER D 204 -19.14 -23.29 -7.00
CA SER D 204 -19.07 -24.68 -6.54
C SER D 204 -18.33 -24.72 -5.22
N THR D 205 -18.74 -25.64 -4.35
CA THR D 205 -18.16 -25.78 -3.00
C THR D 205 -17.53 -27.14 -2.81
N VAL D 206 -16.34 -27.16 -2.24
CA VAL D 206 -15.60 -28.37 -1.92
C VAL D 206 -15.25 -28.30 -0.45
N GLU D 207 -15.35 -29.43 0.26
CA GLU D 207 -14.98 -29.41 1.69
C GLU D 207 -14.17 -30.65 2.04
N LYS D 208 -13.09 -30.45 2.79
CA LYS D 208 -12.30 -31.54 3.34
C LYS D 208 -12.24 -31.39 4.85
N THR D 209 -11.98 -32.50 5.55
CA THR D 209 -12.17 -32.57 6.99
C THR D 209 -11.10 -33.44 7.63
N VAL D 210 -10.53 -32.99 8.74
CA VAL D 210 -9.59 -33.81 9.52
C VAL D 210 -10.04 -33.80 10.99
N ALA D 211 -9.43 -34.69 11.77
CA ALA D 211 -9.87 -34.96 13.14
C ALA D 211 -8.72 -35.62 13.88
N PRO D 212 -8.73 -35.58 15.21
CA PRO D 212 -7.61 -36.15 15.98
C PRO D 212 -7.54 -37.67 15.89
N THR D 213 -6.29 -38.17 15.85
CA THR D 213 -5.95 -39.60 15.80
C THR D 213 -6.54 -40.31 14.59
N GLN E 3 -27.22 39.54 36.12
CA GLN E 3 -26.33 40.61 36.60
C GLN E 3 -25.12 40.85 35.66
N PRO E 4 -24.54 39.79 35.03
CA PRO E 4 -23.62 40.05 33.91
C PRO E 4 -24.36 40.05 32.59
N THR E 5 -23.66 40.26 31.48
CA THR E 5 -24.28 40.13 30.17
C THR E 5 -23.49 39.13 29.33
N GLU E 6 -24.12 38.69 28.26
CA GLU E 6 -23.46 37.88 27.26
C GLU E 6 -23.85 38.46 25.91
N SER E 7 -22.87 38.97 25.17
CA SER E 7 -23.16 39.72 23.96
C SER E 7 -22.59 39.08 22.72
N ILE E 8 -23.42 39.04 21.67
CA ILE E 8 -23.03 38.56 20.37
C ILE E 8 -22.74 39.72 19.40
N VAL E 9 -22.61 40.93 19.91
CA VAL E 9 -22.36 42.06 19.02
C VAL E 9 -21.11 41.85 18.15
N ARG E 10 -20.14 41.06 18.61
CA ARG E 10 -18.88 40.95 17.88
C ARG E 10 -18.65 39.55 17.34
N PHE E 11 -19.66 38.70 17.35
CA PHE E 11 -19.57 37.39 16.73
C PHE E 11 -19.23 37.51 15.24
N PRO E 12 -18.59 36.49 14.67
CA PRO E 12 -18.12 36.56 13.27
C PRO E 12 -19.13 36.05 12.26
N ASN E 13 -18.95 36.48 11.01
CA ASN E 13 -19.70 35.89 9.91
C ASN E 13 -19.34 34.42 9.78
N ILE E 14 -20.35 33.56 9.63
CA ILE E 14 -20.10 32.13 9.78
C ILE E 14 -19.24 31.56 8.68
N THR E 15 -19.11 32.23 7.55
CA THR E 15 -18.27 31.74 6.47
C THR E 15 -16.88 32.31 6.54
N ASN E 16 -16.56 32.98 7.62
CA ASN E 16 -15.30 33.70 7.75
C ASN E 16 -14.39 32.87 8.66
N LEU E 17 -13.69 31.92 8.05
CA LEU E 17 -12.94 30.94 8.82
C LEU E 17 -11.59 31.47 9.27
N CYS E 18 -11.19 31.07 10.48
CA CYS E 18 -9.95 31.53 11.05
C CYS E 18 -8.78 31.18 10.15
N PRO E 19 -7.84 32.08 9.95
CA PRO E 19 -6.77 31.87 8.96
C PRO E 19 -5.64 30.99 9.51
N PHE E 20 -5.98 29.79 9.97
CA PHE E 20 -4.95 28.93 10.54
C PHE E 20 -3.95 28.47 9.47
N HIS E 21 -4.45 28.17 8.27
CA HIS E 21 -3.58 27.67 7.21
C HIS E 21 -2.42 28.61 6.93
N GLU E 22 -2.66 29.92 6.99
CA GLU E 22 -1.60 30.88 6.70
C GLU E 22 -0.50 30.79 7.73
N VAL E 23 -0.84 30.53 8.98
CA VAL E 23 0.19 30.29 9.98
C VAL E 23 0.98 29.03 9.65
N PHE E 24 0.30 27.99 9.18
CA PHE E 24 0.98 26.71 9.13
C PHE E 24 1.85 26.53 7.89
N ASN E 25 1.52 27.18 6.77
CA ASN E 25 2.32 27.03 5.55
C ASN E 25 3.19 28.24 5.27
N ALA E 26 3.51 29.01 6.31
CA ALA E 26 4.47 30.10 6.20
C ALA E 26 5.76 29.61 5.56
N THR E 27 6.32 30.45 4.67
CA THR E 27 7.51 30.01 3.96
C THR E 27 8.68 29.80 4.90
N THR E 28 8.83 30.66 5.91
CA THR E 28 9.83 30.44 6.95
C THR E 28 9.24 30.71 8.34
N PHE E 29 9.70 29.91 9.30
CA PHE E 29 9.31 30.01 10.70
C PHE E 29 10.38 30.73 11.50
N ALA E 30 9.98 31.21 12.67
CA ALA E 30 10.88 31.96 13.54
C ALA E 30 11.86 31.04 14.26
N SER E 31 13.04 31.59 14.56
CA SER E 31 13.90 30.99 15.57
C SER E 31 13.19 31.00 16.92
N VAL E 32 13.44 29.96 17.74
CA VAL E 32 12.64 29.83 18.94
C VAL E 32 12.95 30.94 19.95
N TYR E 33 14.20 31.44 20.00
CA TYR E 33 14.47 32.54 20.92
C TYR E 33 13.65 33.78 20.56
N ALA E 34 13.31 33.95 19.28
CA ALA E 34 12.50 35.08 18.86
C ALA E 34 11.16 34.61 18.32
N TRP E 35 10.53 33.67 19.02
CA TRP E 35 9.24 33.10 18.60
C TRP E 35 8.25 34.18 18.18
N ASN E 36 7.45 33.85 17.17
CA ASN E 36 6.56 34.81 16.55
C ASN E 36 5.11 34.54 16.96
N ARG E 37 4.37 35.61 17.26
CA ARG E 37 2.99 35.50 17.73
C ARG E 37 2.04 36.17 16.73
N LYS E 38 0.89 35.54 16.48
CA LYS E 38 -0.11 36.08 15.56
C LYS E 38 -1.46 36.08 16.25
N ARG E 39 -2.10 37.25 16.32
CA ARG E 39 -3.48 37.35 16.80
C ARG E 39 -4.46 36.83 15.76
N ILE E 40 -5.36 35.96 16.20
CA ILE E 40 -6.46 35.42 15.40
C ILE E 40 -7.78 35.92 16.02
N SER E 41 -8.60 36.63 15.25
CA SER E 41 -9.88 37.04 15.83
C SER E 41 -10.89 37.32 14.74
N ASN E 42 -12.11 37.55 15.18
CA ASN E 42 -13.26 37.71 14.29
C ASN E 42 -13.28 36.64 13.20
N CYS E 43 -13.45 35.40 13.62
CA CYS E 43 -13.47 34.30 12.66
C CYS E 43 -14.01 33.05 13.35
N VAL E 44 -14.35 32.04 12.54
CA VAL E 44 -14.83 30.76 13.05
C VAL E 44 -13.64 29.81 13.11
N ALA E 45 -13.41 29.17 14.26
CA ALA E 45 -12.24 28.32 14.42
C ALA E 45 -12.54 26.89 13.96
N ASP E 46 -12.65 26.75 12.65
CA ASP E 46 -12.89 25.46 12.02
C ASP E 46 -11.55 24.81 11.71
N PHE E 47 -11.20 23.77 12.43
CA PHE E 47 -9.89 23.18 12.24
C PHE E 47 -9.78 22.34 10.97
N SER E 48 -10.86 22.19 10.21
CA SER E 48 -10.74 21.46 8.95
C SER E 48 -9.74 22.14 8.00
N VAL E 49 -9.54 23.45 8.14
CA VAL E 49 -8.62 24.18 7.26
C VAL E 49 -7.16 23.72 7.37
N ILE E 50 -6.79 22.96 8.40
CA ILE E 50 -5.42 22.45 8.44
C ILE E 50 -5.41 20.95 8.72
N TYR E 51 -6.53 20.29 8.44
CA TYR E 51 -6.54 18.86 8.63
C TYR E 51 -5.58 18.21 7.65
N ASN E 52 -4.74 17.34 8.17
CA ASN E 52 -3.79 16.62 7.32
C ASN E 52 -2.96 17.58 6.48
N PHE E 53 -2.73 18.79 6.98
CA PHE E 53 -1.91 19.73 6.23
C PHE E 53 -0.46 19.25 6.11
N ALA E 54 0.00 18.49 7.10
CA ALA E 54 1.33 17.90 7.12
C ALA E 54 1.24 16.64 7.96
N PRO E 55 2.26 15.77 7.88
CA PRO E 55 2.24 14.57 8.74
C PRO E 55 2.50 14.94 10.19
N PHE E 56 1.45 15.35 10.90
CA PHE E 56 1.63 15.92 12.23
C PHE E 56 2.22 14.91 13.19
N PHE E 57 3.05 15.41 14.10
CA PHE E 57 3.77 14.59 15.05
C PHE E 57 3.09 14.54 16.39
N ALA E 58 2.62 15.68 16.89
CA ALA E 58 1.98 15.71 18.20
C ALA E 58 0.89 16.78 18.21
N PHE E 59 -0.23 16.45 18.84
CA PHE E 59 -1.27 17.44 19.12
C PHE E 59 -1.87 17.09 20.47
N LYS E 60 -1.77 18.01 21.41
CA LYS E 60 -2.31 17.81 22.74
C LYS E 60 -2.81 19.17 23.21
N CYS E 61 -3.88 19.17 23.99
CA CYS E 61 -4.39 20.41 24.53
C CYS E 61 -4.28 20.42 26.04
N TYR E 62 -4.30 21.62 26.60
CA TYR E 62 -4.11 21.81 28.04
C TYR E 62 -5.10 22.86 28.52
N GLY E 63 -5.83 22.53 29.59
CA GLY E 63 -6.75 23.49 30.15
C GLY E 63 -8.06 23.65 29.41
N VAL E 64 -8.23 22.99 28.28
CA VAL E 64 -9.52 22.90 27.61
C VAL E 64 -9.57 21.56 26.92
N SER E 65 -10.76 20.98 26.80
CA SER E 65 -10.88 19.66 26.23
C SER E 65 -11.16 19.78 24.73
N PRO E 66 -10.37 19.13 23.88
CA PRO E 66 -10.59 19.29 22.43
C PRO E 66 -11.99 18.90 22.01
N THR E 67 -12.66 18.06 22.80
CA THR E 67 -13.97 17.60 22.42
C THR E 67 -14.99 18.71 22.49
N LYS E 68 -14.81 19.65 23.43
CA LYS E 68 -15.70 20.78 23.62
C LYS E 68 -15.36 21.97 22.74
N LEU E 69 -14.18 21.97 22.10
CA LEU E 69 -13.68 23.16 21.43
C LEU E 69 -14.69 23.71 20.43
N ASN E 70 -15.22 22.85 19.56
CA ASN E 70 -16.09 23.36 18.49
C ASN E 70 -17.35 24.06 19.02
N ASP E 71 -17.68 23.91 20.31
CA ASP E 71 -18.82 24.61 20.88
C ASP E 71 -18.44 25.95 21.49
N LEU E 72 -17.16 26.29 21.50
CA LEU E 72 -16.64 27.32 22.38
C LEU E 72 -16.35 28.62 21.64
N CYS E 73 -16.35 29.71 22.39
CA CYS E 73 -16.10 31.04 21.84
C CYS E 73 -15.03 31.76 22.65
N TRP E 74 -14.34 32.69 21.99
CA TRP E 74 -13.17 33.32 22.58
C TRP E 74 -13.12 34.79 22.18
N THR E 75 -12.45 35.57 23.01
CA THR E 75 -12.19 36.94 22.59
C THR E 75 -11.06 36.97 21.57
N ASN E 76 -10.04 36.12 21.74
CA ASN E 76 -8.90 36.05 20.84
C ASN E 76 -8.30 34.64 20.86
N ILE E 77 -7.59 34.31 19.78
CA ILE E 77 -6.67 33.19 19.77
C ILE E 77 -5.30 33.74 19.43
N TYR E 78 -4.27 33.24 20.11
CA TYR E 78 -2.88 33.60 19.83
C TYR E 78 -2.14 32.39 19.28
N ALA E 79 -1.50 32.57 18.12
CA ALA E 79 -0.74 31.50 17.48
C ALA E 79 0.74 31.86 17.52
N ASP E 80 1.50 31.12 18.33
CA ASP E 80 2.94 31.27 18.39
C ASP E 80 3.58 30.18 17.55
N SER E 81 4.59 30.53 16.76
CA SER E 81 5.22 29.52 15.93
C SER E 81 6.73 29.70 15.88
N PHE E 82 7.45 28.58 15.85
CA PHE E 82 8.90 28.57 15.83
C PHE E 82 9.37 27.18 15.41
N VAL E 83 10.69 27.02 15.33
CA VAL E 83 11.33 25.76 14.96
C VAL E 83 12.21 25.33 16.12
N ILE E 84 12.17 24.05 16.47
CA ILE E 84 13.06 23.50 17.48
C ILE E 84 13.56 22.14 17.04
N ARG E 85 14.46 21.59 17.85
CA ARG E 85 15.03 20.27 17.65
C ARG E 85 14.00 19.19 17.96
N GLY E 86 14.14 18.04 17.31
CA GLY E 86 13.27 16.91 17.61
C GLY E 86 13.09 16.63 19.08
N ASN E 87 14.22 16.38 19.80
CA ASN E 87 14.21 16.03 21.21
C ASN E 87 13.85 17.17 22.11
N GLU E 88 13.40 18.34 21.66
CA GLU E 88 12.98 19.42 22.56
C GLU E 88 11.46 19.63 22.56
N VAL E 89 10.71 18.93 21.69
CA VAL E 89 9.28 19.17 21.55
C VAL E 89 8.55 18.90 22.87
N SER E 90 8.96 17.86 23.59
CA SER E 90 8.34 17.56 24.87
C SER E 90 8.36 18.75 25.83
N GLN E 91 9.19 19.75 25.56
CA GLN E 91 9.31 20.90 26.43
C GLN E 91 8.26 21.95 26.13
N ILE E 92 7.64 21.91 24.96
CA ILE E 92 6.57 22.85 24.64
C ILE E 92 5.29 22.35 25.29
N ALA E 93 5.24 22.36 26.62
CA ALA E 93 4.04 22.01 27.38
C ALA E 93 4.14 22.64 28.76
N PRO E 94 3.05 22.71 29.50
CA PRO E 94 3.13 23.27 30.85
C PRO E 94 4.08 22.48 31.72
N GLY E 95 4.76 23.16 32.63
CA GLY E 95 5.52 22.48 33.67
C GLY E 95 6.76 21.74 33.23
N GLN E 96 7.35 22.11 32.10
CA GLN E 96 8.56 21.46 31.62
C GLN E 96 9.78 22.28 32.03
N THR E 97 10.95 21.63 32.02
CA THR E 97 12.24 22.30 32.14
C THR E 97 13.17 21.80 31.04
N GLY E 98 14.32 22.45 30.92
CA GLY E 98 15.24 22.28 29.82
C GLY E 98 15.55 23.60 29.17
N ASN E 99 16.46 23.55 28.19
CA ASN E 99 16.93 24.80 27.61
C ASN E 99 15.84 25.55 26.84
N ILE E 100 14.88 24.85 26.24
CA ILE E 100 13.87 25.60 25.52
C ILE E 100 12.85 26.19 26.50
N ALA E 101 12.41 25.40 27.49
CA ALA E 101 11.42 25.87 28.44
C ALA E 101 11.97 26.87 29.44
N ASP E 102 13.28 26.89 29.67
CA ASP E 102 13.88 27.83 30.63
C ASP E 102 14.32 29.13 29.96
N TYR E 103 14.87 29.04 28.75
CA TYR E 103 15.56 30.16 28.17
C TYR E 103 14.96 30.65 26.86
N ASN E 104 13.93 30.00 26.32
CA ASN E 104 13.43 30.40 25.01
C ASN E 104 11.92 30.59 24.94
N TYR E 105 11.14 29.62 25.43
CA TYR E 105 9.68 29.67 25.29
C TYR E 105 9.04 28.87 26.42
N LYS E 106 8.34 29.56 27.31
CA LYS E 106 7.85 28.99 28.57
C LYS E 106 6.34 29.10 28.66
N LEU E 107 5.64 27.97 28.55
CA LEU E 107 4.20 27.94 28.74
C LEU E 107 3.85 28.03 30.22
N PRO E 108 2.82 28.78 30.57
CA PRO E 108 2.42 28.92 31.98
C PRO E 108 1.73 27.66 32.49
N ASP E 109 1.65 27.59 33.82
CA ASP E 109 1.05 26.43 34.45
C ASP E 109 -0.46 26.37 34.19
N ASP E 110 -1.13 27.51 34.15
CA ASP E 110 -2.56 27.57 33.88
C ASP E 110 -2.87 27.73 32.40
N PHE E 111 -1.91 27.37 31.54
CA PHE E 111 -2.06 27.47 30.09
C PHE E 111 -3.39 26.91 29.62
N THR E 112 -4.08 27.66 28.77
CA THR E 112 -5.28 27.19 28.10
C THR E 112 -5.05 27.28 26.59
N GLY E 113 -4.78 26.14 25.95
CA GLY E 113 -4.53 26.11 24.52
C GLY E 113 -3.91 24.80 24.11
N CYS E 114 -3.58 24.70 22.82
CA CYS E 114 -3.06 23.46 22.26
C CYS E 114 -1.68 23.69 21.62
N VAL E 115 -0.98 22.58 21.41
CA VAL E 115 0.40 22.57 20.90
C VAL E 115 0.45 21.55 19.78
N ILE E 116 0.72 22.01 18.57
CA ILE E 116 0.84 21.15 17.40
C ILE E 116 2.28 21.20 16.92
N ALA E 117 2.84 20.03 16.60
CA ALA E 117 4.22 19.93 16.12
C ALA E 117 4.30 18.99 14.94
N TRP E 118 5.16 19.32 13.96
CA TRP E 118 5.46 18.37 12.90
C TRP E 118 6.90 18.45 12.44
N ASN E 119 7.39 17.34 11.90
CA ASN E 119 8.76 17.25 11.43
C ASN E 119 8.86 17.94 10.08
N SER E 120 9.85 18.82 9.91
CA SER E 120 9.99 19.51 8.64
C SER E 120 11.39 19.34 8.07
N ASN E 121 11.95 18.14 8.19
CA ASN E 121 13.28 17.89 7.63
C ASN E 121 13.36 18.33 6.18
N LYS E 122 12.44 17.85 5.35
CA LYS E 122 12.53 18.10 3.90
C LYS E 122 12.42 19.59 3.57
N LEU E 123 12.05 20.44 4.52
CA LEU E 123 12.03 21.88 4.27
C LEU E 123 13.18 22.63 4.91
N ASP E 124 13.57 22.29 6.14
CA ASP E 124 14.41 23.16 6.95
C ASP E 124 15.83 22.64 7.14
N SER E 125 16.31 21.71 6.30
CA SER E 125 17.64 21.18 6.50
C SER E 125 18.37 21.00 5.17
N LYS E 126 19.45 21.74 4.98
CA LYS E 126 20.36 21.62 3.87
C LYS E 126 21.42 20.57 4.18
N PRO E 127 21.96 19.87 3.19
CA PRO E 127 23.10 19.00 3.49
C PRO E 127 24.33 19.81 3.83
N SER E 128 24.47 21.01 3.24
CA SER E 128 25.44 21.97 3.72
C SER E 128 25.21 22.27 5.20
N GLY E 129 23.96 22.15 5.66
CA GLY E 129 23.59 22.45 7.02
C GLY E 129 22.96 23.83 7.11
N ASN E 130 21.70 23.89 7.56
CA ASN E 130 21.00 25.16 7.74
C ASN E 130 21.33 25.73 9.11
N TYR E 131 22.17 26.75 9.14
CA TYR E 131 22.52 27.35 10.41
C TYR E 131 21.61 28.52 10.78
N ASN E 132 20.60 28.82 9.96
CA ASN E 132 19.77 30.01 10.19
C ASN E 132 18.91 29.90 11.45
N TYR E 133 18.59 28.70 11.90
CA TYR E 133 17.74 28.49 13.07
C TYR E 133 18.59 28.46 14.33
N LEU E 134 18.26 29.29 15.31
CA LEU E 134 19.04 29.39 16.53
C LEU E 134 18.16 29.22 17.76
N TYR E 135 18.80 28.87 18.88
CA TYR E 135 18.14 28.90 20.19
C TYR E 135 19.11 29.50 21.20
N ARG E 136 18.57 29.92 22.33
CA ARG E 136 19.38 30.55 23.36
C ARG E 136 19.89 29.48 24.32
N LEU E 137 21.22 29.32 24.36
CA LEU E 137 21.86 28.33 25.23
C LEU E 137 22.04 28.81 26.67
N PHE E 138 22.35 30.10 26.88
CA PHE E 138 22.72 30.61 28.20
C PHE E 138 21.87 31.80 28.59
N ARG E 139 21.43 31.80 29.84
CA ARG E 139 20.77 32.95 30.45
C ARG E 139 21.03 32.94 31.94
N LYS E 140 21.07 34.15 32.54
CA LYS E 140 21.25 34.27 33.98
C LYS E 140 20.07 33.68 34.77
N SER E 141 18.89 33.57 34.16
CA SER E 141 17.73 33.10 34.91
C SER E 141 16.68 32.57 33.94
N LYS E 142 15.71 31.84 34.48
CA LYS E 142 14.63 31.28 33.67
C LYS E 142 13.65 32.36 33.24
N LEU E 143 12.99 32.10 32.11
CA LEU E 143 11.98 33.00 31.56
C LEU E 143 10.68 32.94 32.37
N LYS E 144 9.96 34.04 32.39
CA LYS E 144 8.60 34.02 32.90
C LYS E 144 7.68 33.53 31.79
N PRO E 145 6.49 33.03 32.13
CA PRO E 145 5.59 32.49 31.09
C PRO E 145 5.31 33.50 29.99
N PHE E 146 5.47 33.04 28.74
CA PHE E 146 5.22 33.81 27.52
C PHE E 146 6.18 34.99 27.37
N GLU E 147 7.30 34.99 28.08
CA GLU E 147 8.28 36.04 27.94
C GLU E 147 9.15 35.77 26.70
N ARG E 148 9.69 36.84 26.14
CA ARG E 148 10.58 36.76 25.00
C ARG E 148 11.87 37.49 25.31
N ASP E 149 12.99 36.97 24.83
CA ASP E 149 14.32 37.53 25.06
C ASP E 149 15.09 37.49 23.74
N ILE E 150 15.59 38.64 23.31
CA ILE E 150 16.27 38.67 22.02
C ILE E 150 17.59 39.42 22.15
N SER E 151 18.14 39.48 23.36
CA SER E 151 19.42 40.15 23.56
C SER E 151 20.53 39.25 23.07
N THR E 152 21.57 39.85 22.50
CA THR E 152 22.76 39.14 22.06
C THR E 152 23.96 39.57 22.91
N GLU E 153 23.75 39.67 24.22
CA GLU E 153 24.82 40.05 25.14
C GLU E 153 25.68 38.83 25.45
N ILE E 154 27.01 39.03 25.43
CA ILE E 154 27.95 37.93 25.67
C ILE E 154 27.78 37.40 27.09
N TYR E 155 27.68 36.08 27.21
CA TYR E 155 27.41 35.45 28.51
C TYR E 155 28.68 35.24 29.29
N GLN E 156 28.68 35.65 30.55
CA GLN E 156 29.81 35.47 31.44
C GLN E 156 29.57 34.19 32.23
N ALA E 157 30.17 33.09 31.77
CA ALA E 157 30.07 31.83 32.48
C ALA E 157 30.95 31.82 33.72
N GLY E 158 32.19 32.29 33.56
CA GLY E 158 33.17 32.28 34.63
C GLY E 158 33.05 33.46 35.56
N ASN E 159 34.20 33.91 36.05
CA ASN E 159 34.26 34.96 37.05
C ASN E 159 34.75 36.30 36.51
N LYS E 160 35.61 36.30 35.51
CA LYS E 160 36.16 37.55 34.98
C LYS E 160 35.18 38.15 33.98
N PRO E 161 34.83 39.44 34.13
CA PRO E 161 34.01 40.12 33.09
C PRO E 161 34.51 39.88 31.68
N CYS E 162 33.61 39.99 30.70
CA CYS E 162 33.93 39.69 29.31
C CYS E 162 34.18 40.92 28.47
N ASN E 163 33.86 42.11 28.99
CA ASN E 163 33.99 43.38 28.26
C ASN E 163 33.45 43.25 26.84
N GLY E 164 32.27 42.64 26.72
CA GLY E 164 31.60 42.48 25.43
C GLY E 164 32.36 41.69 24.38
N VAL E 165 33.45 41.02 24.74
CA VAL E 165 34.28 40.26 23.81
C VAL E 165 34.18 38.78 24.19
N ALA E 166 33.87 37.93 23.20
CA ALA E 166 33.74 36.50 23.47
C ALA E 166 35.11 35.85 23.67
N GLY E 167 35.10 34.68 24.31
CA GLY E 167 36.31 33.94 24.57
C GLY E 167 36.17 32.96 25.72
N PRO E 168 37.29 32.40 26.19
CA PRO E 168 37.26 31.49 27.36
C PRO E 168 36.36 31.94 28.50
N ASN E 169 35.26 31.19 28.68
CA ASN E 169 34.23 31.41 29.70
C ASN E 169 33.37 32.64 29.38
N CYS E 170 33.29 32.97 28.09
CA CYS E 170 32.56 34.13 27.58
C CYS E 170 31.99 33.73 26.22
N TYR E 171 30.75 33.23 26.22
CA TYR E 171 30.11 32.66 25.04
C TYR E 171 29.09 33.62 24.48
N SER E 172 28.95 33.64 23.16
CA SER E 172 27.73 34.16 22.59
C SER E 172 26.56 33.30 23.06
N PRO E 173 25.41 33.90 23.40
CA PRO E 173 24.33 33.15 24.05
C PRO E 173 23.43 32.39 23.09
N LEU E 174 23.66 32.45 21.79
CA LEU E 174 22.82 31.75 20.83
C LEU E 174 23.60 30.60 20.20
N GLN E 175 22.98 29.42 20.15
CA GLN E 175 23.51 28.26 19.44
C GLN E 175 22.70 28.01 18.18
N SER E 176 23.38 27.62 17.11
CA SER E 176 22.68 27.20 15.90
C SER E 176 22.39 25.70 15.93
N TYR E 177 21.39 25.30 15.16
CA TYR E 177 21.04 23.89 15.06
C TYR E 177 21.81 23.16 13.98
N GLY E 178 22.35 23.89 13.00
CA GLY E 178 23.07 23.24 11.91
C GLY E 178 22.34 22.07 11.31
N PHE E 179 21.03 22.20 11.11
CA PHE E 179 20.17 21.15 10.58
C PHE E 179 20.68 20.59 9.27
N ARG E 180 21.11 19.32 9.28
CA ARG E 180 21.46 18.53 8.11
C ARG E 180 20.52 17.34 8.03
N PRO E 181 20.10 16.93 6.83
CA PRO E 181 19.03 15.92 6.73
C PRO E 181 19.39 14.56 7.32
N THR E 182 20.67 14.28 7.53
CA THR E 182 21.11 12.98 8.00
C THR E 182 21.04 12.81 9.51
N TYR E 183 20.39 13.71 10.26
CA TYR E 183 20.44 13.56 11.70
C TYR E 183 19.40 12.57 12.19
N GLY E 184 19.55 12.14 13.44
CA GLY E 184 18.47 11.49 14.13
C GLY E 184 17.26 12.41 14.30
N VAL E 185 16.08 11.79 14.45
CA VAL E 185 14.86 12.59 14.55
C VAL E 185 14.97 13.55 15.72
N GLY E 186 15.72 13.18 16.75
CA GLY E 186 15.90 14.06 17.89
C GLY E 186 16.63 15.34 17.55
N HIS E 187 17.43 15.34 16.49
CA HIS E 187 18.18 16.53 16.13
C HIS E 187 17.71 17.12 14.81
N GLN E 188 16.59 16.64 14.30
CA GLN E 188 15.94 17.17 13.11
C GLN E 188 15.02 18.33 13.45
N PRO E 189 14.69 19.16 12.46
CA PRO E 189 13.85 20.33 12.72
C PRO E 189 12.37 19.96 12.78
N TYR E 190 11.69 20.46 13.81
CA TYR E 190 10.24 20.34 13.93
C TYR E 190 9.63 21.73 13.97
N ARG E 191 8.64 21.95 13.11
CA ARG E 191 7.84 23.17 13.22
C ARG E 191 6.77 23.01 14.28
N VAL E 192 6.55 24.08 15.04
CA VAL E 192 5.67 24.05 16.20
C VAL E 192 4.74 25.24 16.13
N VAL E 193 3.46 25.02 16.46
CA VAL E 193 2.46 26.08 16.57
C VAL E 193 1.71 25.92 17.88
N VAL E 194 1.71 26.95 18.70
CA VAL E 194 1.02 26.92 19.99
C VAL E 194 -0.17 27.87 19.90
N LEU E 195 -1.37 27.33 20.09
CA LEU E 195 -2.59 28.13 20.05
C LEU E 195 -3.03 28.46 21.47
N SER E 196 -3.23 29.74 21.77
CA SER E 196 -3.76 30.16 23.05
C SER E 196 -5.23 30.56 22.91
N PHE E 197 -6.09 30.05 23.78
CA PHE E 197 -7.50 30.39 23.76
C PHE E 197 -7.81 31.33 24.92
N GLU E 198 -8.20 32.56 24.60
CA GLU E 198 -8.41 33.60 25.62
C GLU E 198 -9.89 33.97 25.66
N LEU E 199 -10.45 34.00 26.87
CA LEU E 199 -11.80 34.49 27.10
C LEU E 199 -11.76 35.52 28.23
N LEU E 200 -11.63 36.79 27.87
CA LEU E 200 -11.80 37.88 28.83
C LEU E 200 -13.28 38.11 29.11
N HIS E 201 -13.59 39.07 29.97
CA HIS E 201 -14.98 39.41 30.26
C HIS E 201 -15.49 40.46 29.27
N ALA E 202 -15.51 40.07 28.00
CA ALA E 202 -15.93 40.97 26.94
C ALA E 202 -16.59 40.11 25.86
N PRO E 203 -17.30 40.74 24.93
CA PRO E 203 -17.92 39.96 23.85
C PRO E 203 -16.88 39.12 23.11
N ALA E 204 -17.25 37.89 22.79
CA ALA E 204 -16.36 37.01 22.06
C ALA E 204 -16.37 37.35 20.58
N THR E 205 -15.26 37.00 19.90
CA THR E 205 -15.12 37.24 18.47
C THR E 205 -14.69 36.00 17.69
N VAL E 206 -14.50 34.87 18.35
CA VAL E 206 -14.16 33.62 17.68
C VAL E 206 -15.08 32.54 18.23
N CYS E 207 -15.67 31.75 17.36
CA CYS E 207 -16.50 30.62 17.79
C CYS E 207 -16.17 29.40 16.95
N GLY E 208 -16.33 28.23 17.55
CA GLY E 208 -16.13 26.98 16.86
C GLY E 208 -17.18 26.76 15.81
N PRO E 209 -16.94 25.82 14.88
CA PRO E 209 -17.86 25.66 13.74
C PRO E 209 -19.26 25.21 14.12
N LYS E 210 -19.51 24.78 15.36
CA LYS E 210 -20.87 24.47 15.77
C LYS E 210 -21.81 25.67 15.66
N LEU E 211 -21.28 26.89 15.67
CA LEU E 211 -22.08 28.07 15.41
C LEU E 211 -22.83 27.94 14.10
N GLU E 212 -22.28 27.16 13.17
CA GLU E 212 -22.78 27.13 11.80
C GLU E 212 -24.16 26.48 11.70
N VAL E 213 -24.58 25.72 12.71
CA VAL E 213 -25.84 24.96 12.55
C VAL E 213 -27.07 25.84 12.72
N LEU E 214 -26.97 26.94 13.47
CA LEU E 214 -28.13 27.78 13.72
C LEU E 214 -28.79 28.26 12.44
N PHE E 215 -28.03 28.31 11.36
CA PHE E 215 -28.49 28.92 10.12
C PHE E 215 -28.97 27.83 9.16
N GLN E 216 -30.07 27.19 9.55
CA GLN E 216 -30.64 26.11 8.75
C GLN E 216 -32.12 25.90 9.07
N GLN F 3 40.00 -11.25 -54.82
CA GLN F 3 39.41 -11.04 -53.50
C GLN F 3 39.70 -9.61 -53.01
N PRO F 4 39.04 -9.19 -51.92
CA PRO F 4 39.42 -7.93 -51.28
C PRO F 4 40.29 -8.15 -50.04
N THR F 5 40.68 -7.09 -49.34
CA THR F 5 41.48 -7.24 -48.13
C THR F 5 40.90 -6.37 -47.02
N GLU F 6 41.06 -6.84 -45.79
CA GLU F 6 40.79 -6.07 -44.60
C GLU F 6 42.14 -5.76 -43.95
N SER F 7 42.51 -4.48 -43.91
CA SER F 7 43.77 -4.07 -43.33
C SER F 7 43.57 -3.33 -42.02
N ILE F 8 44.29 -3.76 -41.00
CA ILE F 8 44.32 -3.08 -39.71
C ILE F 8 45.56 -2.21 -39.55
N VAL F 9 46.33 -2.01 -40.62
CA VAL F 9 47.57 -1.28 -40.53
C VAL F 9 47.40 0.17 -40.07
N ARG F 10 46.18 0.71 -40.06
CA ARG F 10 45.92 2.10 -39.71
C ARG F 10 44.90 2.21 -38.57
N PHE F 11 44.58 1.10 -37.90
CA PHE F 11 43.77 1.10 -36.68
C PHE F 11 44.40 1.99 -35.63
N PRO F 12 43.62 2.54 -34.69
CA PRO F 12 44.16 3.51 -33.74
C PRO F 12 44.63 2.87 -32.44
N ASN F 13 45.45 3.64 -31.71
CA ASN F 13 45.82 3.25 -30.35
C ASN F 13 44.60 3.25 -29.44
N ILE F 14 44.38 2.17 -28.70
CA ILE F 14 43.12 1.97 -28.00
C ILE F 14 42.87 3.01 -26.92
N THR F 15 43.90 3.70 -26.47
CA THR F 15 43.73 4.71 -25.44
C THR F 15 43.48 6.09 -26.02
N ASN F 16 43.40 6.20 -27.32
CA ASN F 16 43.40 7.49 -28.00
C ASN F 16 41.96 7.78 -28.41
N LEU F 17 41.21 8.43 -27.50
CA LEU F 17 39.77 8.57 -27.69
C LEU F 17 39.46 9.73 -28.62
N CYS F 18 38.52 9.51 -29.54
CA CYS F 18 38.15 10.53 -30.51
C CYS F 18 37.78 11.82 -29.79
N PRO F 19 38.18 12.97 -30.29
CA PRO F 19 37.98 14.24 -29.59
C PRO F 19 36.58 14.81 -29.78
N PHE F 20 35.56 14.05 -29.38
CA PHE F 20 34.20 14.57 -29.50
C PHE F 20 33.95 15.69 -28.51
N HIS F 21 34.59 15.66 -27.34
CA HIS F 21 34.29 16.64 -26.31
C HIS F 21 34.53 18.07 -26.81
N GLU F 22 35.70 18.30 -27.40
CA GLU F 22 36.07 19.66 -27.84
C GLU F 22 35.13 20.18 -28.91
N VAL F 23 34.46 19.30 -29.66
CA VAL F 23 33.43 19.75 -30.60
C VAL F 23 32.24 20.33 -29.84
N PHE F 24 31.71 19.58 -28.87
CA PHE F 24 30.50 20.00 -28.17
C PHE F 24 30.78 21.18 -27.24
N ASN F 25 31.99 21.28 -26.76
CA ASN F 25 32.38 22.17 -25.69
C ASN F 25 32.85 23.51 -26.25
N ALA F 26 32.80 23.68 -27.57
CA ALA F 26 33.23 24.91 -28.22
C ALA F 26 32.55 26.12 -27.60
N THR F 27 33.33 27.17 -27.39
CA THR F 27 32.80 28.36 -26.72
C THR F 27 31.73 29.04 -27.57
N THR F 28 31.93 29.11 -28.88
CA THR F 28 30.90 29.57 -29.80
C THR F 28 30.80 28.61 -30.96
N PHE F 29 29.57 28.42 -31.43
CA PHE F 29 29.26 27.56 -32.55
C PHE F 29 29.16 28.39 -33.81
N ALA F 30 29.15 27.72 -34.95
CA ALA F 30 29.01 28.40 -36.22
C ALA F 30 27.57 28.87 -36.44
N SER F 31 27.43 30.03 -37.08
CA SER F 31 26.19 30.33 -37.77
C SER F 31 25.89 29.23 -38.76
N VAL F 32 24.60 28.90 -38.91
CA VAL F 32 24.26 27.66 -39.61
C VAL F 32 24.62 27.74 -41.10
N TYR F 33 24.48 28.91 -41.73
CA TYR F 33 24.85 29.01 -43.13
C TYR F 33 26.32 28.74 -43.35
N ALA F 34 27.16 29.04 -42.35
CA ALA F 34 28.58 28.75 -42.40
C ALA F 34 28.95 27.63 -41.44
N TRP F 35 28.14 26.56 -41.44
CA TRP F 35 28.33 25.44 -40.53
C TRP F 35 29.76 24.93 -40.57
N ASN F 36 30.23 24.43 -39.43
CA ASN F 36 31.61 24.02 -39.26
C ASN F 36 31.78 22.51 -39.37
N ARG F 37 32.89 22.09 -39.98
CA ARG F 37 33.17 20.67 -40.12
C ARG F 37 34.53 20.35 -39.52
N LYS F 38 34.54 19.44 -38.56
CA LYS F 38 35.78 18.92 -38.01
C LYS F 38 35.91 17.48 -38.46
N ARG F 39 37.06 17.16 -39.06
CA ARG F 39 37.34 15.79 -39.45
C ARG F 39 37.91 15.04 -38.26
N ILE F 40 37.47 13.80 -38.08
CA ILE F 40 37.81 13.00 -36.90
C ILE F 40 38.30 11.65 -37.41
N SER F 41 39.59 11.38 -37.21
CA SER F 41 40.20 10.15 -37.69
C SER F 41 41.23 9.69 -36.68
N ASN F 42 41.68 8.45 -36.86
CA ASN F 42 42.77 7.84 -36.10
C ASN F 42 42.52 7.90 -34.59
N CYS F 43 41.39 7.32 -34.17
CA CYS F 43 41.00 7.36 -32.77
C CYS F 43 39.88 6.35 -32.52
N VAL F 44 39.63 6.09 -31.24
CA VAL F 44 38.53 5.26 -30.80
C VAL F 44 37.31 6.14 -30.56
N ALA F 45 36.19 5.79 -31.19
CA ALA F 45 34.97 6.59 -31.06
C ALA F 45 34.16 6.10 -29.86
N ASP F 46 34.67 6.44 -28.68
CA ASP F 46 34.00 6.14 -27.42
C ASP F 46 33.13 7.34 -27.04
N PHE F 47 31.82 7.11 -26.92
CA PHE F 47 30.91 8.22 -26.70
C PHE F 47 30.78 8.63 -25.24
N SER F 48 31.33 7.86 -24.30
CA SER F 48 31.27 8.31 -22.93
C SER F 48 31.89 9.68 -22.73
N VAL F 49 32.80 10.11 -23.61
CA VAL F 49 33.45 11.42 -23.46
C VAL F 49 32.47 12.58 -23.58
N ILE F 50 31.26 12.33 -24.06
CA ILE F 50 30.28 13.41 -24.17
C ILE F 50 28.97 13.00 -23.52
N TYR F 51 28.97 11.92 -22.75
CA TYR F 51 27.72 11.48 -22.14
C TYR F 51 27.30 12.48 -21.07
N ASN F 52 26.05 12.92 -21.13
CA ASN F 52 25.53 13.87 -20.18
C ASN F 52 26.37 15.14 -20.17
N PHE F 53 26.86 15.54 -21.34
CA PHE F 53 27.59 16.81 -21.40
C PHE F 53 26.67 18.01 -21.30
N ALA F 54 25.41 17.85 -21.73
CA ALA F 54 24.42 18.91 -21.73
C ALA F 54 23.04 18.28 -21.67
N PRO F 55 22.01 19.03 -21.24
CA PRO F 55 20.65 18.47 -21.19
C PRO F 55 20.17 18.16 -22.60
N PHE F 56 20.61 17.03 -23.16
CA PHE F 56 20.43 16.79 -24.59
C PHE F 56 18.96 16.73 -24.93
N PHE F 57 18.59 17.42 -26.01
CA PHE F 57 17.20 17.46 -26.43
C PHE F 57 16.85 16.25 -27.32
N ALA F 58 17.73 15.88 -28.25
CA ALA F 58 17.43 14.82 -29.20
C ALA F 58 18.70 14.14 -29.68
N PHE F 59 18.59 12.84 -29.93
CA PHE F 59 19.67 12.06 -30.52
C PHE F 59 19.03 10.92 -31.28
N LYS F 60 19.16 10.93 -32.60
CA LYS F 60 18.69 9.80 -33.39
C LYS F 60 19.60 9.60 -34.57
N CYS F 61 19.68 8.36 -35.03
CA CYS F 61 20.63 7.98 -36.07
C CYS F 61 19.89 7.54 -37.32
N TYR F 62 20.60 7.63 -38.44
CA TYR F 62 20.06 7.29 -39.74
C TYR F 62 21.05 6.38 -40.44
N GLY F 63 20.56 5.26 -40.95
CA GLY F 63 21.42 4.36 -41.71
C GLY F 63 22.44 3.60 -40.89
N VAL F 64 22.42 3.71 -39.57
CA VAL F 64 23.27 2.97 -38.65
C VAL F 64 22.48 2.74 -37.37
N SER F 65 22.70 1.59 -36.75
CA SER F 65 22.04 1.33 -35.48
C SER F 65 23.01 1.59 -34.34
N PRO F 66 22.75 2.58 -33.49
CA PRO F 66 23.58 2.81 -32.30
C PRO F 66 24.04 1.58 -31.56
N THR F 67 23.17 0.56 -31.53
CA THR F 67 23.47 -0.65 -30.80
C THR F 67 24.68 -1.34 -31.39
N LYS F 68 24.86 -1.25 -32.73
CA LYS F 68 25.98 -1.85 -33.42
C LYS F 68 27.24 -0.98 -33.38
N LEU F 69 27.13 0.28 -32.92
CA LEU F 69 28.16 1.26 -33.23
C LEU F 69 29.49 0.97 -32.55
N ASN F 70 29.46 0.58 -31.28
CA ASN F 70 30.72 0.37 -30.58
C ASN F 70 31.55 -0.76 -31.17
N ASP F 71 30.98 -1.53 -32.09
CA ASP F 71 31.69 -2.60 -32.77
C ASP F 71 32.20 -2.20 -34.13
N LEU F 72 31.89 -1.01 -34.61
CA LEU F 72 32.14 -0.69 -36.00
C LEU F 72 33.41 0.15 -36.14
N CYS F 73 33.97 0.13 -37.35
CA CYS F 73 35.11 0.96 -37.70
C CYS F 73 34.79 1.78 -38.94
N TRP F 74 35.57 2.85 -39.13
CA TRP F 74 35.31 3.79 -40.19
C TRP F 74 36.63 4.33 -40.72
N THR F 75 36.59 4.86 -41.93
CA THR F 75 37.74 5.60 -42.42
C THR F 75 37.78 6.97 -41.80
N ASN F 76 36.62 7.59 -41.57
CA ASN F 76 36.54 8.93 -41.01
C ASN F 76 35.19 9.14 -40.34
N ILE F 77 35.18 10.04 -39.38
CA ILE F 77 33.95 10.60 -38.83
C ILE F 77 33.96 12.09 -39.10
N TYR F 78 32.87 12.60 -39.65
CA TYR F 78 32.72 14.03 -39.91
C TYR F 78 31.71 14.63 -38.93
N ALA F 79 32.18 15.56 -38.10
CA ALA F 79 31.35 16.20 -37.08
C ALA F 79 31.05 17.63 -37.51
N ASP F 80 29.79 17.91 -37.80
CA ASP F 80 29.37 19.25 -38.20
C ASP F 80 28.66 19.92 -37.04
N SER F 81 28.98 21.19 -36.81
CA SER F 81 28.40 21.91 -35.67
C SER F 81 27.86 23.25 -36.13
N PHE F 82 26.72 23.66 -35.56
CA PHE F 82 26.10 24.96 -35.85
C PHE F 82 24.95 25.22 -34.87
N VAL F 83 24.30 26.37 -35.01
CA VAL F 83 23.18 26.74 -34.16
C VAL F 83 21.99 27.12 -35.02
N ILE F 84 20.83 26.54 -34.72
CA ILE F 84 19.59 26.93 -35.38
C ILE F 84 18.58 27.32 -34.31
N ARG F 85 17.35 27.61 -34.74
CA ARG F 85 16.30 27.92 -33.78
C ARG F 85 15.51 26.65 -33.48
N GLY F 86 14.97 26.59 -32.27
CA GLY F 86 14.19 25.45 -31.82
C GLY F 86 13.30 24.74 -32.83
N ASN F 87 12.42 25.47 -33.52
CA ASN F 87 11.46 24.81 -34.40
C ASN F 87 12.05 24.41 -35.76
N GLU F 88 13.36 24.57 -35.96
CA GLU F 88 14.04 24.09 -37.17
C GLU F 88 14.82 22.80 -36.92
N VAL F 89 14.98 22.39 -35.66
CA VAL F 89 15.69 21.17 -35.32
C VAL F 89 15.17 19.99 -36.13
N SER F 90 13.86 19.96 -36.36
CA SER F 90 13.30 18.87 -37.15
C SER F 90 13.83 18.85 -38.56
N GLN F 91 14.30 19.98 -39.08
CA GLN F 91 14.81 19.96 -40.46
C GLN F 91 16.17 19.28 -40.58
N ILE F 92 16.86 18.97 -39.48
CA ILE F 92 18.20 18.37 -39.57
C ILE F 92 18.00 16.85 -39.62
N ALA F 93 17.58 16.37 -40.78
CA ALA F 93 17.29 14.96 -41.01
C ALA F 93 17.17 14.75 -42.51
N PRO F 94 17.34 13.51 -42.98
CA PRO F 94 17.14 13.24 -44.41
C PRO F 94 15.72 13.60 -44.83
N GLY F 95 15.56 13.94 -46.11
CA GLY F 95 14.25 14.18 -46.67
C GLY F 95 13.46 15.35 -46.12
N GLN F 96 14.10 16.31 -45.47
CA GLN F 96 13.39 17.48 -44.94
C GLN F 96 13.38 18.63 -45.95
N THR F 97 12.40 19.52 -45.81
CA THR F 97 12.44 20.77 -46.55
C THR F 97 12.18 21.91 -45.58
N GLY F 98 12.38 23.13 -46.07
CA GLY F 98 12.36 24.32 -45.24
C GLY F 98 13.64 25.12 -45.37
N ASN F 99 13.61 26.32 -44.79
CA ASN F 99 14.67 27.30 -45.04
C ASN F 99 16.05 26.74 -44.66
N ILE F 100 16.12 25.93 -43.61
CA ILE F 100 17.42 25.39 -43.24
C ILE F 100 17.84 24.27 -44.20
N ALA F 101 16.91 23.37 -44.52
CA ALA F 101 17.24 22.21 -45.36
C ALA F 101 17.55 22.62 -46.80
N ASP F 102 16.95 23.70 -47.28
CA ASP F 102 17.06 24.06 -48.67
C ASP F 102 18.19 25.03 -48.96
N TYR F 103 18.52 25.90 -48.00
CA TYR F 103 19.45 26.99 -48.25
C TYR F 103 20.58 27.11 -47.23
N ASN F 104 20.69 26.19 -46.27
CA ASN F 104 21.73 26.34 -45.26
C ASN F 104 22.50 25.06 -44.96
N TYR F 105 21.83 24.02 -44.48
CA TYR F 105 22.50 22.76 -44.20
C TYR F 105 21.61 21.61 -44.67
N LYS F 106 22.09 20.81 -45.63
CA LYS F 106 21.28 19.78 -46.23
C LYS F 106 21.91 18.40 -46.07
N LEU F 107 21.17 17.48 -45.40
CA LEU F 107 21.61 16.08 -45.29
C LEU F 107 21.16 15.31 -46.53
N PRO F 108 21.99 14.41 -47.04
CA PRO F 108 21.61 13.59 -48.18
C PRO F 108 20.63 12.49 -47.79
N ASP F 109 19.93 11.99 -48.80
CA ASP F 109 18.96 10.93 -48.55
C ASP F 109 19.64 9.68 -47.99
N ASP F 110 20.80 9.30 -48.52
CA ASP F 110 21.47 8.08 -48.06
C ASP F 110 22.39 8.34 -46.88
N PHE F 111 22.00 9.25 -45.98
CA PHE F 111 22.86 9.67 -44.87
C PHE F 111 23.17 8.51 -43.93
N THR F 112 24.43 8.39 -43.55
CA THR F 112 24.85 7.47 -42.50
C THR F 112 25.43 8.32 -41.38
N GLY F 113 24.70 8.42 -40.28
CA GLY F 113 25.19 9.17 -39.14
C GLY F 113 24.08 9.45 -38.15
N CYS F 114 24.36 10.38 -37.24
CA CYS F 114 23.40 10.77 -36.22
C CYS F 114 23.32 12.27 -36.11
N VAL F 115 22.27 12.73 -35.42
CA VAL F 115 22.04 14.14 -35.15
C VAL F 115 21.81 14.32 -33.67
N ILE F 116 22.50 15.27 -33.06
CA ILE F 116 22.36 15.58 -31.64
C ILE F 116 22.05 17.07 -31.52
N ALA F 117 21.08 17.42 -30.67
CA ALA F 117 20.69 18.82 -30.49
C ALA F 117 20.35 19.09 -29.04
N TRP F 118 20.65 20.31 -28.58
CA TRP F 118 20.34 20.66 -27.19
C TRP F 118 20.11 22.17 -27.06
N ASN F 119 19.22 22.54 -26.12
CA ASN F 119 18.89 23.95 -25.91
C ASN F 119 20.07 24.70 -25.32
N SER F 120 20.36 25.87 -25.89
CA SER F 120 21.52 26.67 -25.49
C SER F 120 21.11 28.10 -25.16
N ASN F 121 19.88 28.28 -24.68
CA ASN F 121 19.37 29.60 -24.34
C ASN F 121 20.33 30.35 -23.44
N LYS F 122 20.88 29.67 -22.44
CA LYS F 122 21.80 30.32 -21.51
C LYS F 122 23.06 30.83 -22.22
N LEU F 123 23.55 30.07 -23.20
CA LEU F 123 24.83 30.43 -23.83
C LEU F 123 24.69 31.43 -24.95
N ASP F 124 23.67 31.31 -25.79
CA ASP F 124 23.64 32.01 -27.06
C ASP F 124 22.61 33.13 -27.12
N SER F 125 21.94 33.44 -26.01
CA SER F 125 20.91 34.46 -25.98
C SER F 125 21.34 35.59 -25.07
N LYS F 126 21.26 36.83 -25.58
CA LYS F 126 21.55 38.05 -24.84
C LYS F 126 20.28 38.90 -24.75
N PRO F 127 20.10 39.68 -23.68
CA PRO F 127 18.79 40.32 -23.45
C PRO F 127 18.36 41.31 -24.51
N SER F 128 19.26 42.18 -24.97
CA SER F 128 18.93 43.05 -26.09
C SER F 128 18.81 42.27 -27.40
N GLY F 129 19.27 41.02 -27.42
CA GLY F 129 19.25 40.21 -28.62
C GLY F 129 20.65 39.89 -29.09
N ASN F 130 20.90 38.63 -29.43
CA ASN F 130 22.19 38.20 -29.94
C ASN F 130 22.09 38.19 -31.46
N TYR F 131 22.70 39.17 -32.09
CA TYR F 131 22.67 39.26 -33.55
C TYR F 131 23.90 38.65 -34.19
N ASN F 132 24.63 37.79 -33.47
CA ASN F 132 25.79 37.13 -34.04
C ASN F 132 25.43 35.86 -34.84
N TYR F 133 24.35 35.17 -34.48
CA TYR F 133 23.97 33.95 -35.17
C TYR F 133 23.06 34.28 -36.35
N LEU F 134 23.41 33.74 -37.52
CA LEU F 134 22.74 34.10 -38.76
C LEU F 134 22.27 32.85 -39.50
N TYR F 135 21.32 33.05 -40.42
CA TYR F 135 20.92 32.07 -41.42
C TYR F 135 20.80 32.77 -42.76
N ARG F 136 20.94 31.99 -43.83
CA ARG F 136 20.73 32.53 -45.18
C ARG F 136 19.26 32.54 -45.54
N LEU F 137 18.80 33.65 -46.13
CA LEU F 137 17.39 33.79 -46.46
C LEU F 137 17.00 33.02 -47.72
N PHE F 138 17.86 32.98 -48.73
CA PHE F 138 17.49 32.27 -49.96
C PHE F 138 18.71 32.12 -50.87
N ARG F 139 18.48 31.42 -51.98
CA ARG F 139 19.44 31.17 -53.04
C ARG F 139 18.67 30.97 -54.33
N LYS F 140 19.33 31.23 -55.46
CA LYS F 140 18.71 30.92 -56.74
C LYS F 140 18.37 29.43 -56.83
N SER F 141 19.23 28.58 -56.27
CA SER F 141 19.05 27.13 -56.30
C SER F 141 19.04 26.58 -54.87
N LYS F 142 18.58 25.34 -54.74
CA LYS F 142 18.56 24.64 -53.46
C LYS F 142 19.90 23.97 -53.20
N LEU F 143 20.25 23.84 -51.93
CA LEU F 143 21.55 23.28 -51.55
C LEU F 143 21.68 21.82 -51.96
N LYS F 144 22.80 21.47 -52.57
CA LYS F 144 23.21 20.08 -52.68
C LYS F 144 23.61 19.57 -51.29
N PRO F 145 23.47 18.27 -51.02
CA PRO F 145 23.79 17.77 -49.68
C PRO F 145 25.23 18.09 -49.32
N PHE F 146 25.40 18.66 -48.13
CA PHE F 146 26.70 19.01 -47.57
C PHE F 146 27.39 20.14 -48.32
N GLU F 147 26.71 20.79 -49.27
CA GLU F 147 27.20 22.02 -49.86
C GLU F 147 27.15 23.13 -48.81
N ARG F 148 27.98 24.18 -49.00
CA ARG F 148 28.04 25.31 -48.07
C ARG F 148 28.17 26.62 -48.82
N ASP F 149 27.24 27.53 -48.60
CA ASP F 149 27.23 28.85 -49.21
C ASP F 149 27.64 29.87 -48.16
N ILE F 150 28.59 30.72 -48.50
CA ILE F 150 29.07 31.69 -47.53
C ILE F 150 29.28 33.02 -48.23
N SER F 151 28.60 33.20 -49.36
CA SER F 151 28.63 34.46 -50.09
C SER F 151 27.75 35.50 -49.41
N THR F 152 28.15 36.75 -49.52
CA THR F 152 27.49 37.91 -48.94
C THR F 152 27.20 38.96 -50.00
N GLU F 153 26.68 38.51 -51.14
CA GLU F 153 26.28 39.42 -52.21
C GLU F 153 25.15 40.34 -51.73
N ILE F 154 25.42 41.64 -51.66
CA ILE F 154 24.42 42.61 -51.25
C ILE F 154 23.60 43.00 -52.47
N TYR F 155 22.28 42.82 -52.38
CA TYR F 155 21.40 43.12 -53.50
C TYR F 155 20.99 44.59 -53.48
N GLN F 156 20.90 45.19 -54.68
CA GLN F 156 20.58 46.61 -54.83
C GLN F 156 19.18 46.79 -55.40
N ALA F 157 18.24 47.18 -54.55
CA ALA F 157 16.86 47.42 -54.94
C ALA F 157 16.62 48.84 -55.42
N GLY F 158 17.46 49.79 -55.01
CA GLY F 158 17.26 51.18 -55.33
C GLY F 158 18.36 51.70 -56.24
N ASN F 159 18.27 53.02 -56.49
CA ASN F 159 19.20 53.66 -57.42
C ASN F 159 20.60 53.76 -56.82
N LYS F 160 20.71 54.04 -55.53
CA LYS F 160 22.02 54.22 -54.93
C LYS F 160 22.74 52.88 -54.86
N PRO F 161 24.03 52.84 -55.20
CA PRO F 161 24.79 51.59 -55.11
C PRO F 161 25.05 51.19 -53.67
N CYS F 162 25.40 49.92 -53.49
CA CYS F 162 25.68 49.40 -52.17
C CYS F 162 27.18 49.32 -51.87
N ASN F 163 28.02 49.47 -52.89
CA ASN F 163 29.43 49.09 -52.81
C ASN F 163 29.52 47.62 -52.38
N GLY F 164 29.26 47.36 -51.10
CA GLY F 164 29.19 46.02 -50.57
C GLY F 164 28.62 46.04 -49.17
N VAL F 165 28.18 47.23 -48.77
CA VAL F 165 27.58 47.44 -47.45
C VAL F 165 26.07 47.30 -47.57
N ALA F 166 25.46 46.57 -46.63
CA ALA F 166 24.00 46.53 -46.57
C ALA F 166 23.45 47.82 -45.95
N GLY F 167 22.16 48.08 -46.20
CA GLY F 167 21.49 49.23 -45.64
C GLY F 167 20.09 49.46 -46.20
N PRO F 168 19.73 50.74 -46.41
CA PRO F 168 18.46 51.04 -47.09
C PRO F 168 18.49 50.57 -48.53
N ASN F 169 17.50 49.78 -48.93
CA ASN F 169 17.37 49.29 -50.31
C ASN F 169 18.59 48.47 -50.75
N CYS F 170 19.38 48.03 -49.78
CA CYS F 170 20.58 47.23 -50.01
C CYS F 170 20.53 46.08 -49.02
N TYR F 171 20.16 44.90 -49.50
CA TYR F 171 19.74 43.79 -48.63
C TYR F 171 20.78 42.70 -48.63
N SER F 172 21.18 42.28 -47.44
CA SER F 172 22.02 41.11 -47.32
C SER F 172 21.20 39.84 -47.59
N PRO F 173 21.83 38.79 -48.11
CA PRO F 173 21.16 37.48 -48.18
C PRO F 173 21.10 36.76 -46.85
N LEU F 174 21.63 37.37 -45.79
CA LEU F 174 21.66 36.79 -44.46
C LEU F 174 20.74 37.59 -43.53
N GLN F 175 20.08 36.88 -42.60
CA GLN F 175 19.28 37.51 -41.56
C GLN F 175 19.63 36.87 -40.22
N SER F 176 19.59 37.67 -39.16
CA SER F 176 20.00 37.16 -37.87
C SER F 176 18.82 36.64 -37.08
N TYR F 177 19.10 35.75 -36.13
CA TYR F 177 18.05 35.22 -35.27
C TYR F 177 17.69 36.15 -34.13
N GLY F 178 18.61 37.04 -33.75
CA GLY F 178 18.36 37.96 -32.65
C GLY F 178 17.99 37.30 -31.33
N PHE F 179 18.66 36.19 -31.00
CA PHE F 179 18.26 35.35 -29.87
C PHE F 179 18.12 36.09 -28.54
N ARG F 180 16.89 36.32 -28.10
CA ARG F 180 16.49 36.89 -26.82
C ARG F 180 16.10 35.77 -25.86
N PRO F 181 16.56 35.80 -24.61
CA PRO F 181 16.19 34.72 -23.66
C PRO F 181 14.70 34.63 -23.36
N THR F 182 13.89 35.65 -23.69
CA THR F 182 12.46 35.57 -23.40
C THR F 182 11.66 35.00 -24.55
N TYR F 183 12.29 34.69 -25.68
CA TYR F 183 11.57 34.03 -26.76
C TYR F 183 11.05 32.69 -26.27
N GLY F 184 10.01 32.19 -26.97
CA GLY F 184 9.59 30.81 -26.76
C GLY F 184 10.62 29.81 -27.22
N VAL F 185 10.53 28.59 -26.68
CA VAL F 185 11.53 27.57 -27.01
C VAL F 185 11.62 27.34 -28.51
N GLY F 186 10.51 27.44 -29.23
CA GLY F 186 10.58 27.30 -30.67
C GLY F 186 11.54 28.28 -31.32
N HIS F 187 11.76 29.43 -30.68
CA HIS F 187 12.60 30.47 -31.24
C HIS F 187 13.86 30.70 -30.41
N GLN F 188 14.14 29.82 -29.45
CA GLN F 188 15.39 29.84 -28.70
C GLN F 188 16.52 29.21 -29.53
N PRO F 189 17.78 29.41 -29.11
CA PRO F 189 18.89 28.79 -29.84
C PRO F 189 19.12 27.34 -29.44
N TYR F 190 19.38 26.50 -30.43
CA TYR F 190 19.83 25.14 -30.19
C TYR F 190 21.16 24.90 -30.85
N ARG F 191 22.12 24.37 -30.10
CA ARG F 191 23.36 23.85 -30.65
C ARG F 191 23.11 22.48 -31.27
N VAL F 192 23.72 22.23 -32.44
CA VAL F 192 23.51 20.97 -33.13
C VAL F 192 24.85 20.41 -33.60
N VAL F 193 25.05 19.11 -33.36
CA VAL F 193 26.21 18.36 -33.86
C VAL F 193 25.71 17.21 -34.73
N VAL F 194 26.23 17.10 -35.94
CA VAL F 194 25.86 16.07 -36.91
C VAL F 194 27.08 15.20 -37.21
N LEU F 195 27.07 13.98 -36.69
CA LEU F 195 28.13 13.02 -36.97
C LEU F 195 27.80 12.26 -38.25
N SER F 196 28.71 12.28 -39.22
CA SER F 196 28.64 11.41 -40.38
C SER F 196 29.69 10.31 -40.28
N PHE F 197 29.28 9.07 -40.56
CA PHE F 197 30.17 7.90 -40.47
C PHE F 197 30.57 7.45 -41.88
N GLU F 198 31.84 7.63 -42.23
CA GLU F 198 32.34 7.31 -43.56
C GLU F 198 33.18 6.04 -43.54
N LEU F 199 32.86 5.10 -44.43
CA LEU F 199 33.69 3.89 -44.64
C LEU F 199 33.99 3.72 -46.13
N LEU F 200 35.12 4.26 -46.58
CA LEU F 200 35.56 4.06 -47.96
C LEU F 200 36.18 2.68 -48.10
N HIS F 201 36.58 2.33 -49.33
CA HIS F 201 37.25 1.06 -49.59
C HIS F 201 38.72 1.14 -49.26
N ALA F 202 39.06 1.55 -48.04
CA ALA F 202 40.44 1.74 -47.62
C ALA F 202 40.60 1.25 -46.18
N PRO F 203 41.81 1.09 -45.68
CA PRO F 203 41.98 0.67 -44.27
C PRO F 203 41.35 1.68 -43.34
N ALA F 204 40.60 1.19 -42.36
CA ALA F 204 39.90 2.06 -41.43
C ALA F 204 40.87 2.69 -40.45
N THR F 205 40.44 3.80 -39.86
CA THR F 205 41.28 4.49 -38.90
C THR F 205 40.56 4.85 -37.61
N VAL F 206 39.26 4.58 -37.50
CA VAL F 206 38.49 4.86 -36.28
C VAL F 206 37.66 3.62 -35.94
N CYS F 207 37.68 3.21 -34.67
CA CYS F 207 36.85 2.08 -34.22
C CYS F 207 36.10 2.39 -32.92
N GLY F 208 35.01 1.66 -32.70
CA GLY F 208 34.25 1.78 -31.48
C GLY F 208 35.02 1.20 -30.31
N PRO F 209 34.57 1.45 -29.08
CA PRO F 209 35.35 1.03 -27.90
C PRO F 209 35.42 -0.47 -27.72
N LYS F 210 34.63 -1.25 -28.45
CA LYS F 210 34.73 -2.68 -28.31
C LYS F 210 36.12 -3.18 -28.68
N LEU F 211 36.89 -2.36 -29.39
CA LEU F 211 38.27 -2.70 -29.73
C LEU F 211 39.10 -2.94 -28.48
N GLU F 212 38.88 -2.16 -27.43
CA GLU F 212 39.73 -2.23 -26.24
C GLU F 212 39.73 -3.62 -25.60
N VAL F 213 38.74 -4.44 -25.91
CA VAL F 213 38.60 -5.74 -25.26
C VAL F 213 39.73 -6.66 -25.68
N LEU F 214 39.96 -6.80 -27.00
CA LEU F 214 40.99 -7.71 -27.50
C LEU F 214 42.29 -7.58 -26.73
N PHE F 215 42.70 -6.35 -26.48
CA PHE F 215 43.99 -6.04 -25.91
C PHE F 215 43.95 -6.23 -24.39
N GLN F 216 43.44 -7.38 -23.96
CA GLN F 216 43.39 -7.74 -22.56
C GLN F 216 43.63 -9.23 -22.40
#